data_4AEY
# 
_entry.id   4AEY 
# 
_audit_conform.dict_name       mmcif_pdbx.dic 
_audit_conform.dict_version    5.383 
_audit_conform.dict_location   http://mmcif.pdb.org/dictionaries/ascii/mmcif_pdbx.dic 
# 
loop_
_database_2.database_id 
_database_2.database_code 
_database_2.pdbx_database_accession 
_database_2.pdbx_DOI 
PDB   4AEY         pdb_00004aey 10.2210/pdb4aey/pdb 
PDBE  EBI-50944    ?            ?                   
WWPDB D_1290050944 ?            ?                   
# 
_pdbx_database_status.status_code                     REL 
_pdbx_database_status.entry_id                        4AEY 
_pdbx_database_status.deposit_site                    PDBE 
_pdbx_database_status.process_site                    PDBE 
_pdbx_database_status.SG_entry                        . 
_pdbx_database_status.recvd_initial_deposition_date   2012-01-13 
_pdbx_database_status.pdb_format_compatible           Y 
_pdbx_database_status.status_code_sf                  REL 
_pdbx_database_status.status_code_mr                  ? 
_pdbx_database_status.status_code_cs                  ? 
_pdbx_database_status.methods_development_category    ? 
_pdbx_database_status.status_code_nmr_data            ? 
# 
loop_
_audit_author.name 
_audit_author.pdbx_ordinal 
'Gabrielsen, M.'  1 
'Beckham, K.S.H.' 2 
'Roe, A.J.'       3 
# 
_citation.id                        primary 
_citation.title                     'Folx from Pseudomonas Aeruginosa is Octameric in Both Crystal and Solution.' 
_citation.journal_abbrev            'FEBS Lett.' 
_citation.journal_volume            586 
_citation.page_first                1160 
_citation.page_last                 ? 
_citation.year                      2012 
_citation.journal_id_ASTM           FEBLAL 
_citation.country                   NE 
_citation.journal_id_ISSN           0014-5793 
_citation.journal_id_CSD            0165 
_citation.book_publisher            ? 
_citation.pdbx_database_id_PubMed   22575651 
_citation.pdbx_database_id_DOI      10.1016/J.FEBSLET.2012.03.031 
# 
loop_
_citation_author.citation_id 
_citation_author.name 
_citation_author.ordinal 
_citation_author.identifier_ORCID 
primary 'Gabrielsen, M.'  1 ? 
primary 'Beckham, K.S.H.' 2 ? 
primary 'Cogdell, R.J.'   3 ? 
primary 'Byron, O.'       4 ? 
primary 'Roe, A.J.'       5 ? 
# 
_cell.entry_id           4AEY 
_cell.length_a           133.980 
_cell.length_b           133.980 
_cell.length_c           133.980 
_cell.angle_alpha        90.00 
_cell.angle_beta         90.00 
_cell.angle_gamma        90.00 
_cell.Z_PDB              48 
_cell.pdbx_unique_axis   ? 
# 
_symmetry.entry_id                         4AEY 
_symmetry.space_group_name_H-M             'I 4 3 2' 
_symmetry.pdbx_full_space_group_name_H-M   ? 
_symmetry.cell_setting                     ? 
_symmetry.Int_Tables_number                211 
# 
loop_
_entity.id 
_entity.type 
_entity.src_method 
_entity.pdbx_description 
_entity.formula_weight 
_entity.pdbx_number_of_molecules 
_entity.pdbx_ec 
_entity.pdbx_mutation 
_entity.pdbx_fragment 
_entity.details 
1 polymer man 'D-ERYTHRO-7,8-DIHYDRONEOPTERIN TRIPHOSPHATE EPIMERASE' 18011.758 1 ? ? ? ? 
2 water   nat water                                                   18.015    8 ? ? ? ? 
# 
_entity_name_com.entity_id   1 
_entity_name_com.name        7,8-DIHYDRONEOPTERIN-TRIPHOSPHATE-EPIMERASE 
# 
_entity_poly.entity_id                      1 
_entity_poly.type                           'polypeptide(L)' 
_entity_poly.nstd_linkage                   no 
_entity_poly.nstd_monomer                   no 
_entity_poly.pdbx_seq_one_letter_code       
;MHHHHHHGKPIPNPLLGLDSTENLYFQGIDPFTMPRLEPGMARIRVKDLRLRTFIGIKEEEILNKQDVLINLTILYPAAD
AVEVNDIEHALNYRTITKAIIRHVEENRFALLERMTQEILDLVMENPAVRYAEVEVDKPHALRFAESVSITLAGHR
;
_entity_poly.pdbx_seq_one_letter_code_can   
;MHHHHHHGKPIPNPLLGLDSTENLYFQGIDPFTMPRLEPGMARIRVKDLRLRTFIGIKEEEILNKQDVLINLTILYPAAD
AVEVNDIEHALNYRTITKAIIRHVEENRFALLERMTQEILDLVMENPAVRYAEVEVDKPHALRFAESVSITLAGHR
;
_entity_poly.pdbx_strand_id                 A 
_entity_poly.pdbx_target_identifier         ? 
# 
loop_
_entity_poly_seq.entity_id 
_entity_poly_seq.num 
_entity_poly_seq.mon_id 
_entity_poly_seq.hetero 
1 1   MET n 
1 2   HIS n 
1 3   HIS n 
1 4   HIS n 
1 5   HIS n 
1 6   HIS n 
1 7   HIS n 
1 8   GLY n 
1 9   LYS n 
1 10  PRO n 
1 11  ILE n 
1 12  PRO n 
1 13  ASN n 
1 14  PRO n 
1 15  LEU n 
1 16  LEU n 
1 17  GLY n 
1 18  LEU n 
1 19  ASP n 
1 20  SER n 
1 21  THR n 
1 22  GLU n 
1 23  ASN n 
1 24  LEU n 
1 25  TYR n 
1 26  PHE n 
1 27  GLN n 
1 28  GLY n 
1 29  ILE n 
1 30  ASP n 
1 31  PRO n 
1 32  PHE n 
1 33  THR n 
1 34  MET n 
1 35  PRO n 
1 36  ARG n 
1 37  LEU n 
1 38  GLU n 
1 39  PRO n 
1 40  GLY n 
1 41  MET n 
1 42  ALA n 
1 43  ARG n 
1 44  ILE n 
1 45  ARG n 
1 46  VAL n 
1 47  LYS n 
1 48  ASP n 
1 49  LEU n 
1 50  ARG n 
1 51  LEU n 
1 52  ARG n 
1 53  THR n 
1 54  PHE n 
1 55  ILE n 
1 56  GLY n 
1 57  ILE n 
1 58  LYS n 
1 59  GLU n 
1 60  GLU n 
1 61  GLU n 
1 62  ILE n 
1 63  LEU n 
1 64  ASN n 
1 65  LYS n 
1 66  GLN n 
1 67  ASP n 
1 68  VAL n 
1 69  LEU n 
1 70  ILE n 
1 71  ASN n 
1 72  LEU n 
1 73  THR n 
1 74  ILE n 
1 75  LEU n 
1 76  TYR n 
1 77  PRO n 
1 78  ALA n 
1 79  ALA n 
1 80  ASP n 
1 81  ALA n 
1 82  VAL n 
1 83  GLU n 
1 84  VAL n 
1 85  ASN n 
1 86  ASP n 
1 87  ILE n 
1 88  GLU n 
1 89  HIS n 
1 90  ALA n 
1 91  LEU n 
1 92  ASN n 
1 93  TYR n 
1 94  ARG n 
1 95  THR n 
1 96  ILE n 
1 97  THR n 
1 98  LYS n 
1 99  ALA n 
1 100 ILE n 
1 101 ILE n 
1 102 ARG n 
1 103 HIS n 
1 104 VAL n 
1 105 GLU n 
1 106 GLU n 
1 107 ASN n 
1 108 ARG n 
1 109 PHE n 
1 110 ALA n 
1 111 LEU n 
1 112 LEU n 
1 113 GLU n 
1 114 ARG n 
1 115 MET n 
1 116 THR n 
1 117 GLN n 
1 118 GLU n 
1 119 ILE n 
1 120 LEU n 
1 121 ASP n 
1 122 LEU n 
1 123 VAL n 
1 124 MET n 
1 125 GLU n 
1 126 ASN n 
1 127 PRO n 
1 128 ALA n 
1 129 VAL n 
1 130 ARG n 
1 131 TYR n 
1 132 ALA n 
1 133 GLU n 
1 134 VAL n 
1 135 GLU n 
1 136 VAL n 
1 137 ASP n 
1 138 LYS n 
1 139 PRO n 
1 140 HIS n 
1 141 ALA n 
1 142 LEU n 
1 143 ARG n 
1 144 PHE n 
1 145 ALA n 
1 146 GLU n 
1 147 SER n 
1 148 VAL n 
1 149 SER n 
1 150 ILE n 
1 151 THR n 
1 152 LEU n 
1 153 ALA n 
1 154 GLY n 
1 155 HIS n 
1 156 ARG n 
# 
_entity_src_gen.entity_id                          1 
_entity_src_gen.pdbx_src_id                        1 
_entity_src_gen.pdbx_alt_source_flag               sample 
_entity_src_gen.pdbx_seq_type                      ? 
_entity_src_gen.pdbx_beg_seq_num                   ? 
_entity_src_gen.pdbx_end_seq_num                   ? 
_entity_src_gen.gene_src_common_name               ? 
_entity_src_gen.gene_src_genus                     ? 
_entity_src_gen.pdbx_gene_src_gene                 ? 
_entity_src_gen.gene_src_species                   ? 
_entity_src_gen.gene_src_strain                    ? 
_entity_src_gen.gene_src_tissue                    ? 
_entity_src_gen.gene_src_tissue_fraction           ? 
_entity_src_gen.gene_src_details                   ? 
_entity_src_gen.pdbx_gene_src_fragment             ? 
_entity_src_gen.pdbx_gene_src_scientific_name      'PSEUDOMONAS AERUGINOSA' 
_entity_src_gen.pdbx_gene_src_ncbi_taxonomy_id     287 
_entity_src_gen.pdbx_gene_src_variant              ? 
_entity_src_gen.pdbx_gene_src_cell_line            ? 
_entity_src_gen.pdbx_gene_src_atcc                 47085D-5 
_entity_src_gen.pdbx_gene_src_organ                ? 
_entity_src_gen.pdbx_gene_src_organelle            ? 
_entity_src_gen.pdbx_gene_src_cell                 ? 
_entity_src_gen.pdbx_gene_src_cellular_location    ? 
_entity_src_gen.host_org_common_name               ? 
_entity_src_gen.pdbx_host_org_scientific_name      'ESCHERICHIA COLI' 
_entity_src_gen.pdbx_host_org_ncbi_taxonomy_id     469008 
_entity_src_gen.host_org_genus                     ? 
_entity_src_gen.pdbx_host_org_gene                 ? 
_entity_src_gen.pdbx_host_org_organ                ? 
_entity_src_gen.host_org_species                   ? 
_entity_src_gen.pdbx_host_org_tissue               ? 
_entity_src_gen.pdbx_host_org_tissue_fraction      ? 
_entity_src_gen.pdbx_host_org_strain               'BL21(DE3)' 
_entity_src_gen.pdbx_host_org_variant              ? 
_entity_src_gen.pdbx_host_org_cell_line            ? 
_entity_src_gen.pdbx_host_org_atcc                 ? 
_entity_src_gen.pdbx_host_org_culture_collection   ? 
_entity_src_gen.pdbx_host_org_cell                 ? 
_entity_src_gen.pdbx_host_org_organelle            ? 
_entity_src_gen.pdbx_host_org_cellular_location    ? 
_entity_src_gen.pdbx_host_org_vector_type          PLASMID 
_entity_src_gen.pdbx_host_org_vector               PET151 
_entity_src_gen.host_org_details                   ? 
_entity_src_gen.expression_system_id               ? 
_entity_src_gen.plasmid_name                       ? 
_entity_src_gen.plasmid_details                    ? 
_entity_src_gen.pdbx_description                   ? 
# 
_struct_ref.id                         1 
_struct_ref.db_name                    UNP 
_struct_ref.db_code                    Q9HYG7_PSEAE 
_struct_ref.entity_id                  1 
_struct_ref.pdbx_seq_one_letter_code   ? 
_struct_ref.pdbx_align_begin           ? 
_struct_ref.pdbx_db_accession          Q9HYG7 
_struct_ref.pdbx_db_isoform            ? 
# 
_struct_ref_seq.align_id                      1 
_struct_ref_seq.ref_id                        1 
_struct_ref_seq.pdbx_PDB_id_code              4AEY 
_struct_ref_seq.pdbx_strand_id                A 
_struct_ref_seq.seq_align_beg                 34 
_struct_ref_seq.pdbx_seq_align_beg_ins_code   ? 
_struct_ref_seq.seq_align_end                 156 
_struct_ref_seq.pdbx_seq_align_end_ins_code   ? 
_struct_ref_seq.pdbx_db_accession             Q9HYG7 
_struct_ref_seq.db_align_beg                  1 
_struct_ref_seq.pdbx_db_align_beg_ins_code    ? 
_struct_ref_seq.db_align_end                  123 
_struct_ref_seq.pdbx_db_align_end_ins_code    ? 
_struct_ref_seq.pdbx_auth_seq_align_beg       1 
_struct_ref_seq.pdbx_auth_seq_align_end       123 
# 
loop_
_struct_ref_seq_dif.align_id 
_struct_ref_seq_dif.pdbx_pdb_id_code 
_struct_ref_seq_dif.mon_id 
_struct_ref_seq_dif.pdbx_pdb_strand_id 
_struct_ref_seq_dif.seq_num 
_struct_ref_seq_dif.pdbx_pdb_ins_code 
_struct_ref_seq_dif.pdbx_seq_db_name 
_struct_ref_seq_dif.pdbx_seq_db_accession_code 
_struct_ref_seq_dif.db_mon_id 
_struct_ref_seq_dif.pdbx_seq_db_seq_num 
_struct_ref_seq_dif.details 
_struct_ref_seq_dif.pdbx_auth_seq_num 
_struct_ref_seq_dif.pdbx_ordinal 
1 4AEY MET A 1  ? UNP Q9HYG7 ? ? 'expression tag' -32 1  
1 4AEY HIS A 2  ? UNP Q9HYG7 ? ? 'expression tag' -31 2  
1 4AEY HIS A 3  ? UNP Q9HYG7 ? ? 'expression tag' -30 3  
1 4AEY HIS A 4  ? UNP Q9HYG7 ? ? 'expression tag' -29 4  
1 4AEY HIS A 5  ? UNP Q9HYG7 ? ? 'expression tag' -28 5  
1 4AEY HIS A 6  ? UNP Q9HYG7 ? ? 'expression tag' -27 6  
1 4AEY HIS A 7  ? UNP Q9HYG7 ? ? 'expression tag' -26 7  
1 4AEY GLY A 8  ? UNP Q9HYG7 ? ? 'expression tag' -25 8  
1 4AEY LYS A 9  ? UNP Q9HYG7 ? ? 'expression tag' -24 9  
1 4AEY PRO A 10 ? UNP Q9HYG7 ? ? 'expression tag' -23 10 
1 4AEY ILE A 11 ? UNP Q9HYG7 ? ? 'expression tag' -22 11 
1 4AEY PRO A 12 ? UNP Q9HYG7 ? ? 'expression tag' -21 12 
1 4AEY ASN A 13 ? UNP Q9HYG7 ? ? 'expression tag' -20 13 
1 4AEY PRO A 14 ? UNP Q9HYG7 ? ? 'expression tag' -19 14 
1 4AEY LEU A 15 ? UNP Q9HYG7 ? ? 'expression tag' -18 15 
1 4AEY LEU A 16 ? UNP Q9HYG7 ? ? 'expression tag' -17 16 
1 4AEY GLY A 17 ? UNP Q9HYG7 ? ? 'expression tag' -16 17 
1 4AEY LEU A 18 ? UNP Q9HYG7 ? ? 'expression tag' -15 18 
1 4AEY ASP A 19 ? UNP Q9HYG7 ? ? 'expression tag' -14 19 
1 4AEY SER A 20 ? UNP Q9HYG7 ? ? 'expression tag' -13 20 
1 4AEY THR A 21 ? UNP Q9HYG7 ? ? 'expression tag' -12 21 
1 4AEY GLU A 22 ? UNP Q9HYG7 ? ? 'expression tag' -11 22 
1 4AEY ASN A 23 ? UNP Q9HYG7 ? ? 'expression tag' -10 23 
1 4AEY LEU A 24 ? UNP Q9HYG7 ? ? 'expression tag' -9  24 
1 4AEY TYR A 25 ? UNP Q9HYG7 ? ? 'expression tag' -8  25 
1 4AEY PHE A 26 ? UNP Q9HYG7 ? ? 'expression tag' -7  26 
1 4AEY GLN A 27 ? UNP Q9HYG7 ? ? 'expression tag' -6  27 
1 4AEY GLY A 28 ? UNP Q9HYG7 ? ? 'expression tag' -5  28 
1 4AEY ILE A 29 ? UNP Q9HYG7 ? ? 'expression tag' -4  29 
1 4AEY ASP A 30 ? UNP Q9HYG7 ? ? 'expression tag' -3  30 
1 4AEY PRO A 31 ? UNP Q9HYG7 ? ? 'expression tag' -2  31 
1 4AEY PHE A 32 ? UNP Q9HYG7 ? ? 'expression tag' -1  32 
1 4AEY THR A 33 ? UNP Q9HYG7 ? ? 'expression tag' 0   33 
# 
loop_
_chem_comp.id 
_chem_comp.type 
_chem_comp.mon_nstd_flag 
_chem_comp.name 
_chem_comp.pdbx_synonyms 
_chem_comp.formula 
_chem_comp.formula_weight 
ALA 'L-peptide linking' y ALANINE         ? 'C3 H7 N O2'     89.093  
ARG 'L-peptide linking' y ARGININE        ? 'C6 H15 N4 O2 1' 175.209 
ASN 'L-peptide linking' y ASPARAGINE      ? 'C4 H8 N2 O3'    132.118 
ASP 'L-peptide linking' y 'ASPARTIC ACID' ? 'C4 H7 N O4'     133.103 
GLN 'L-peptide linking' y GLUTAMINE       ? 'C5 H10 N2 O3'   146.144 
GLU 'L-peptide linking' y 'GLUTAMIC ACID' ? 'C5 H9 N O4'     147.129 
GLY 'peptide linking'   y GLYCINE         ? 'C2 H5 N O2'     75.067  
HIS 'L-peptide linking' y HISTIDINE       ? 'C6 H10 N3 O2 1' 156.162 
HOH non-polymer         . WATER           ? 'H2 O'           18.015  
ILE 'L-peptide linking' y ISOLEUCINE      ? 'C6 H13 N O2'    131.173 
LEU 'L-peptide linking' y LEUCINE         ? 'C6 H13 N O2'    131.173 
LYS 'L-peptide linking' y LYSINE          ? 'C6 H15 N2 O2 1' 147.195 
MET 'L-peptide linking' y METHIONINE      ? 'C5 H11 N O2 S'  149.211 
PHE 'L-peptide linking' y PHENYLALANINE   ? 'C9 H11 N O2'    165.189 
PRO 'L-peptide linking' y PROLINE         ? 'C5 H9 N O2'     115.130 
SER 'L-peptide linking' y SERINE          ? 'C3 H7 N O3'     105.093 
THR 'L-peptide linking' y THREONINE       ? 'C4 H9 N O3'     119.119 
TYR 'L-peptide linking' y TYROSINE        ? 'C9 H11 N O3'    181.189 
VAL 'L-peptide linking' y VALINE          ? 'C5 H11 N O2'    117.146 
# 
_exptl.entry_id          4AEY 
_exptl.method            'X-RAY DIFFRACTION' 
_exptl.crystals_number   1 
# 
_exptl_crystal.id                    1 
_exptl_crystal.density_meas          ? 
_exptl_crystal.density_Matthews      2.78 
_exptl_crystal.density_percent_sol   55.78 
_exptl_crystal.description           NONE 
# 
_exptl_crystal_grow.crystal_id      1 
_exptl_crystal_grow.method          ? 
_exptl_crystal_grow.temp            ? 
_exptl_crystal_grow.temp_details    ? 
_exptl_crystal_grow.pH              ? 
_exptl_crystal_grow.pdbx_pH_range   ? 
_exptl_crystal_grow.pdbx_details    '40 % (V/V) 1,2-PROPANEDIOL, 100 MM HEPES PH 7.5' 
# 
_diffrn.id                     1 
_diffrn.ambient_temp           100 
_diffrn.ambient_temp_details   ? 
_diffrn.crystal_id             1 
# 
_diffrn_detector.diffrn_id              1 
_diffrn_detector.detector               PIXEL 
_diffrn_detector.type                   'DECTRIS PILATUS 6M' 
_diffrn_detector.pdbx_collection_date   2011-02-20 
_diffrn_detector.details                ? 
# 
_diffrn_radiation.diffrn_id                        1 
_diffrn_radiation.wavelength_id                    1 
_diffrn_radiation.pdbx_monochromatic_or_laue_m_l   M 
_diffrn_radiation.monochromator                    ? 
_diffrn_radiation.pdbx_diffrn_protocol             'SINGLE WAVELENGTH' 
_diffrn_radiation.pdbx_scattering_type             x-ray 
# 
_diffrn_radiation_wavelength.id           1 
_diffrn_radiation_wavelength.wavelength   0.97625 
_diffrn_radiation_wavelength.wt           1.0 
# 
_diffrn_source.diffrn_id                   1 
_diffrn_source.source                      SYNCHROTRON 
_diffrn_source.type                        'DIAMOND BEAMLINE I03' 
_diffrn_source.pdbx_synchrotron_site       Diamond 
_diffrn_source.pdbx_synchrotron_beamline   I03 
_diffrn_source.pdbx_wavelength             0.97625 
_diffrn_source.pdbx_wavelength_list        ? 
# 
_reflns.pdbx_diffrn_id               1 
_reflns.pdbx_ordinal                 1 
_reflns.entry_id                     4AEY 
_reflns.observed_criterion_sigma_I   2.5 
_reflns.observed_criterion_sigma_F   ? 
_reflns.d_resolution_low             97.74 
_reflns.d_resolution_high            3.00 
_reflns.number_obs                   4383 
_reflns.number_all                   ? 
_reflns.percent_possible_obs         100.0 
_reflns.pdbx_Rmerge_I_obs            0.05 
_reflns.pdbx_Rsym_value              ? 
_reflns.pdbx_netI_over_sigmaI        34.30 
_reflns.B_iso_Wilson_estimate        123.56 
_reflns.pdbx_redundancy              23.7 
# 
_reflns_shell.pdbx_diffrn_id         1 
_reflns_shell.pdbx_ordinal           1 
_reflns_shell.d_res_high             3.00 
_reflns_shell.d_res_low              3.16 
_reflns_shell.percent_possible_all   100.0 
_reflns_shell.Rmerge_I_obs           1.37 
_reflns_shell.pdbx_Rsym_value        ? 
_reflns_shell.meanI_over_sigI_obs    2.90 
_reflns_shell.pdbx_redundancy        25.1 
# 
_refine.pdbx_refine_id                           'X-RAY DIFFRACTION' 
_refine.entry_id                                 4AEY 
_refine.pdbx_diffrn_id                           1 
_refine.pdbx_TLS_residual_ADP_flag               ? 
_refine.ls_number_reflns_obs                     4382 
_refine.ls_number_reflns_all                     ? 
_refine.pdbx_ls_sigma_I                          ? 
_refine.pdbx_ls_sigma_F                          0.0 
_refine.pdbx_data_cutoff_high_absF               ? 
_refine.pdbx_data_cutoff_low_absF                ? 
_refine.pdbx_data_cutoff_high_rms_absF           ? 
_refine.ls_d_res_low                             66.99 
_refine.ls_d_res_high                            3.00 
_refine.ls_percent_reflns_obs                    100.00 
_refine.ls_R_factor_obs                          0.2843 
_refine.ls_R_factor_all                          ? 
_refine.ls_R_factor_R_work                       0.2830 
_refine.ls_R_factor_R_free                       0.3107 
_refine.ls_R_factor_R_free_error                 ? 
_refine.ls_R_factor_R_free_error_details         ? 
_refine.ls_percent_reflns_R_free                 4.6 
_refine.ls_number_reflns_R_free                  203 
_refine.ls_number_parameters                     ? 
_refine.ls_number_restraints                     ? 
_refine.occupancy_min                            ? 
_refine.occupancy_max                            ? 
_refine.correlation_coeff_Fo_to_Fc               0.9047 
_refine.correlation_coeff_Fo_to_Fc_free          0.8780 
_refine.B_iso_mean                               133.92 
_refine.aniso_B[1][1]                            0.0000 
_refine.aniso_B[2][2]                            0.0000 
_refine.aniso_B[3][3]                            0.0000 
_refine.aniso_B[1][2]                            0.0000 
_refine.aniso_B[1][3]                            0.0000 
_refine.aniso_B[2][3]                            0.0000 
_refine.solvent_model_details                    ? 
_refine.solvent_model_param_ksol                 ? 
_refine.solvent_model_param_bsol                 ? 
_refine.pdbx_solvent_vdw_probe_radii             ? 
_refine.pdbx_solvent_ion_probe_radii             ? 
_refine.pdbx_solvent_shrinkage_radii             ? 
_refine.pdbx_ls_cross_valid_method               THROUGHOUT 
_refine.details                                  
'RESIDUES 1-5 AND 47-54 ARE DISORDERED. IDEAL-DIST CONTACT TERM CONTACT SETUP. ALL ATOMS HAVE CCP4 ATOM 1B9L_MONO_CHAINSAW1.PDB' 
_refine.pdbx_starting_model                      'PDB ENTRY 1B9L' 
_refine.pdbx_method_to_determine_struct          'MOLECULAR REPLACEMENT' 
_refine.pdbx_isotropic_thermal_model             ? 
_refine.pdbx_stereochemistry_target_values       ? 
_refine.pdbx_stereochem_target_val_spec_case     ? 
_refine.pdbx_R_Free_selection_details            RANDOM 
_refine.pdbx_overall_ESU_R                       ? 
_refine.pdbx_overall_ESU_R_Free                  ? 
_refine.overall_SU_ML                            ? 
_refine.pdbx_overall_phase_error                 ? 
_refine.overall_SU_B                             ? 
_refine.overall_SU_R_Cruickshank_DPI             0.640 
_refine.pdbx_overall_SU_R_free_Cruickshank_DPI   0.388 
_refine.pdbx_overall_SU_R_Blow_DPI               0.703 
_refine.pdbx_overall_SU_R_free_Blow_DPI          0.393 
# 
_refine_hist.pdbx_refine_id                   'X-RAY DIFFRACTION' 
_refine_hist.cycle_id                         LAST 
_refine_hist.pdbx_number_atoms_protein        754 
_refine_hist.pdbx_number_atoms_nucleic_acid   0 
_refine_hist.pdbx_number_atoms_ligand         0 
_refine_hist.number_atoms_solvent             8 
_refine_hist.number_atoms_total               762 
_refine_hist.d_res_high                       3.00 
_refine_hist.d_res_low                        66.99 
# 
loop_
_refine_ls_restr.type 
_refine_ls_restr.dev_ideal 
_refine_ls_restr.dev_ideal_target 
_refine_ls_restr.weight 
_refine_ls_restr.number 
_refine_ls_restr.pdbx_refine_id 
_refine_ls_restr.pdbx_restraint_function 
t_bond_d                  0.010 ? 2.00  765  'X-RAY DIFFRACTION' HARMONIC     
t_angle_deg               1.33  ? 2.00  1039 'X-RAY DIFFRACTION' HARMONIC     
t_dihedral_angle_d        ?     ? 2.00  245  'X-RAY DIFFRACTION' SINUSOIDAL   
t_incorr_chiral_ct        ?     ? ?     ?    'X-RAY DIFFRACTION' ?            
t_pseud_angle             ?     ? ?     ?    'X-RAY DIFFRACTION' ?            
t_trig_c_planes           ?     ? 2.00  17   'X-RAY DIFFRACTION' HARMONIC     
t_gen_planes              ?     ? 5.00  116  'X-RAY DIFFRACTION' HARMONIC     
t_it                      ?     ? 20.00 765  'X-RAY DIFFRACTION' HARMONIC     
t_nbd                     ?     ? ?     ?    'X-RAY DIFFRACTION' ?            
t_omega_torsion           2.64  ? ?     ?    'X-RAY DIFFRACTION' ?            
t_other_torsion           21.53 ? ?     ?    'X-RAY DIFFRACTION' ?            
t_improper_torsion        ?     ? ?     ?    'X-RAY DIFFRACTION' ?            
t_chiral_improper_torsion ?     ? 5.00  110  'X-RAY DIFFRACTION' SEMIHARMONIC 
t_sum_occupancies         ?     ? ?     ?    'X-RAY DIFFRACTION' ?            
t_utility_distance        ?     ? ?     ?    'X-RAY DIFFRACTION' ?            
t_utility_angle           ?     ? ?     ?    'X-RAY DIFFRACTION' ?            
t_utility_torsion         ?     ? ?     ?    'X-RAY DIFFRACTION' ?            
t_ideal_dist_contact      ?     ? 4.00  835  'X-RAY DIFFRACTION' SEMIHARMONIC 
# 
_refine_ls_shell.pdbx_refine_id                   'X-RAY DIFFRACTION' 
_refine_ls_shell.pdbx_total_number_of_bins_used   5 
_refine_ls_shell.d_res_high                       3.00 
_refine_ls_shell.d_res_low                        3.35 
_refine_ls_shell.number_reflns_R_work             1148 
_refine_ls_shell.R_factor_R_work                  0.2580 
_refine_ls_shell.percent_reflns_obs               100.00 
_refine_ls_shell.R_factor_R_free                  0.3573 
_refine_ls_shell.R_factor_R_free_error            ? 
_refine_ls_shell.percent_reflns_R_free            4.81 
_refine_ls_shell.number_reflns_R_free             58 
_refine_ls_shell.number_reflns_all                1206 
_refine_ls_shell.R_factor_all                     0.2623 
# 
_struct.entry_id                  4AEY 
_struct.title                     'Crystal structure of FolX from Pseudomonas aeruginosa' 
_struct.pdbx_model_details        ? 
_struct.pdbx_CASP_flag            ? 
_struct.pdbx_model_type_details   ? 
# 
_struct_keywords.entry_id        4AEY 
_struct_keywords.pdbx_keywords   ISOMERASE 
_struct_keywords.text            'ISOMERASE, PTERIDINE BIOSYNTHESIS' 
# 
loop_
_struct_asym.id 
_struct_asym.pdbx_blank_PDB_chainid_flag 
_struct_asym.pdbx_modified 
_struct_asym.entity_id 
_struct_asym.details 
A N N 1 ? 
B N N 2 ? 
# 
_struct_biol.id   1 
# 
loop_
_struct_conf.conf_type_id 
_struct_conf.id 
_struct_conf.pdbx_PDB_helix_id 
_struct_conf.beg_label_comp_id 
_struct_conf.beg_label_asym_id 
_struct_conf.beg_label_seq_id 
_struct_conf.pdbx_beg_PDB_ins_code 
_struct_conf.end_label_comp_id 
_struct_conf.end_label_asym_id 
_struct_conf.end_label_seq_id 
_struct_conf.pdbx_end_PDB_ins_code 
_struct_conf.beg_auth_comp_id 
_struct_conf.beg_auth_asym_id 
_struct_conf.beg_auth_seq_id 
_struct_conf.end_auth_comp_id 
_struct_conf.end_auth_asym_id 
_struct_conf.end_auth_seq_id 
_struct_conf.pdbx_PDB_helix_class 
_struct_conf.details 
_struct_conf.pdbx_PDB_helix_length 
HELX_P HELX_P1 1 LYS A 58  ? ASN A 64  ? LYS A 25 ASN A 31 1 ? 7  
HELX_P HELX_P2 2 LEU A 91  ? GLU A 106 ? LEU A 58 GLU A 73 1 ? 16 
HELX_P HELX_P3 3 LEU A 111 ? ASN A 126 ? LEU A 78 ASN A 93 1 ? 16 
# 
_struct_conf_type.id          HELX_P 
_struct_conf_type.criteria    ? 
_struct_conf_type.reference   ? 
# 
loop_
_struct_mon_prot_cis.pdbx_id 
_struct_mon_prot_cis.label_comp_id 
_struct_mon_prot_cis.label_seq_id 
_struct_mon_prot_cis.label_asym_id 
_struct_mon_prot_cis.label_alt_id 
_struct_mon_prot_cis.pdbx_PDB_ins_code 
_struct_mon_prot_cis.auth_comp_id 
_struct_mon_prot_cis.auth_seq_id 
_struct_mon_prot_cis.auth_asym_id 
_struct_mon_prot_cis.pdbx_label_comp_id_2 
_struct_mon_prot_cis.pdbx_label_seq_id_2 
_struct_mon_prot_cis.pdbx_label_asym_id_2 
_struct_mon_prot_cis.pdbx_PDB_ins_code_2 
_struct_mon_prot_cis.pdbx_auth_comp_id_2 
_struct_mon_prot_cis.pdbx_auth_seq_id_2 
_struct_mon_prot_cis.pdbx_auth_asym_id_2 
_struct_mon_prot_cis.pdbx_PDB_model_num 
_struct_mon_prot_cis.pdbx_omega_angle 
1 PRO 39  A . ? PRO 6  A GLY 40  A ? GLY 7  A 1 0.11  
2 PRO 77  A . ? PRO 44 A ALA 78  A ? ALA 45 A 1 3.63  
3 VAL 129 A . ? VAL 96 A ARG 130 A ? ARG 97 A 1 -6.65 
# 
_struct_sheet.id               AA 
_struct_sheet.type             ? 
_struct_sheet.number_strands   5 
_struct_sheet.details          ? 
# 
loop_
_struct_sheet_order.sheet_id 
_struct_sheet_order.range_id_1 
_struct_sheet_order.range_id_2 
_struct_sheet_order.offset 
_struct_sheet_order.sense 
AA 1 2 ? parallel      
AA 2 3 ? anti-parallel 
AA 3 4 ? anti-parallel 
AA 4 5 ? anti-parallel 
# 
loop_
_struct_sheet_range.sheet_id 
_struct_sheet_range.id 
_struct_sheet_range.beg_label_comp_id 
_struct_sheet_range.beg_label_asym_id 
_struct_sheet_range.beg_label_seq_id 
_struct_sheet_range.pdbx_beg_PDB_ins_code 
_struct_sheet_range.end_label_comp_id 
_struct_sheet_range.end_label_asym_id 
_struct_sheet_range.end_label_seq_id 
_struct_sheet_range.pdbx_end_PDB_ins_code 
_struct_sheet_range.beg_auth_comp_id 
_struct_sheet_range.beg_auth_asym_id 
_struct_sheet_range.beg_auth_seq_id 
_struct_sheet_range.end_auth_comp_id 
_struct_sheet_range.end_auth_asym_id 
_struct_sheet_range.end_auth_seq_id 
AA 1 ARG A 108 ? PHE A 109 ? ARG A 75  PHE A 76  
AA 2 ARG A 43  ? ILE A 55  ? ARG A 10  ILE A 22  
AA 3 GLN A 66  ? LEU A 75  ? GLN A 33  LEU A 42  
AA 4 TYR A 131 ? PRO A 139 ? TYR A 98  PRO A 106 
AA 5 SER A 147 ? GLY A 154 ? SER A 114 GLY A 121 
# 
loop_
_pdbx_struct_sheet_hbond.sheet_id 
_pdbx_struct_sheet_hbond.range_id_1 
_pdbx_struct_sheet_hbond.range_id_2 
_pdbx_struct_sheet_hbond.range_1_label_atom_id 
_pdbx_struct_sheet_hbond.range_1_label_comp_id 
_pdbx_struct_sheet_hbond.range_1_label_asym_id 
_pdbx_struct_sheet_hbond.range_1_label_seq_id 
_pdbx_struct_sheet_hbond.range_1_PDB_ins_code 
_pdbx_struct_sheet_hbond.range_1_auth_atom_id 
_pdbx_struct_sheet_hbond.range_1_auth_comp_id 
_pdbx_struct_sheet_hbond.range_1_auth_asym_id 
_pdbx_struct_sheet_hbond.range_1_auth_seq_id 
_pdbx_struct_sheet_hbond.range_2_label_atom_id 
_pdbx_struct_sheet_hbond.range_2_label_comp_id 
_pdbx_struct_sheet_hbond.range_2_label_asym_id 
_pdbx_struct_sheet_hbond.range_2_label_seq_id 
_pdbx_struct_sheet_hbond.range_2_PDB_ins_code 
_pdbx_struct_sheet_hbond.range_2_auth_atom_id 
_pdbx_struct_sheet_hbond.range_2_auth_comp_id 
_pdbx_struct_sheet_hbond.range_2_auth_asym_id 
_pdbx_struct_sheet_hbond.range_2_auth_seq_id 
AA 1 2 N PHE A 109 ? N PHE A 76  O PHE A 54  ? O PHE A 21  
AA 2 3 N THR A 53  ? N THR A 20  O GLN A 66  ? O GLN A 33  
AA 3 4 N LEU A 75  ? N LEU A 42  O TYR A 131 ? O TYR A 98  
AA 4 5 N LYS A 138 ? N LYS A 105 O VAL A 148 ? O VAL A 115 
# 
_atom_sites.entry_id                    4AEY 
_atom_sites.fract_transf_matrix[1][1]   -0.00251042 
_atom_sites.fract_transf_matrix[1][2]   -0.00680829 
_atom_sites.fract_transf_matrix[1][3]   -0.00174822 
_atom_sites.fract_transf_matrix[2][1]   -0.00517381 
_atom_sites.fract_transf_matrix[2][2]   0.00304635 
_atom_sites.fract_transf_matrix[2][3]   -0.00443426 
_atom_sites.fract_transf_matrix[3][1]   0.00475823 
_atom_sites.fract_transf_matrix[3][2]   -0.00027960 
_atom_sites.fract_transf_matrix[3][3]   -0.00574390 
_atom_sites.fract_transf_vector[1]      0.098106 
_atom_sites.fract_transf_vector[2]      0.098894 
_atom_sites.fract_transf_vector[3]      0.390380 
# 
loop_
_atom_type.symbol 
C 
N 
O 
S 
# 
loop_
_atom_site.group_PDB 
_atom_site.id 
_atom_site.type_symbol 
_atom_site.label_atom_id 
_atom_site.label_alt_id 
_atom_site.label_comp_id 
_atom_site.label_asym_id 
_atom_site.label_entity_id 
_atom_site.label_seq_id 
_atom_site.pdbx_PDB_ins_code 
_atom_site.Cartn_x 
_atom_site.Cartn_y 
_atom_site.Cartn_z 
_atom_site.occupancy 
_atom_site.B_iso_or_equiv 
_atom_site.pdbx_formal_charge 
_atom_site.auth_seq_id 
_atom_site.auth_comp_id 
_atom_site.auth_asym_id 
_atom_site.auth_atom_id 
_atom_site.pdbx_PDB_model_num 
ATOM   1   N N   . PRO A 1 39  ? 2.143   -3.415  22.721  1.00 189.69 ? 6    PRO A N   1 
ATOM   2   C CA  . PRO A 1 39  ? 3.257   -2.593  22.217  1.00 185.83 ? 6    PRO A CA  1 
ATOM   3   C C   . PRO A 1 39  ? 4.594   -2.854  22.941  1.00 188.56 ? 6    PRO A C   1 
ATOM   4   O O   . PRO A 1 39  ? 4.651   -2.672  24.158  1.00 191.86 ? 6    PRO A O   1 
ATOM   5   C CB  . PRO A 1 39  ? 2.746   -1.164  22.411  1.00 188.89 ? 6    PRO A CB  1 
ATOM   6   C CG  . PRO A 1 39  ? 1.273   -1.286  22.278  1.00 195.43 ? 6    PRO A CG  1 
ATOM   7   C CD  . PRO A 1 39  ? 0.862   -2.685  22.668  1.00 193.28 ? 6    PRO A CD  1 
ATOM   8   N N   . GLY A 1 40  ? 5.661   -3.269  22.231  1.00 179.89 ? 7    GLY A N   1 
ATOM   9   C CA  . GLY A 1 40  ? 5.724   -3.516  20.788  1.00 174.86 ? 7    GLY A CA  1 
ATOM   10  C C   . GLY A 1 40  ? 5.097   -4.828  20.349  1.00 176.77 ? 7    GLY A C   1 
ATOM   11  O O   . GLY A 1 40  ? 4.118   -4.821  19.595  1.00 176.02 ? 7    GLY A O   1 
ATOM   12  N N   . MET A 1 41  ? 5.681   -5.970  20.795  1.00 172.64 ? 8    MET A N   1 
ATOM   13  C CA  . MET A 1 41  ? 5.258   -7.371  20.572  1.00 172.80 ? 8    MET A CA  1 
ATOM   14  C C   . MET A 1 41  ? 5.413   -7.947  19.116  1.00 169.80 ? 8    MET A C   1 
ATOM   15  O O   . MET A 1 41  ? 6.543   -7.918  18.632  1.00 166.57 ? 8    MET A O   1 
ATOM   16  C CB  . MET A 1 41  ? 3.942   -7.716  21.308  1.00 179.90 ? 8    MET A CB  1 
ATOM   17  C CG  . MET A 1 41  ? 3.975   -7.429  22.821  1.00 187.58 ? 8    MET A CG  1 
ATOM   18  S SD  . MET A 1 41  ? 5.273   -8.292  23.766  1.00 193.41 ? 8    MET A SD  1 
ATOM   19  C CE  . MET A 1 41  ? 4.848   -7.796  25.435  1.00 195.30 ? 8    MET A CE  1 
ATOM   20  N N   . ALA A 1 42  ? 4.350   -8.475  18.430  1.00 163.46 ? 9    ALA A N   1 
ATOM   21  C CA  . ALA A 1 42  ? 4.516   -9.033  17.062  1.00 158.84 ? 9    ALA A CA  1 
ATOM   22  C C   . ALA A 1 42  ? 4.218   -8.076  15.881  1.00 155.71 ? 9    ALA A C   1 
ATOM   23  O O   . ALA A 1 42  ? 3.055   -7.822  15.537  1.00 156.71 ? 9    ALA A O   1 
ATOM   24  C CB  . ALA A 1 42  ? 3.774   -10.350 16.916  1.00 162.30 ? 9    ALA A CB  1 
ATOM   25  N N   . ARG A 1 43  ? 5.285   -7.560  15.252  1.00 144.73 ? 10   ARG A N   1 
ATOM   26  C CA  . ARG A 1 43  ? 5.158   -6.631  14.144  1.00 139.99 ? 10   ARG A CA  1 
ATOM   27  C C   . ARG A 1 43  ? 5.880   -7.114  12.918  1.00 136.65 ? 10   ARG A C   1 
ATOM   28  O O   . ARG A 1 43  ? 7.090   -7.334  12.961  1.00 134.84 ? 10   ARG A O   1 
ATOM   29  C CB  . ARG A 1 43  ? 5.655   -5.225  14.534  1.00 138.41 ? 10   ARG A CB  1 
ATOM   30  N N   . ILE A 1 44  ? 5.149   -7.257  11.815  1.00 129.15 ? 11   ILE A N   1 
ATOM   31  C CA  . ILE A 1 44  ? 5.770   -7.625  10.554  1.00 124.92 ? 11   ILE A CA  1 
ATOM   32  C C   . ILE A 1 44  ? 5.797   -6.412  9.645   1.00 121.22 ? 11   ILE A C   1 
ATOM   33  O O   . ILE A 1 44  ? 4.803   -5.702  9.563   1.00 121.04 ? 11   ILE A O   1 
ATOM   34  C CB  . ILE A 1 44  ? 5.182   -8.879  9.868   1.00 129.83 ? 11   ILE A CB  1 
ATOM   35  C CG1 . ILE A 1 44  ? 3.729   -8.736  9.436   1.00 132.46 ? 11   ILE A CG1 1 
ATOM   36  C CG2 . ILE A 1 44  ? 5.418   -10.158 10.652  1.00 133.33 ? 11   ILE A CG2 1 
ATOM   37  C CD1 . ILE A 1 44  ? 3.580   -8.720  7.938   1.00 141.90 ? 11   ILE A CD1 1 
ATOM   38  N N   . ARG A 1 45  ? 6.934   -6.143  9.005   1.00 111.41 ? 12   ARG A N   1 
ATOM   39  C CA  . ARG A 1 45  ? 7.055   -4.989  8.119   1.00 107.02 ? 12   ARG A CA  1 
ATOM   40  C C   . ARG A 1 45  ? 7.411   -5.386  6.716   1.00 103.23 ? 12   ARG A C   1 
ATOM   41  O O   . ARG A 1 45  ? 8.304   -6.192  6.504   1.00 100.95 ? 12   ARG A O   1 
ATOM   42  C CB  . ARG A 1 45  ? 8.081   -3.972  8.645   1.00 106.35 ? 12   ARG A CB  1 
ATOM   43  N N   . VAL A 1 46  ? 6.726   -4.806  5.763   1.00 97.11  ? 13   VAL A N   1 
ATOM   44  C CA  . VAL A 1 46  ? 6.981   -5.023  4.348   1.00 95.11  ? 13   VAL A CA  1 
ATOM   45  C C   . VAL A 1 46  ? 7.525   -3.694  3.913   1.00 97.69  ? 13   VAL A C   1 
ATOM   46  O O   . VAL A 1 46  ? 6.804   -2.689  3.922   1.00 98.65  ? 13   VAL A O   1 
ATOM   47  C CB  . VAL A 1 46  ? 5.701   -5.433  3.584   1.00 99.83  ? 13   VAL A CB  1 
ATOM   48  C CG1 . VAL A 1 46  ? 5.971   -5.528  2.093   1.00 98.55  ? 13   VAL A CG1 1 
ATOM   49  C CG2 . VAL A 1 46  ? 5.159   -6.759  4.111   1.00 101.65 ? 13   VAL A CG2 1 
ATOM   50  N N   . LYS A 1 47  ? 8.828   -3.666  3.629   1.00 91.42  ? 14   LYS A N   1 
ATOM   51  C CA  . LYS A 1 47  ? 9.547   -2.426  3.311   1.00 88.88  ? 14   LYS A CA  1 
ATOM   52  C C   . LYS A 1 47  ? 9.731   -2.118  1.832   1.00 91.80  ? 14   LYS A C   1 
ATOM   53  O O   . LYS A 1 47  ? 10.272  -2.918  1.087   1.00 91.96  ? 14   LYS A O   1 
ATOM   54  C CB  . LYS A 1 47  ? 10.904  -2.388  4.029   1.00 89.07  ? 14   LYS A CB  1 
ATOM   55  C CG  . LYS A 1 47  ? 10.834  -2.473  5.561   1.00 86.23  ? 14   LYS A CG  1 
ATOM   56  C CD  . LYS A 1 47  ? 12.179  -2.855  6.154   1.00 90.33  ? 14   LYS A CD  1 
ATOM   57  C CE  . LYS A 1 47  ? 12.115  -3.031  7.650   1.00 108.29 ? 14   LYS A CE  1 
ATOM   58  N NZ  . LYS A 1 47  ? 12.946  -2.042  8.410   1.00 127.34 ? 14   LYS A NZ  1 
ATOM   59  N N   . ASP A 1 48  ? 9.313   -0.942  1.426   1.00 87.91  ? 15   ASP A N   1 
ATOM   60  C CA  . ASP A 1 48  ? 9.462   -0.432  0.073   1.00 88.28  ? 15   ASP A CA  1 
ATOM   61  C C   . ASP A 1 48  ? 9.040   -1.308  -1.060  1.00 94.03  ? 15   ASP A C   1 
ATOM   62  O O   . ASP A 1 48  ? 9.829   -1.517  -1.993  1.00 92.79  ? 15   ASP A O   1 
ATOM   63  C CB  . ASP A 1 48  ? 10.882  0.064   -0.164  1.00 89.86  ? 15   ASP A CB  1 
ATOM   64  C CG  . ASP A 1 48  ? 11.244  1.337   0.570   1.00 99.37  ? 15   ASP A CG  1 
ATOM   65  O OD1 . ASP A 1 48  ? 10.386  1.856   1.337   1.00 98.14  ? 15   ASP A OD1 1 
ATOM   66  O OD2 . ASP A 1 48  ? 12.359  1.859   0.331   1.00 107.15 ? 15   ASP A OD2 1 
ATOM   67  N N   . LEU A 1 49  ? 7.766   -1.748  -1.028  1.00 92.94  ? 16   LEU A N   1 
ATOM   68  C CA  . LEU A 1 49  ? 7.180   -2.557  -2.091  1.00 92.67  ? 16   LEU A CA  1 
ATOM   69  C C   . LEU A 1 49  ? 6.953   -1.597  -3.235  1.00 92.32  ? 16   LEU A C   1 
ATOM   70  O O   . LEU A 1 49  ? 6.171   -0.688  -3.078  1.00 92.06  ? 16   LEU A O   1 
ATOM   71  C CB  . LEU A 1 49  ? 5.872   -3.202  -1.609  1.00 94.29  ? 16   LEU A CB  1 
ATOM   72  C CG  . LEU A 1 49  ? 5.143   -4.088  -2.604  1.00 101.09 ? 16   LEU A CG  1 
ATOM   73  C CD1 . LEU A 1 49  ? 5.975   -5.287  -2.998  1.00 101.92 ? 16   LEU A CD1 1 
ATOM   74  C CD2 . LEU A 1 49  ? 3.805   -4.529  -2.043  1.00 105.02 ? 16   LEU A CD2 1 
ATOM   75  N N   . ARG A 1 50  ? 7.745   -1.699  -4.307  1.00 87.39  ? 17   ARG A N   1 
ATOM   76  C CA  . ARG A 1 50  ? 7.655   -0.809  -5.465  1.00 87.70  ? 17   ARG A CA  1 
ATOM   77  C C   . ARG A 1 50  ? 6.767   -1.394  -6.531  1.00 96.33  ? 17   ARG A C   1 
ATOM   78  O O   . ARG A 1 50  ? 7.087   -2.435  -7.117  1.00 98.24  ? 17   ARG A O   1 
ATOM   79  C CB  . ARG A 1 50  ? 9.027   -0.476  -6.075  1.00 85.06  ? 17   ARG A CB  1 
ATOM   80  C CG  . ARG A 1 50  ? 8.892   0.339   -7.391  1.00 84.37  ? 17   ARG A CG  1 
ATOM   81  C CD  . ARG A 1 50  ? 10.143  0.414   -8.229  1.00 81.31  ? 17   ARG A CD  1 
ATOM   82  N NE  . ARG A 1 50  ? 11.087  1.345   -7.615  1.00 99.15  ? 17   ARG A NE  1 
ATOM   83  C CZ  . ARG A 1 50  ? 11.368  2.558   -8.076  1.00 115.72 ? 17   ARG A CZ  1 
ATOM   84  N NH1 . ARG A 1 50  ? 10.822  2.988   -9.205  1.00 114.68 ? 17   ARG A NH1 1 
ATOM   85  N NH2 . ARG A 1 50  ? 12.233  3.334   -7.434  1.00 88.52  ? 17   ARG A NH2 1 
ATOM   86  N N   . LEU A 1 51  ? 5.656   -0.717  -6.806  1.00 93.57  ? 18   LEU A N   1 
ATOM   87  C CA  . LEU A 1 51  ? 4.699   -1.167  -7.817  1.00 94.70  ? 18   LEU A CA  1 
ATOM   88  C C   . LEU A 1 51  ? 4.437   -0.109  -8.838  1.00 99.32  ? 18   LEU A C   1 
ATOM   89  O O   . LEU A 1 51  ? 4.559   1.068   -8.542  1.00 100.13 ? 18   LEU A O   1 
ATOM   90  C CB  . LEU A 1 51  ? 3.385   -1.570  -7.160  1.00 95.40  ? 18   LEU A CB  1 
ATOM   91  C CG  . LEU A 1 51  ? 3.418   -2.875  -6.397  1.00 99.80  ? 18   LEU A CG  1 
ATOM   92  C CD1 . LEU A 1 51  ? 2.657   -2.762  -5.129  1.00 98.98  ? 18   LEU A CD1 1 
ATOM   93  C CD2 . LEU A 1 51  ? 3.037   -4.033  -7.262  1.00 105.73 ? 18   LEU A CD2 1 
ATOM   94  N N   . ARG A 1 52  ? 4.089   -0.514  -10.047 1.00 96.63  ? 19   ARG A N   1 
ATOM   95  C CA  . ARG A 1 52  ? 3.756   0.424   -11.101 1.00 98.73  ? 19   ARG A CA  1 
ATOM   96  C C   . ARG A 1 52  ? 2.314   0.290   -11.456 1.00 109.73 ? 19   ARG A C   1 
ATOM   97  O O   . ARG A 1 52  ? 1.847   -0.838  -11.601 1.00 112.96 ? 19   ARG A O   1 
ATOM   98  C CB  . ARG A 1 52  ? 4.590   0.201   -12.340 1.00 97.39  ? 19   ARG A CB  1 
ATOM   99  C CG  . ARG A 1 52  ? 5.911   0.835   -12.206 1.00 103.48 ? 19   ARG A CG  1 
ATOM   100 C CD  . ARG A 1 52  ? 6.678   0.753   -13.483 1.00 112.61 ? 19   ARG A CD  1 
ATOM   101 N NE  . ARG A 1 52  ? 8.064   1.086   -13.196 1.00 111.16 ? 19   ARG A NE  1 
ATOM   102 C CZ  . ARG A 1 52  ? 9.049   0.972   -14.065 1.00 124.50 ? 19   ARG A CZ  1 
ATOM   103 N NH1 . ARG A 1 52  ? 8.814   0.527   -15.295 1.00 116.54 ? 19   ARG A NH1 1 
ATOM   104 N NH2 . ARG A 1 52  ? 10.275  1.312   -13.722 1.00 111.93 ? 19   ARG A NH2 1 
ATOM   105 N N   . THR A 1 53  ? 1.585   1.406   -11.566 1.00 107.39 ? 20   THR A N   1 
ATOM   106 C CA  . THR A 1 53  ? 0.160   1.398   -11.887 1.00 108.78 ? 20   THR A CA  1 
ATOM   107 C C   . THR A 1 53  ? -0.142  2.780   -12.388 1.00 112.38 ? 20   THR A C   1 
ATOM   108 O O   . THR A 1 53  ? 0.745   3.635   -12.381 1.00 112.96 ? 20   THR A O   1 
ATOM   109 C CB  . THR A 1 53  ? -0.689  1.144   -10.592 1.00 117.29 ? 20   THR A CB  1 
ATOM   110 O OG1 . THR A 1 53  ? -0.266  -0.003  -9.888  1.00 118.09 ? 20   THR A OG1 1 
ATOM   111 C CG2 . THR A 1 53  ? -2.132  0.955   -10.886 1.00 121.34 ? 20   THR A CG2 1 
ATOM   112 N N   . PHE A 1 54  ? -1.404  3.030   -12.743 1.00 107.16 ? 21   PHE A N   1 
ATOM   113 C CA  . PHE A 1 54  ? -1.903  4.331   -13.137 1.00 104.47 ? 21   PHE A CA  1 
ATOM   114 C C   . PHE A 1 54  ? -2.370  5.071   -11.874 1.00 110.50 ? 21   PHE A C   1 
ATOM   115 O O   . PHE A 1 54  ? -3.189  4.540   -11.100 1.00 109.13 ? 21   PHE A O   1 
ATOM   116 C CB  . PHE A 1 54  ? -3.041  4.189   -14.169 1.00 105.98 ? 21   PHE A CB  1 
ATOM   117 C CG  . PHE A 1 54  ? -2.653  3.376   -15.386 1.00 105.12 ? 21   PHE A CG  1 
ATOM   118 C CD1 . PHE A 1 54  ? -1.979  3.966   -16.457 1.00 105.26 ? 21   PHE A CD1 1 
ATOM   119 C CD2 . PHE A 1 54  ? -2.929  2.013   -15.452 1.00 105.20 ? 21   PHE A CD2 1 
ATOM   120 C CE1 . PHE A 1 54  ? -1.575  3.201   -17.567 1.00 107.41 ? 21   PHE A CE1 1 
ATOM   121 C CE2 . PHE A 1 54  ? -2.541  1.255   -16.572 1.00 106.24 ? 21   PHE A CE2 1 
ATOM   122 C CZ  . PHE A 1 54  ? -1.872  1.857   -17.624 1.00 105.15 ? 21   PHE A CZ  1 
ATOM   123 N N   . ILE A 1 55  ? -1.811  6.270   -11.636 1.00 110.86 ? 22   ILE A N   1 
ATOM   124 C CA  . ILE A 1 55  ? -2.213  7.114   -10.514 1.00 113.02 ? 22   ILE A CA  1 
ATOM   125 C C   . ILE A 1 55  ? -2.361  8.550   -11.006 1.00 125.10 ? 22   ILE A C   1 
ATOM   126 O O   . ILE A 1 55  ? -1.389  9.140   -11.481 1.00 125.58 ? 22   ILE A O   1 
ATOM   127 C CB  . ILE A 1 55  ? -1.291  6.962   -9.269  1.00 114.30 ? 22   ILE A CB  1 
ATOM   128 C CG1 . ILE A 1 55  ? -1.882  7.593   -7.994  1.00 114.78 ? 22   ILE A CG1 1 
ATOM   129 C CG2 . ILE A 1 55  ? 0.205   7.284   -9.512  1.00 113.95 ? 22   ILE A CG2 1 
ATOM   130 C CD1 . ILE A 1 55  ? -2.990  6.740   -7.314  1.00 119.22 ? 22   ILE A CD1 1 
ATOM   131 N N   . GLY A 1 56  ? -3.579  9.085   -10.935 1.00 126.19 ? 23   GLY A N   1 
ATOM   132 C CA  . GLY A 1 56  ? -3.850  10.453  -11.358 1.00 128.15 ? 23   GLY A CA  1 
ATOM   133 C C   . GLY A 1 56  ? -4.919  10.504  -12.410 1.00 135.97 ? 23   GLY A C   1 
ATOM   134 O O   . GLY A 1 56  ? -5.409  9.455   -12.832 1.00 137.88 ? 23   GLY A O   1 
ATOM   135 N N   . ILE A 1 57  ? -5.313  11.719  -12.817 1.00 132.92 ? 24   ILE A N   1 
ATOM   136 C CA  . ILE A 1 57  ? -6.355  11.920  -13.830 1.00 133.49 ? 24   ILE A CA  1 
ATOM   137 C C   . ILE A 1 57  ? -5.794  12.595  -15.065 1.00 135.73 ? 24   ILE A C   1 
ATOM   138 O O   . ILE A 1 57  ? -6.317  12.367  -16.151 1.00 137.29 ? 24   ILE A O   1 
ATOM   139 C CB  . ILE A 1 57  ? -7.572  12.670  -13.254 1.00 137.64 ? 24   ILE A CB  1 
ATOM   140 N N   . LYS A 1 58  ? -4.677  13.343  -14.908 1.00 129.09 ? 25   LYS A N   1 
ATOM   141 C CA  . LYS A 1 58  ? -3.950  14.067  -15.961 1.00 129.41 ? 25   LYS A CA  1 
ATOM   142 C C   . LYS A 1 58  ? -3.661  13.163  -17.164 1.00 133.52 ? 25   LYS A C   1 
ATOM   143 O O   . LYS A 1 58  ? -3.359  11.993  -16.978 1.00 132.06 ? 25   LYS A O   1 
ATOM   144 C CB  . LYS A 1 58  ? -2.638  14.642  -15.415 1.00 129.77 ? 25   LYS A CB  1 
ATOM   145 C CG  . LYS A 1 58  ? -2.810  15.442  -14.142 1.00 139.82 ? 25   LYS A CG  1 
ATOM   146 C CD  . LYS A 1 58  ? -1.598  16.291  -13.826 1.00 152.09 ? 25   LYS A CD  1 
ATOM   147 C CE  . LYS A 1 58  ? -1.769  17.074  -12.537 1.00 169.15 ? 25   LYS A CE  1 
ATOM   148 N NZ  . LYS A 1 58  ? -2.751  18.202  -12.648 1.00 183.01 ? 25   LYS A NZ  1 
ATOM   149 N N   . GLU A 1 59  ? -3.795  13.685  -18.391 1.00 132.46 ? 26   GLU A N   1 
ATOM   150 C CA  . GLU A 1 59  ? -3.588  12.921  -19.635 1.00 132.92 ? 26   GLU A CA  1 
ATOM   151 C C   . GLU A 1 59  ? -2.392  11.967  -19.552 1.00 133.31 ? 26   GLU A C   1 
ATOM   152 O O   . GLU A 1 59  ? -2.543  10.771  -19.826 1.00 133.16 ? 26   GLU A O   1 
ATOM   153 C CB  . GLU A 1 59  ? -3.475  13.855  -20.854 1.00 137.34 ? 26   GLU A CB  1 
ATOM   154 N N   . GLU A 1 60  ? -1.233  12.484  -19.097 1.00 126.43 ? 27   GLU A N   1 
ATOM   155 C CA  . GLU A 1 60  ? -0.013  11.680  -18.934 1.00 123.46 ? 27   GLU A CA  1 
ATOM   156 C C   . GLU A 1 60  ? -0.159  10.603  -17.874 1.00 120.90 ? 27   GLU A C   1 
ATOM   157 O O   . GLU A 1 60  ? 0.297   9.496   -18.100 1.00 120.37 ? 27   GLU A O   1 
ATOM   158 C CB  . GLU A 1 60  ? 1.209   12.552  -18.623 1.00 124.65 ? 27   GLU A CB  1 
ATOM   159 N N   . GLU A 1 61  ? -0.787  10.918  -16.730 1.00 113.62 ? 28   GLU A N   1 
ATOM   160 C CA  . GLU A 1 61  ? -1.013  9.986   -15.639 1.00 111.10 ? 28   GLU A CA  1 
ATOM   161 C C   . GLU A 1 61  ? -1.920  8.824   -16.033 1.00 118.30 ? 28   GLU A C   1 
ATOM   162 O O   . GLU A 1 61  ? -1.748  7.729   -15.529 1.00 118.26 ? 28   GLU A O   1 
ATOM   163 N N   . ILE A 1 62  ? -2.867  9.051   -16.939 1.00 119.58 ? 29   ILE A N   1 
ATOM   164 C CA  . ILE A 1 62  ? -3.831  8.037   -17.420 1.00 121.75 ? 29   ILE A CA  1 
ATOM   165 C C   . ILE A 1 62  ? -3.288  7.180   -18.595 1.00 128.95 ? 29   ILE A C   1 
ATOM   166 O O   . ILE A 1 62  ? -3.725  6.030   -18.803 1.00 127.95 ? 29   ILE A O   1 
ATOM   167 C CB  . ILE A 1 62  ? -5.209  8.685   -17.764 1.00 126.62 ? 29   ILE A CB  1 
ATOM   168 N N   . LEU A 1 63  ? -2.352  7.764   -19.369 1.00 127.81 ? 30   LEU A N   1 
ATOM   169 C CA  . LEU A 1 63  ? -1.733  7.095   -20.505 1.00 129.28 ? 30   LEU A CA  1 
ATOM   170 C C   . LEU A 1 63  ? -0.526  6.277   -20.086 1.00 132.18 ? 30   LEU A C   1 
ATOM   171 O O   . LEU A 1 63  ? -0.197  5.303   -20.762 1.00 134.70 ? 30   LEU A O   1 
ATOM   172 C CB  . LEU A 1 63  ? -1.318  8.117   -21.575 1.00 131.76 ? 30   LEU A CB  1 
ATOM   173 C CG  . LEU A 1 63  ? -2.484  8.720   -22.409 1.00 140.07 ? 30   LEU A CG  1 
ATOM   174 C CD1 . LEU A 1 63  ? -2.081  10.019  -23.098 1.00 141.64 ? 30   LEU A CD1 1 
ATOM   175 C CD2 . LEU A 1 63  ? -3.039  7.737   -23.421 1.00 145.71 ? 30   LEU A CD2 1 
ATOM   176 N N   . ASN A 1 64  ? 0.151   6.674   -18.991 1.00 123.86 ? 31   ASN A N   1 
ATOM   177 C CA  . ASN A 1 64  ? 1.369   6.009   -18.548 1.00 120.51 ? 31   ASN A CA  1 
ATOM   178 C C   . ASN A 1 64  ? 1.377   5.617   -17.084 1.00 121.41 ? 31   ASN A C   1 
ATOM   179 O O   . ASN A 1 64  ? 1.015   6.414   -16.218 1.00 120.20 ? 31   ASN A O   1 
ATOM   180 C CB  . ASN A 1 64  ? 2.590   6.882   -18.843 1.00 117.60 ? 31   ASN A CB  1 
ATOM   181 C CG  . ASN A 1 64  ? 2.729   7.379   -20.264 1.00 144.19 ? 31   ASN A CG  1 
ATOM   182 O OD1 . ASN A 1 64  ? 2.525   6.660   -21.258 1.00 140.39 ? 31   ASN A OD1 1 
ATOM   183 N ND2 . ASN A 1 64  ? 3.152   8.622   -20.391 1.00 139.43 ? 31   ASN A ND2 1 
ATOM   184 N N   . LYS A 1 65  ? 1.883   4.408   -16.805 1.00 115.19 ? 32   LYS A N   1 
ATOM   185 C CA  . LYS A 1 65  ? 1.989   3.907   -15.450 1.00 111.86 ? 32   LYS A CA  1 
ATOM   186 C C   . LYS A 1 65  ? 3.117   4.688   -14.760 1.00 113.97 ? 32   LYS A C   1 
ATOM   187 O O   . LYS A 1 65  ? 3.984   5.275   -15.431 1.00 113.03 ? 32   LYS A O   1 
ATOM   188 C CB  . LYS A 1 65  ? 2.324   2.405   -15.439 1.00 113.74 ? 32   LYS A CB  1 
ATOM   189 C CG  . LYS A 1 65  ? 1.470   1.553   -16.336 1.00 113.31 ? 32   LYS A CG  1 
ATOM   190 C CD  . LYS A 1 65  ? 1.879   0.106   -16.262 1.00 121.56 ? 32   LYS A CD  1 
ATOM   191 C CE  . LYS A 1 65  ? 0.679   -0.807  -16.358 1.00 130.94 ? 32   LYS A CE  1 
ATOM   192 N NZ  . LYS A 1 65  ? 0.182   -1.251  -15.026 1.00 134.71 ? 32   LYS A NZ  1 
ATOM   193 N N   . GLN A 1 66  ? 3.079   4.721   -13.430 1.00 108.86 ? 33   GLN A N   1 
ATOM   194 C CA  . GLN A 1 66  ? 4.068   5.419   -12.639 1.00 108.54 ? 33   GLN A CA  1 
ATOM   195 C C   . GLN A 1 66  ? 4.557   4.531   -11.513 1.00 113.44 ? 33   GLN A C   1 
ATOM   196 O O   . GLN A 1 66  ? 3.889   3.553   -11.185 1.00 115.10 ? 33   GLN A O   1 
ATOM   197 C CB  . GLN A 1 66  ? 3.438   6.670   -12.016 1.00 110.28 ? 33   GLN A CB  1 
ATOM   198 C CG  . GLN A 1 66  ? 3.199   7.828   -12.966 1.00 135.91 ? 33   GLN A CG  1 
ATOM   199 C CD  . GLN A 1 66  ? 2.071   8.662   -12.440 1.00 156.34 ? 33   GLN A CD  1 
ATOM   200 O OE1 . GLN A 1 66  ? 2.252   9.457   -11.505 1.00 154.94 ? 33   GLN A OE1 1 
ATOM   201 N NE2 . GLN A 1 66  ? 0.870   8.429   -12.968 1.00 140.13 ? 33   GLN A NE2 1 
ATOM   202 N N   . ASP A 1 67  ? 5.666   4.909   -10.860 1.00 106.84 ? 34   ASP A N   1 
ATOM   203 C CA  . ASP A 1 67  ? 6.115   4.159   -9.701  1.00 104.89 ? 34   ASP A CA  1 
ATOM   204 C C   . ASP A 1 67  ? 5.483   4.751   -8.439  1.00 105.89 ? 34   ASP A C   1 
ATOM   205 O O   . ASP A 1 67  ? 5.363   5.982   -8.299  1.00 106.52 ? 34   ASP A O   1 
ATOM   206 C CB  . ASP A 1 67  ? 7.646   4.163   -9.576  1.00 106.92 ? 34   ASP A CB  1 
ATOM   207 C CG  . ASP A 1 67  ? 8.353   3.384   -10.652 1.00 120.54 ? 34   ASP A CG  1 
ATOM   208 O OD1 . ASP A 1 67  ? 8.141   2.175   -10.729 1.00 120.50 ? 34   ASP A OD1 1 
ATOM   209 O OD2 . ASP A 1 67  ? 9.220   3.964   -11.333 1.00 128.59 ? 34   ASP A OD2 1 
ATOM   210 N N   . VAL A 1 68  ? 5.082   3.866   -7.526  1.00 98.08  ? 35   VAL A N   1 
ATOM   211 C CA  . VAL A 1 68  ? 4.511   4.184   -6.209  1.00 96.02  ? 35   VAL A CA  1 
ATOM   212 C C   . VAL A 1 68  ? 5.200   3.216   -5.229  1.00 98.38  ? 35   VAL A C   1 
ATOM   213 O O   . VAL A 1 68  ? 5.611   2.153   -5.666  1.00 97.40  ? 35   VAL A O   1 
ATOM   214 C CB  . VAL A 1 68  ? 2.980   4.023   -6.274  1.00 99.44  ? 35   VAL A CB  1 
ATOM   215 C CG1 . VAL A 1 68  ? 2.551   2.562   -6.263  1.00 99.07  ? 35   VAL A CG1 1 
ATOM   216 C CG2 . VAL A 1 68  ? 2.266   4.845   -5.224  1.00 99.26  ? 35   VAL A CG2 1 
ATOM   217 N N   . LEU A 1 69  ? 5.417   3.588   -3.973  1.00 94.96  ? 36   LEU A N   1 
ATOM   218 C CA  . LEU A 1 69  ? 6.145   2.745   -3.021  1.00 93.91  ? 36   LEU A CA  1 
ATOM   219 C C   . LEU A 1 69  ? 5.275   2.474   -1.828  1.00 97.93  ? 36   LEU A C   1 
ATOM   220 O O   . LEU A 1 69  ? 4.852   3.402   -1.158  1.00 97.90  ? 36   LEU A O   1 
ATOM   221 C CB  . LEU A 1 69  ? 7.458   3.435   -2.582  1.00 93.71  ? 36   LEU A CB  1 
ATOM   222 C CG  . LEU A 1 69  ? 8.719   3.027   -3.339  1.00 98.61  ? 36   LEU A CG  1 
ATOM   223 C CD1 . LEU A 1 69  ? 9.087   4.050   -4.408  1.00 99.15  ? 36   LEU A CD1 1 
ATOM   224 C CD2 . LEU A 1 69  ? 9.858   2.917   -2.386  1.00 103.14 ? 36   LEU A CD2 1 
ATOM   225 N N   . ILE A 1 70  ? 5.005   1.215   -1.552  1.00 95.22  ? 37   ILE A N   1 
ATOM   226 C CA  . ILE A 1 70  ? 4.122   0.833   -0.454  1.00 96.50  ? 37   ILE A CA  1 
ATOM   227 C C   . ILE A 1 70  ? 4.904   0.270   0.720   1.00 100.43 ? 37   ILE A C   1 
ATOM   228 O O   . ILE A 1 70  ? 5.853   -0.480  0.516   1.00 98.80  ? 37   ILE A O   1 
ATOM   229 C CB  . ILE A 1 70  ? 3.049   -0.163  -0.974  1.00 101.18 ? 37   ILE A CB  1 
ATOM   230 C CG1 . ILE A 1 70  ? 2.278   0.461   -2.169  1.00 102.33 ? 37   ILE A CG1 1 
ATOM   231 C CG2 . ILE A 1 70  ? 2.084   -0.595  0.148   1.00 102.96 ? 37   ILE A CG2 1 
ATOM   232 C CD1 . ILE A 1 70  ? 1.424   -0.419  -2.893  1.00 111.68 ? 37   ILE A CD1 1 
ATOM   233 N N   . ASN A 1 71  ? 4.523   0.657   1.938   1.00 98.89  ? 38   ASN A N   1 
ATOM   234 C CA  . ASN A 1 71  ? 5.121   0.171   3.172   1.00 99.98  ? 38   ASN A CA  1 
ATOM   235 C C   . ASN A 1 71  ? 4.008   -0.296  4.093   1.00 109.47 ? 38   ASN A C   1 
ATOM   236 O O   . ASN A 1 71  ? 3.089   0.468   4.401   1.00 112.45 ? 38   ASN A O   1 
ATOM   237 C CB  . ASN A 1 71  ? 5.990   1.226   3.860   1.00 100.84 ? 38   ASN A CB  1 
ATOM   238 C CG  . ASN A 1 71  ? 7.387   1.326   3.303   1.00 121.32 ? 38   ASN A CG  1 
ATOM   239 O OD1 . ASN A 1 71  ? 8.323   0.607   3.685   1.00 114.16 ? 38   ASN A OD1 1 
ATOM   240 N ND2 . ASN A 1 71  ? 7.537   2.256   2.379   1.00 111.86 ? 38   ASN A ND2 1 
ATOM   241 N N   . LEU A 1 72  ? 4.085   -1.549  4.524   1.00 106.87 ? 39   LEU A N   1 
ATOM   242 C CA  . LEU A 1 72  ? 3.045   -2.136  5.342   1.00 109.54 ? 39   LEU A CA  1 
ATOM   243 C C   . LEU A 1 72  ? 3.536   -2.544  6.711   1.00 116.91 ? 39   LEU A C   1 
ATOM   244 O O   . LEU A 1 72  ? 4.552   -3.230  6.827   1.00 116.99 ? 39   LEU A O   1 
ATOM   245 C CB  . LEU A 1 72  ? 2.429   -3.345  4.610   1.00 110.35 ? 39   LEU A CB  1 
ATOM   246 N N   . THR A 1 73  ? 2.793   -2.145  7.745   1.00 115.87 ? 40   THR A N   1 
ATOM   247 C CA  . THR A 1 73  ? 3.047   -2.527  9.130   1.00 117.42 ? 40   THR A CA  1 
ATOM   248 C C   . THR A 1 73  ? 1.826   -3.323  9.606   1.00 125.22 ? 40   THR A C   1 
ATOM   249 O O   . THR A 1 73  ? 0.705   -2.806  9.587   1.00 126.59 ? 40   THR A O   1 
ATOM   250 C CB  . THR A 1 73  ? 3.288   -1.305  10.010  1.00 125.92 ? 40   THR A CB  1 
ATOM   251 O OG1 . THR A 1 73  ? 4.180   -0.427  9.336   1.00 126.85 ? 40   THR A OG1 1 
ATOM   252 C CG2 . THR A 1 73  ? 3.839   -1.672  11.375  1.00 123.90 ? 40   THR A CG2 1 
ATOM   253 N N   . ILE A 1 74  ? 2.049   -4.586  10.007  1.00 122.77 ? 41   ILE A N   1 
ATOM   254 C CA  . ILE A 1 74  ? 1.003   -5.481  10.491  1.00 125.14 ? 41   ILE A CA  1 
ATOM   255 C C   . ILE A 1 74  ? 1.347   -5.975  11.889  1.00 131.81 ? 41   ILE A C   1 
ATOM   256 O O   . ILE A 1 74  ? 2.482   -6.373  12.144  1.00 130.13 ? 41   ILE A O   1 
ATOM   257 C CB  . ILE A 1 74  ? 0.771   -6.649  9.507   1.00 127.83 ? 41   ILE A CB  1 
ATOM   258 N N   . LEU A 1 75  ? 0.370   -5.906  12.798  1.00 132.84 ? 42   LEU A N   1 
ATOM   259 C CA  . LEU A 1 75  ? 0.478   -6.368  14.178  1.00 136.18 ? 42   LEU A CA  1 
ATOM   260 C C   . LEU A 1 75  ? -0.383  -7.628  14.305  1.00 145.97 ? 42   LEU A C   1 
ATOM   261 O O   . LEU A 1 75  ? -1.510  -7.642  13.817  1.00 148.13 ? 42   LEU A O   1 
ATOM   262 N N   . TYR A 1 76  ? 0.165   -8.700  14.897  1.00 144.18 ? 43   TYR A N   1 
ATOM   263 C CA  . TYR A 1 76  ? -0.545  -9.962  15.047  1.00 147.82 ? 43   TYR A CA  1 
ATOM   264 C C   . TYR A 1 76  ? 0.019   -10.777 16.187  1.00 154.87 ? 43   TYR A C   1 
ATOM   265 O O   . TYR A 1 76  ? 0.555   -11.853 15.929  1.00 154.00 ? 43   TYR A O   1 
ATOM   266 N N   . PRO A 1 77  ? -0.130  -10.320 17.459  1.00 155.25 ? 44   PRO A N   1 
ATOM   267 C CA  . PRO A 1 77  ? 0.381   -11.113 18.594  1.00 158.02 ? 44   PRO A CA  1 
ATOM   268 C C   . PRO A 1 77  ? -0.204  -12.530 18.684  1.00 165.63 ? 44   PRO A C   1 
ATOM   269 O O   . PRO A 1 77  ? -1.390  -12.709 18.404  1.00 168.24 ? 44   PRO A O   1 
ATOM   270 C CB  . PRO A 1 77  ? -0.020  -10.274 19.811  1.00 162.41 ? 44   PRO A CB  1 
ATOM   271 C CG  . PRO A 1 77  ? -0.144  -8.881  19.288  1.00 163.76 ? 44   PRO A CG  1 
ATOM   272 C CD  . PRO A 1 77  ? -0.749  -9.062  17.931  1.00 157.41 ? 44   PRO A CD  1 
ATOM   273 N N   . ALA A 1 78  ? 0.588   -13.558 19.056  1.00 162.23 ? 45   ALA A N   1 
ATOM   274 C CA  . ALA A 1 78  ? 1.990   -13.568 19.485  1.00 176.51 ? 45   ALA A CA  1 
ATOM   275 C C   . ALA A 1 78  ? 2.647   -14.902 19.109  1.00 198.66 ? 45   ALA A C   1 
ATOM   276 O O   . ALA A 1 78  ? 2.548   -15.359 17.971  1.00 156.38 ? 45   ALA A O   1 
ATOM   277 C CB  . ALA A 1 78  ? 2.060   -13.391 20.996  1.00 180.30 ? 45   ALA A CB  1 
ATOM   278 N N   . HIS A 1 89  ? 4.372   -22.547 9.060   1.00 200.33 ? 56   HIS A N   1 
ATOM   279 C CA  . HIS A 1 89  ? 3.014   -22.448 9.577   1.00 203.90 ? 56   HIS A CA  1 
ATOM   280 C C   . HIS A 1 89  ? 2.330   -21.200 8.991   1.00 204.64 ? 56   HIS A C   1 
ATOM   281 O O   . HIS A 1 89  ? 1.414   -21.330 8.171   1.00 206.43 ? 56   HIS A O   1 
ATOM   282 C CB  . HIS A 1 89  ? 3.034   -22.455 11.124  1.00 206.42 ? 56   HIS A CB  1 
ATOM   283 C CG  . HIS A 1 89  ? 1.685   -22.428 11.778  1.00 214.38 ? 56   HIS A CG  1 
ATOM   284 N ND1 . HIS A 1 89  ? 1.106   -21.236 12.192  1.00 214.39 ? 56   HIS A ND1 1 
ATOM   285 C CD2 . HIS A 1 89  ? 0.861   -23.450 12.107  1.00 218.39 ? 56   HIS A CD2 1 
ATOM   286 C CE1 . HIS A 1 89  ? -0.049  -21.571 12.748  1.00 218.76 ? 56   HIS A CE1 1 
ATOM   287 N NE2 . HIS A 1 89  ? -0.244  -22.892 12.713  1.00 219.01 ? 56   HIS A NE2 1 
ATOM   288 N N   . ALA A 1 90  ? 2.812   -20.003 9.369   1.00 196.44 ? 57   ALA A N   1 
ATOM   289 C CA  . ALA A 1 90  ? 2.253   -18.722 8.919   1.00 193.30 ? 57   ALA A CA  1 
ATOM   290 C C   . ALA A 1 90  ? 2.548   -18.356 7.448   1.00 193.84 ? 57   ALA A C   1 
ATOM   291 O O   . ALA A 1 90  ? 3.488   -17.609 7.154   1.00 189.11 ? 57   ALA A O   1 
ATOM   292 C CB  . ALA A 1 90  ? 2.661   -17.598 9.866   1.00 190.88 ? 57   ALA A CB  1 
ATOM   293 N N   . LEU A 1 91  ? 1.693   -18.849 6.530   1.00 192.35 ? 58   LEU A N   1 
ATOM   294 C CA  . LEU A 1 91  ? 1.778   -18.576 5.089   1.00 189.65 ? 58   LEU A CA  1 
ATOM   295 C C   . LEU A 1 91  ? 1.186   -17.195 4.754   1.00 189.72 ? 58   LEU A C   1 
ATOM   296 O O   . LEU A 1 91  ? 1.112   -16.812 3.581   1.00 187.87 ? 58   LEU A O   1 
ATOM   297 C CB  . LEU A 1 91  ? 1.017   -19.674 4.327   1.00 194.35 ? 58   LEU A CB  1 
ATOM   298 N N   . ASN A 1 92  ? 0.782   -16.450 5.796   1.00 184.75 ? 59   ASN A N   1 
ATOM   299 C CA  . ASN A 1 92  ? 0.103   -15.159 5.766   1.00 182.30 ? 59   ASN A CA  1 
ATOM   300 C C   . ASN A 1 92  ? 0.649   -13.997 4.970   1.00 179.11 ? 59   ASN A C   1 
ATOM   301 O O   . ASN A 1 92  ? 0.012   -13.628 3.984   1.00 178.87 ? 59   ASN A O   1 
ATOM   302 C CB  . ASN A 1 92  ? -0.316  -14.719 7.166   1.00 184.68 ? 59   ASN A CB  1 
ATOM   303 N N   . TYR A 1 93  ? 1.741   -13.350 5.434   1.00 169.78 ? 60   TYR A N   1 
ATOM   304 C CA  . TYR A 1 93  ? 2.241   -12.148 4.785   1.00 164.40 ? 60   TYR A CA  1 
ATOM   305 C C   . TYR A 1 93  ? 2.470   -12.297 3.293   1.00 164.52 ? 60   TYR A C   1 
ATOM   306 O O   . TYR A 1 93  ? 2.339   -11.318 2.569   1.00 162.01 ? 60   TYR A O   1 
ATOM   307 C CB  . TYR A 1 93  ? 3.443   -11.546 5.529   1.00 162.26 ? 60   TYR A CB  1 
ATOM   308 C CG  . TYR A 1 93  ? 4.743   -12.315 5.436   1.00 162.52 ? 60   TYR A CG  1 
ATOM   309 C CD1 . TYR A 1 93  ? 5.563   -12.200 4.318   1.00 161.74 ? 60   TYR A CD1 1 
ATOM   310 C CD2 . TYR A 1 93  ? 5.215   -13.059 6.517   1.00 164.74 ? 60   TYR A CD2 1 
ATOM   311 C CE1 . TYR A 1 93  ? 6.793   -12.852 4.250   1.00 161.32 ? 60   TYR A CE1 1 
ATOM   312 C CE2 . TYR A 1 93  ? 6.447   -13.717 6.461   1.00 164.55 ? 60   TYR A CE2 1 
ATOM   313 C CZ  . TYR A 1 93  ? 7.233   -13.609 5.323   1.00 168.95 ? 60   TYR A CZ  1 
ATOM   314 O OH  . TYR A 1 93  ? 8.442   -14.261 5.244   1.00 168.15 ? 60   TYR A OH  1 
ATOM   315 N N   . ARG A 1 94  ? 2.763   -13.525 2.834   1.00 160.64 ? 61   ARG A N   1 
ATOM   316 C CA  . ARG A 1 94  ? 3.018   -13.822 1.431   1.00 158.98 ? 61   ARG A CA  1 
ATOM   317 C C   . ARG A 1 94  ? 1.756   -13.639 0.619   1.00 162.02 ? 61   ARG A C   1 
ATOM   318 O O   . ARG A 1 94  ? 1.797   -13.037 -0.458  1.00 160.69 ? 61   ARG A O   1 
ATOM   319 N N   . THR A 1 95  ? 0.635   -14.150 1.150   1.00 159.06 ? 62   THR A N   1 
ATOM   320 C CA  . THR A 1 95  ? -0.679  -14.066 0.525   1.00 160.04 ? 62   THR A CA  1 
ATOM   321 C C   . THR A 1 95  ? -1.152  -12.631 0.506   1.00 157.87 ? 62   THR A C   1 
ATOM   322 O O   . THR A 1 95  ? -1.656  -12.169 -0.521  1.00 156.81 ? 62   THR A O   1 
ATOM   323 C CB  . THR A 1 95  ? -1.677  -14.951 1.272   1.00 172.87 ? 62   THR A CB  1 
ATOM   324 O OG1 . THR A 1 95  ? -1.286  -16.316 1.134   1.00 176.57 ? 62   THR A OG1 1 
ATOM   325 C CG2 . THR A 1 95  ? -3.101  -14.770 0.772   1.00 173.67 ? 62   THR A CG2 1 
ATOM   326 N N   . ILE A 1 96  ? -1.004  -11.931 1.648   1.00 150.30 ? 63   ILE A N   1 
ATOM   327 C CA  . ILE A 1 96  ? -1.406  -10.534 1.761   1.00 147.00 ? 63   ILE A CA  1 
ATOM   328 C C   . ILE A 1 96  ? -0.707  -9.738  0.672   1.00 143.81 ? 63   ILE A C   1 
ATOM   329 O O   . ILE A 1 96  ? -1.370  -9.028  -0.087  1.00 144.42 ? 63   ILE A O   1 
ATOM   330 C CB  . ILE A 1 96  ? -1.163  -9.956  3.182   1.00 149.19 ? 63   ILE A CB  1 
ATOM   331 C CG1 . ILE A 1 96  ? -2.290  -10.389 4.143   1.00 153.83 ? 63   ILE A CG1 1 
ATOM   332 C CG2 . ILE A 1 96  ? -1.070  -8.421  3.176   1.00 146.75 ? 63   ILE A CG2 1 
ATOM   333 C CD1 . ILE A 1 96  ? -1.795  -11.085 5.367   1.00 163.24 ? 63   ILE A CD1 1 
ATOM   334 N N   . THR A 1 97  ? 0.621   -9.897  0.570   1.00 133.59 ? 64   THR A N   1 
ATOM   335 C CA  . THR A 1 97  ? 1.420   -9.212  -0.432  1.00 128.77 ? 64   THR A CA  1 
ATOM   336 C C   . THR A 1 97  ? 0.902   -9.558  -1.807  1.00 127.71 ? 64   THR A C   1 
ATOM   337 O O   . THR A 1 97  ? 0.557   -8.651  -2.558  1.00 124.64 ? 64   THR A O   1 
ATOM   338 C CB  . THR A 1 97  ? 2.896   -9.551  -0.281  1.00 141.55 ? 64   THR A CB  1 
ATOM   339 O OG1 . THR A 1 97  ? 3.300   -9.270  1.061   1.00 141.67 ? 64   THR A OG1 1 
ATOM   340 C CG2 . THR A 1 97  ? 3.765   -8.765  -1.250  1.00 139.95 ? 64   THR A CG2 1 
ATOM   341 N N   . LYS A 1 98  ? 0.792   -10.863 -2.113  1.00 124.51 ? 65   LYS A N   1 
ATOM   342 C CA  . LYS A 1 98  ? 0.297   -11.342 -3.402  1.00 125.02 ? 65   LYS A CA  1 
ATOM   343 C C   . LYS A 1 98  ? -0.952  -10.572 -3.800  1.00 128.61 ? 65   LYS A C   1 
ATOM   344 O O   . LYS A 1 98  ? -0.976  -9.945  -4.861  1.00 126.60 ? 65   LYS A O   1 
ATOM   345 C CB  . LYS A 1 98  ? 0.006   -12.843 -3.334  1.00 130.43 ? 65   LYS A CB  1 
ATOM   346 N N   . ALA A 1 99  ? -1.950  -10.550 -2.899  1.00 127.06 ? 66   ALA A N   1 
ATOM   347 C CA  . ALA A 1 99  ? -3.209  -9.847  -3.116  1.00 128.23 ? 66   ALA A CA  1 
ATOM   348 C C   . ALA A 1 99  ? -3.012  -8.351  -3.315  1.00 128.62 ? 66   ALA A C   1 
ATOM   349 O O   . ALA A 1 99  ? -3.650  -7.785  -4.210  1.00 129.26 ? 66   ALA A O   1 
ATOM   350 C CB  . ALA A 1 99  ? -4.168  -10.101 -1.965  1.00 131.49 ? 66   ALA A CB  1 
ATOM   351 N N   . ILE A 1 100 ? -2.142  -7.705  -2.505  1.00 120.18 ? 67   ILE A N   1 
ATOM   352 C CA  . ILE A 1 100 ? -1.940  -6.276  -2.686  1.00 116.74 ? 67   ILE A CA  1 
ATOM   353 C C   . ILE A 1 100 ? -1.267  -5.908  -4.010  1.00 116.26 ? 67   ILE A C   1 
ATOM   354 O O   . ILE A 1 100 ? -1.683  -4.951  -4.662  1.00 117.04 ? 67   ILE A O   1 
ATOM   355 C CB  . ILE A 1 100 ? -1.461  -5.499  -1.458  1.00 118.16 ? 67   ILE A CB  1 
ATOM   356 C CG1 . ILE A 1 100 ? -0.007  -5.712  -1.151  1.00 116.82 ? 67   ILE A CG1 1 
ATOM   357 C CG2 . ILE A 1 100 ? -2.381  -5.738  -0.242  1.00 121.65 ? 67   ILE A CG2 1 
ATOM   358 C CD1 . ILE A 1 100 ? 0.541   -4.695  -0.208  1.00 130.04 ? 67   ILE A CD1 1 
ATOM   359 N N   . ILE A 1 101 ? -0.315  -6.726  -4.451  1.00 108.42 ? 68   ILE A N   1 
ATOM   360 C CA  . ILE A 1 101 ? 0.364   -6.528  -5.720  1.00 106.16 ? 68   ILE A CA  1 
ATOM   361 C C   . ILE A 1 101 ? -0.657  -6.669  -6.816  1.00 116.58 ? 68   ILE A C   1 
ATOM   362 O O   . ILE A 1 101 ? -0.821  -5.743  -7.604  1.00 116.84 ? 68   ILE A O   1 
ATOM   363 C CB  . ILE A 1 101 ? 1.498   -7.560  -5.901  1.00 107.48 ? 68   ILE A CB  1 
ATOM   364 C CG1 . ILE A 1 101 ? 2.588   -7.406  -4.856  1.00 103.57 ? 68   ILE A CG1 1 
ATOM   365 C CG2 . ILE A 1 101 ? 2.084   -7.468  -7.309  1.00 108.24 ? 68   ILE A CG2 1 
ATOM   366 C CD1 . ILE A 1 101 ? 3.659   -8.414  -4.948  1.00 108.80 ? 68   ILE A CD1 1 
ATOM   367 N N   . ARG A 1 102 ? -1.334  -7.833  -6.868  1.00 118.39 ? 69   ARG A N   1 
ATOM   368 C CA  . ARG A 1 102 ? -2.346  -8.144  -7.859  1.00 122.99 ? 69   ARG A CA  1 
ATOM   369 C C   . ARG A 1 102 ? -3.390  -7.026  -7.949  1.00 129.85 ? 69   ARG A C   1 
ATOM   370 O O   . ARG A 1 102 ? -3.626  -6.510  -9.034  1.00 129.41 ? 69   ARG A O   1 
ATOM   371 C CB  . ARG A 1 102 ? -3.007  -9.482  -7.531  1.00 129.02 ? 69   ARG A CB  1 
ATOM   372 N N   . HIS A 1 103 ? -3.945  -6.591  -6.819  1.00 128.82 ? 70   HIS A N   1 
ATOM   373 C CA  . HIS A 1 103 ? -4.920  -5.513  -6.830  1.00 130.61 ? 70   HIS A CA  1 
ATOM   374 C C   . HIS A 1 103 ? -4.357  -4.205  -7.363  1.00 133.35 ? 70   HIS A C   1 
ATOM   375 O O   . HIS A 1 103 ? -5.038  -3.538  -8.139  1.00 135.00 ? 70   HIS A O   1 
ATOM   376 C CB  . HIS A 1 103 ? -5.521  -5.298  -5.447  1.00 132.44 ? 70   HIS A CB  1 
ATOM   377 C CG  . HIS A 1 103 ? -6.518  -4.173  -5.398  1.00 137.28 ? 70   HIS A CG  1 
ATOM   378 N ND1 . HIS A 1 103 ? -7.812  -4.131  -5.821  1.00 136.85 ? 70   HIS A ND1 1 
ATOM   379 C CD2 . HIS A 1 103 ? -6.169  -2.920  -4.918  1.00 142.79 ? 70   HIS A CD2 1 
ATOM   380 C CE1 . HIS A 1 103 ? -8.270  -2.850  -5.580  1.00 138.01 ? 70   HIS A CE1 1 
ATOM   381 N NE2 . HIS A 1 103 ? -7.253  -2.165  -5.051  1.00 141.69 ? 70   HIS A NE2 1 
ATOM   382 N N   . VAL A 1 104 ? -3.140  -3.835  -6.958  1.00 127.02 ? 71   VAL A N   1 
ATOM   383 C CA  . VAL A 1 104 ? -2.512  -2.580  -7.370  1.00 125.02 ? 71   VAL A CA  1 
ATOM   384 C C   . VAL A 1 104 ? -2.150  -2.505  -8.865  1.00 132.00 ? 71   VAL A C   1 
ATOM   385 O O   . VAL A 1 104 ? -2.487  -1.524  -9.519  1.00 131.64 ? 71   VAL A O   1 
ATOM   386 C CB  . VAL A 1 104 ? -1.376  -2.175  -6.390  1.00 125.25 ? 71   VAL A CB  1 
ATOM   387 C CG1 . VAL A 1 104 ? -0.404  -1.163  -6.978  1.00 122.91 ? 71   VAL A CG1 1 
ATOM   388 C CG2 . VAL A 1 104 ? -1.953  -1.629  -5.089  1.00 124.53 ? 71   VAL A CG2 1 
ATOM   389 N N   . GLU A 1 105 ? -1.504  -3.536  -9.400  1.00 130.97 ? 72   GLU A N   1 
ATOM   390 C CA  . GLU A 1 105 ? -1.084  -3.567  -10.803 1.00 132.27 ? 72   GLU A CA  1 
ATOM   391 C C   . GLU A 1 105 ? -2.215  -3.760  -11.799 1.00 140.16 ? 72   GLU A C   1 
ATOM   392 O O   . GLU A 1 105 ? -2.119  -3.302  -12.940 1.00 141.13 ? 72   GLU A O   1 
ATOM   393 C CB  . GLU A 1 105 ? -0.012  -4.630  -11.023 1.00 133.48 ? 72   GLU A CB  1 
ATOM   394 C CG  . GLU A 1 105 ? 1.275   -4.357  -10.274 1.00 138.41 ? 72   GLU A CG  1 
ATOM   395 C CD  . GLU A 1 105 ? 2.437   -5.250  -10.656 1.00 156.98 ? 72   GLU A CD  1 
ATOM   396 O OE1 . GLU A 1 105 ? 2.211   -6.460  -10.889 1.00 158.59 ? 72   GLU A OE1 1 
ATOM   397 O OE2 . GLU A 1 105 ? 3.580   -4.743  -10.705 1.00 144.13 ? 72   GLU A OE2 1 
ATOM   398 N N   . GLU A 1 106 ? -3.273  -4.454  -11.379 1.00 138.80 ? 73   GLU A N   1 
ATOM   399 C CA  . GLU A 1 106 ? -4.426  -4.763  -12.231 1.00 142.13 ? 73   GLU A CA  1 
ATOM   400 C C   . GLU A 1 106 ? -5.577  -3.747  -12.122 1.00 146.52 ? 73   GLU A C   1 
ATOM   401 O O   . GLU A 1 106 ? -6.731  -4.098  -12.368 1.00 149.48 ? 73   GLU A O   1 
ATOM   402 C CB  . GLU A 1 106 ? -4.931  -6.190  -11.949 1.00 146.20 ? 73   GLU A CB  1 
ATOM   403 C CG  . GLU A 1 106 ? -3.953  -7.298  -12.306 1.00 154.72 ? 73   GLU A CG  1 
ATOM   404 C CD  . GLU A 1 106 ? -3.866  -7.687  -13.771 1.00 174.84 ? 73   GLU A CD  1 
ATOM   405 O OE1 . GLU A 1 106 ? -3.092  -7.031  -14.506 1.00 153.36 ? 73   GLU A OE1 1 
ATOM   406 O OE2 . GLU A 1 106 ? -4.595  -8.616  -14.190 1.00 178.30 ? 73   GLU A OE2 1 
ATOM   407 N N   . ASN A 1 107 ? -5.276  -2.503  -11.755 1.00 140.11 ? 74   ASN A N   1 
ATOM   408 C CA  . ASN A 1 107 ? -6.310  -1.487  -11.615 1.00 140.55 ? 74   ASN A CA  1 
ATOM   409 C C   . ASN A 1 107 ? -5.796  -0.104  -11.952 1.00 142.02 ? 74   ASN A C   1 
ATOM   410 O O   . ASN A 1 107 ? -4.613  0.046   -12.255 1.00 139.57 ? 74   ASN A O   1 
ATOM   411 C CB  . ASN A 1 107 ? -6.872  -1.496  -10.205 1.00 142.03 ? 74   ASN A CB  1 
ATOM   412 C CG  . ASN A 1 107 ? -7.971  -2.501  -9.967  1.00 171.75 ? 74   ASN A CG  1 
ATOM   413 O OD1 . ASN A 1 107 ? -7.582  -3.752  -9.737  1.00 172.87 ? 74   ASN A OD1 1 
ATOM   414 N ND2 . ASN A 1 107 ? -9.140  -2.145  -9.758  1.00 159.08 ? 74   ASN A ND2 1 
ATOM   415 N N   . ARG A 1 108 ? -6.706  0.897   -11.933 1.00 138.48 ? 75   ARG A N   1 
ATOM   416 C CA  . ARG A 1 108 ? -6.407  2.302   -12.190 1.00 136.56 ? 75   ARG A CA  1 
ATOM   417 C C   . ARG A 1 108 ? -6.855  3.085   -10.981 1.00 139.45 ? 75   ARG A C   1 
ATOM   418 O O   . ARG A 1 108 ? -7.899  2.777   -10.406 1.00 139.56 ? 75   ARG A O   1 
ATOM   419 C CB  . ARG A 1 108 ? -7.110  2.799   -13.459 1.00 136.95 ? 75   ARG A CB  1 
ATOM   420 N N   . PHE A 1 109 ? -6.052  4.060   -10.564 1.00 135.15 ? 76   PHE A N   1 
ATOM   421 C CA  . PHE A 1 109 ? -6.373  4.836   -9.373  1.00 134.40 ? 76   PHE A CA  1 
ATOM   422 C C   . PHE A 1 109 ? -6.400  6.312   -9.626  1.00 139.20 ? 76   PHE A C   1 
ATOM   423 O O   . PHE A 1 109 ? -5.564  6.857   -10.358 1.00 138.17 ? 76   PHE A O   1 
ATOM   424 C CB  . PHE A 1 109 ? -5.435  4.495   -8.187  1.00 133.51 ? 76   PHE A CB  1 
ATOM   425 C CG  . PHE A 1 109 ? -5.473  3.048   -7.785  1.00 134.17 ? 76   PHE A CG  1 
ATOM   426 C CD1 . PHE A 1 109 ? -4.694  2.115   -8.438  1.00 135.75 ? 76   PHE A CD1 1 
ATOM   427 C CD2 . PHE A 1 109 ? -6.342  2.606   -6.790  1.00 136.91 ? 76   PHE A CD2 1 
ATOM   428 C CE1 . PHE A 1 109 ? -4.769  0.768   -8.105  1.00 137.48 ? 76   PHE A CE1 1 
ATOM   429 C CE2 . PHE A 1 109 ? -6.418  1.251   -6.456  1.00 140.32 ? 76   PHE A CE2 1 
ATOM   430 C CZ  . PHE A 1 109 ? -5.620  0.343   -7.108  1.00 137.88 ? 76   PHE A CZ  1 
ATOM   431 N N   . ALA A 1 110 ? -7.399  6.943   -9.031  1.00 137.40 ? 77   ALA A N   1 
ATOM   432 C CA  . ALA A 1 110 ? -7.632  8.368   -9.078  1.00 138.34 ? 77   ALA A CA  1 
ATOM   433 C C   . ALA A 1 110 ? -7.526  8.806   -7.618  1.00 143.34 ? 77   ALA A C   1 
ATOM   434 O O   . ALA A 1 110 ? -8.524  8.858   -6.894  1.00 146.04 ? 77   ALA A O   1 
ATOM   435 C CB  . ALA A 1 110 ? -9.028  8.654   -9.641  1.00 141.56 ? 77   ALA A CB  1 
ATOM   436 N N   . LEU A 1 111 ? -6.302  9.015   -7.149  1.00 137.43 ? 78   LEU A N   1 
ATOM   437 C CA  . LEU A 1 111 ? -6.081  9.465   -5.781  1.00 136.75 ? 78   LEU A CA  1 
ATOM   438 C C   . LEU A 1 111 ? -5.393  8.449   -4.871  1.00 139.05 ? 78   LEU A C   1 
ATOM   439 O O   . LEU A 1 111 ? -5.926  7.358   -4.631  1.00 139.63 ? 78   LEU A O   1 
ATOM   440 N N   . LEU A 1 112 ? -4.239  8.855   -4.306  1.00 132.82 ? 79   LEU A N   1 
ATOM   441 C CA  . LEU A 1 112 ? -3.427  8.047   -3.392  1.00 130.16 ? 79   LEU A CA  1 
ATOM   442 C C   . LEU A 1 112 ? -4.271  7.516   -2.242  1.00 132.37 ? 79   LEU A C   1 
ATOM   443 O O   . LEU A 1 112 ? -4.129  6.358   -1.857  1.00 131.39 ? 79   LEU A O   1 
ATOM   444 N N   . GLU A 1 113 ? -5.177  8.342   -1.735  1.00 129.06 ? 80   GLU A N   1 
ATOM   445 C CA  . GLU A 1 113 ? -6.055  7.992   -0.626  1.00 129.98 ? 80   GLU A CA  1 
ATOM   446 C C   . GLU A 1 113 ? -6.908  6.755   -0.918  1.00 134.12 ? 80   GLU A C   1 
ATOM   447 O O   . GLU A 1 113 ? -7.063  5.911   -0.033  1.00 133.56 ? 80   GLU A O   1 
ATOM   448 C CB  . GLU A 1 113 ? -6.934  9.184   -0.234  1.00 133.44 ? 80   GLU A CB  1 
ATOM   449 C CG  . GLU A 1 113 ? -6.186  10.472  0.085   1.00 145.43 ? 80   GLU A CG  1 
ATOM   450 C CD  . GLU A 1 113 ? -5.701  11.300  -1.098  1.00 172.20 ? 80   GLU A CD  1 
ATOM   451 O OE1 . GLU A 1 113 ? -5.934  10.903  -2.263  1.00 155.93 ? 80   GLU A OE1 1 
ATOM   452 O OE2 . GLU A 1 113 ? -5.058  12.348  -0.851  1.00 174.27 ? 80   GLU A OE2 1 
ATOM   453 N N   . ARG A 1 114 ? -7.466  6.646   -2.149  1.00 131.50 ? 81   ARG A N   1 
ATOM   454 C CA  . ARG A 1 114 ? -8.286  5.497   -2.542  1.00 132.66 ? 81   ARG A CA  1 
ATOM   455 C C   . ARG A 1 114 ? -7.403  4.249   -2.574  1.00 133.41 ? 81   ARG A C   1 
ATOM   456 O O   . ARG A 1 114 ? -7.733  3.245   -1.938  1.00 133.55 ? 81   ARG A O   1 
ATOM   457 C CB  . ARG A 1 114 ? -8.976  5.736   -3.901  1.00 135.39 ? 81   ARG A CB  1 
ATOM   458 N N   . MET A 1 115 ? -6.243  4.347   -3.246  1.00 126.77 ? 82   MET A N   1 
ATOM   459 C CA  . MET A 1 115 ? -5.247  3.274   -3.329  1.00 124.18 ? 82   MET A CA  1 
ATOM   460 C C   . MET A 1 115 ? -4.833  2.771   -1.944  1.00 127.42 ? 82   MET A C   1 
ATOM   461 O O   . MET A 1 115 ? -4.855  1.562   -1.718  1.00 128.61 ? 82   MET A O   1 
ATOM   462 C CB  . MET A 1 115 ? -4.011  3.762   -4.109  1.00 123.50 ? 82   MET A CB  1 
ATOM   463 C CG  . MET A 1 115 ? -2.885  2.764   -4.222  1.00 123.43 ? 82   MET A CG  1 
ATOM   464 S SD  . MET A 1 115 ? -1.800  3.358   -5.528  1.00 124.23 ? 82   MET A SD  1 
ATOM   465 C CE  . MET A 1 115 ? -1.657  1.974   -6.458  1.00 121.48 ? 82   MET A CE  1 
ATOM   466 N N   . THR A 1 116 ? -4.459  3.686   -1.039  1.00 121.88 ? 83   THR A N   1 
ATOM   467 C CA  . THR A 1 116 ? -4.024  3.340   0.319   1.00 121.80 ? 83   THR A CA  1 
ATOM   468 C C   . THR A 1 116 ? -5.122  2.572   1.079   1.00 129.09 ? 83   THR A C   1 
ATOM   469 O O   . THR A 1 116 ? -4.850  1.533   1.698   1.00 128.99 ? 83   THR A O   1 
ATOM   470 C CB  . THR A 1 116 ? -3.569  4.622   1.067   1.00 131.13 ? 83   THR A CB  1 
ATOM   471 O OG1 . THR A 1 116 ? -2.702  5.391   0.238   1.00 131.80 ? 83   THR A OG1 1 
ATOM   472 C CG2 . THR A 1 116 ? -2.862  4.338   2.336   1.00 128.88 ? 83   THR A CG2 1 
ATOM   473 N N   . GLN A 1 117 ? -6.366  3.086   1.011   1.00 128.21 ? 84   GLN A N   1 
ATOM   474 C CA  . GLN A 1 117 ? -7.521  2.506   1.684   1.00 130.59 ? 84   GLN A CA  1 
ATOM   475 C C   . GLN A 1 117 ? -7.784  1.102   1.171   1.00 136.65 ? 84   GLN A C   1 
ATOM   476 O O   . GLN A 1 117 ? -7.949  0.174   1.971   1.00 137.80 ? 84   GLN A O   1 
ATOM   477 C CB  . GLN A 1 117 ? -8.749  3.401   1.490   1.00 133.53 ? 84   GLN A CB  1 
ATOM   478 C CG  . GLN A 1 117 ? -9.965  2.980   2.320   1.00 150.09 ? 84   GLN A CG  1 
ATOM   479 C CD  . GLN A 1 117 ? -9.771  3.083   3.822   1.00 169.86 ? 84   GLN A CD  1 
ATOM   480 O OE1 . GLN A 1 117 ? -9.743  2.077   4.539   1.00 165.42 ? 84   GLN A OE1 1 
ATOM   481 N NE2 . GLN A 1 117 ? -9.679  4.302   4.338   1.00 162.89 ? 84   GLN A NE2 1 
ATOM   482 N N   . GLU A 1 118 ? -7.797  0.951   -0.170  1.00 132.72 ? 85   GLU A N   1 
ATOM   483 C CA  . GLU A 1 118 ? -8.008  -0.335  -0.825  1.00 133.85 ? 85   GLU A CA  1 
ATOM   484 C C   . GLU A 1 118 ? -7.021  -1.350  -0.321  1.00 135.30 ? 85   GLU A C   1 
ATOM   485 O O   . GLU A 1 118 ? -7.415  -2.481  -0.054  1.00 136.93 ? 85   GLU A O   1 
ATOM   486 C CB  . GLU A 1 118 ? -7.876  -0.213  -2.339  1.00 134.92 ? 85   GLU A CB  1 
ATOM   487 C CG  . GLU A 1 118 ? -9.083  0.387   -3.042  1.00 147.72 ? 85   GLU A CG  1 
ATOM   488 C CD  . GLU A 1 118 ? -10.418 -0.331  -2.941  1.00 176.75 ? 85   GLU A CD  1 
ATOM   489 O OE1 . GLU A 1 118 ? -10.917 -0.525  -1.808  1.00 172.93 ? 85   GLU A OE1 1 
ATOM   490 O OE2 . GLU A 1 118 ? -11.012 -0.618  -4.005  1.00 178.94 ? 85   GLU A OE2 1 
ATOM   491 N N   . ILE A 1 119 ? -5.738  -0.948  -0.176  1.00 127.48 ? 86   ILE A N   1 
ATOM   492 C CA  . ILE A 1 119 ? -4.690  -1.831  0.335   1.00 124.87 ? 86   ILE A CA  1 
ATOM   493 C C   . ILE A 1 119 ? -4.985  -2.168  1.799   1.00 131.83 ? 86   ILE A C   1 
ATOM   494 O O   . ILE A 1 119 ? -5.005  -3.347  2.181   1.00 132.80 ? 86   ILE A O   1 
ATOM   495 C CB  . ILE A 1 119 ? -3.274  -1.232  0.108   1.00 123.14 ? 86   ILE A CB  1 
ATOM   496 C CG1 . ILE A 1 119 ? -2.898  -1.255  -1.383  1.00 120.72 ? 86   ILE A CG1 1 
ATOM   497 C CG2 . ILE A 1 119 ? -2.212  -1.978  0.926   1.00 123.12 ? 86   ILE A CG2 1 
ATOM   498 C CD1 . ILE A 1 119 ? -2.155  -0.080  -1.795  1.00 114.69 ? 86   ILE A CD1 1 
ATOM   499 N N   . LEU A 1 120 ? -5.234  -1.136  2.608   1.00 129.72 ? 87   LEU A N   1 
ATOM   500 C CA  . LEU A 1 120 ? -5.521  -1.326  4.023   1.00 132.38 ? 87   LEU A CA  1 
ATOM   501 C C   . LEU A 1 120 ? -6.633  -2.363  4.230   1.00 142.87 ? 87   LEU A C   1 
ATOM   502 O O   . LEU A 1 120 ? -6.493  -3.309  5.017   1.00 143.48 ? 87   LEU A O   1 
ATOM   503 C CB  . LEU A 1 120 ? -5.893  0.020   4.665   1.00 132.77 ? 87   LEU A CB  1 
ATOM   504 C CG  . LEU A 1 120 ? -6.158  -0.016  6.164   1.00 139.88 ? 87   LEU A CG  1 
ATOM   505 C CD1 . LEU A 1 120 ? -4.916  -0.502  6.953   1.00 139.18 ? 87   LEU A CD1 1 
ATOM   506 C CD2 . LEU A 1 120 ? -6.588  1.340   6.662   1.00 143.06 ? 87   LEU A CD2 1 
ATOM   507 N N   . ASP A 1 121 ? -7.727  -2.196  3.470   1.00 143.86 ? 88   ASP A N   1 
ATOM   508 C CA  . ASP A 1 121 ? -8.856  -3.118  3.515   1.00 148.75 ? 88   ASP A CA  1 
ATOM   509 C C   . ASP A 1 121 ? -8.394  -4.510  3.170   1.00 154.22 ? 88   ASP A C   1 
ATOM   510 O O   . ASP A 1 121 ? -8.691  -5.428  3.928   1.00 156.74 ? 88   ASP A O   1 
ATOM   511 C CB  . ASP A 1 121 ? -9.985  -2.689  2.580   1.00 152.69 ? 88   ASP A CB  1 
ATOM   512 C CG  . ASP A 1 121 ? -10.605 -1.354  2.932   1.00 164.23 ? 88   ASP A CG  1 
ATOM   513 O OD1 . ASP A 1 121 ? -10.721 -1.045  4.147   1.00 165.50 ? 88   ASP A OD1 1 
ATOM   514 O OD2 . ASP A 1 121 ? -10.986 -0.621  1.998   1.00 169.67 ? 88   ASP A OD2 1 
ATOM   515 N N   . LEU A 1 122 ? -7.590  -4.660  2.094   1.00 148.56 ? 89   LEU A N   1 
ATOM   516 C CA  . LEU A 1 122 ? -7.040  -5.955  1.686   1.00 148.78 ? 89   LEU A CA  1 
ATOM   517 C C   . LEU A 1 122 ? -6.255  -6.593  2.790   1.00 152.43 ? 89   LEU A C   1 
ATOM   518 O O   . LEU A 1 122 ? -6.267  -7.822  2.918   1.00 153.92 ? 89   LEU A O   1 
ATOM   519 C CB  . LEU A 1 122 ? -6.157  -5.837  0.448   1.00 146.13 ? 89   LEU A CB  1 
ATOM   520 C CG  . LEU A 1 122 ? -6.882  -5.457  -0.811  1.00 151.38 ? 89   LEU A CG  1 
ATOM   521 C CD1 . LEU A 1 122 ? -5.913  -5.269  -1.917  1.00 148.69 ? 89   LEU A CD1 1 
ATOM   522 C CD2 . LEU A 1 122 ? -7.858  -6.544  -1.253  1.00 158.00 ? 89   LEU A CD2 1 
ATOM   523 N N   . VAL A 1 123 ? -5.592  -5.758  3.604   1.00 147.41 ? 90   VAL A N   1 
ATOM   524 C CA  . VAL A 1 123 ? -4.814  -6.264  4.715   1.00 147.37 ? 90   VAL A CA  1 
ATOM   525 C C   . VAL A 1 123 ? -5.665  -6.840  5.856   1.00 156.66 ? 90   VAL A C   1 
ATOM   526 O O   . VAL A 1 123 ? -5.293  -7.871  6.407   1.00 157.69 ? 90   VAL A O   1 
ATOM   527 C CB  . VAL A 1 123 ? -3.585  -5.422  5.132   1.00 147.26 ? 90   VAL A CB  1 
ATOM   528 C CG1 . VAL A 1 123 ? -2.700  -5.065  3.939   1.00 143.67 ? 90   VAL A CG1 1 
ATOM   529 C CG2 . VAL A 1 123 ? -3.945  -4.200  5.948   1.00 147.27 ? 90   VAL A CG2 1 
ATOM   530 N N   . MET A 1 124 ? -6.840  -6.241  6.149   1.00 156.50 ? 91   MET A N   1 
ATOM   531 C CA  . MET A 1 124 ? -7.744  -6.757  7.194   1.00 161.30 ? 91   MET A CA  1 
ATOM   532 C C   . MET A 1 124 ? -8.806  -7.768  6.712   1.00 171.77 ? 91   MET A C   1 
ATOM   533 O O   . MET A 1 124 ? -9.571  -8.282  7.529   1.00 175.17 ? 91   MET A O   1 
ATOM   534 C CB  . MET A 1 124 ? -8.460  -5.605  7.893   1.00 164.18 ? 91   MET A CB  1 
ATOM   535 C CG  . MET A 1 124 ? -7.680  -4.996  8.972   1.00 165.90 ? 91   MET A CG  1 
ATOM   536 S SD  . MET A 1 124 ? -6.963  -3.527  8.279   1.00 164.96 ? 91   MET A SD  1 
ATOM   537 C CE  . MET A 1 124 ? -6.976  -2.549  9.654   1.00 162.54 ? 91   MET A CE  1 
ATOM   538 N N   . GLU A 1 125 ? -8.866  -8.038  5.407   1.00 169.66 ? 92   GLU A N   1 
ATOM   539 C CA  . GLU A 1 125 ? -9.865  -8.916  4.791   1.00 174.37 ? 92   GLU A CA  1 
ATOM   540 C C   . GLU A 1 125 ? -9.738  -10.369 5.221   1.00 182.87 ? 92   GLU A C   1 
ATOM   541 O O   . GLU A 1 125 ? -10.752 -11.037 5.446   1.00 187.40 ? 92   GLU A O   1 
ATOM   542 C CB  . GLU A 1 125 ? -9.766  -8.807  3.270   1.00 174.25 ? 92   GLU A CB  1 
ATOM   543 C CG  . GLU A 1 125 ? -10.864 -9.521  2.508   1.00 190.18 ? 92   GLU A CG  1 
ATOM   544 C CD  . GLU A 1 125 ? -10.597 -9.597  1.018   1.00 210.53 ? 92   GLU A CD  1 
ATOM   545 O OE1 . GLU A 1 125 ? -10.892 -8.605  0.315   1.00 196.78 ? 92   GLU A OE1 1 
ATOM   546 O OE2 . GLU A 1 125 ? -10.083 -10.640 0.554   1.00 209.38 ? 92   GLU A OE2 1 
ATOM   547 N N   . ASN A 1 126 ? -8.493  -10.860 5.271   1.00 177.64 ? 93   ASN A N   1 
ATOM   548 C CA  . ASN A 1 126 ? -8.210  -12.232 5.649   1.00 180.51 ? 93   ASN A CA  1 
ATOM   549 C C   . ASN A 1 126 ? -8.107  -12.405 7.176   1.00 184.75 ? 93   ASN A C   1 
ATOM   550 O O   . ASN A 1 126 ? -9.013  -13.049 7.713   1.00 189.19 ? 93   ASN A O   1 
ATOM   551 C CB  . ASN A 1 126 ? -6.976  -12.755 4.923   1.00 178.61 ? 93   ASN A CB  1 
ATOM   552 N N   . PRO A 1 127 ? -7.087  -11.877 7.930   1.00 176.41 ? 94   PRO A N   1 
ATOM   553 C CA  . PRO A 1 127 ? -7.099  -12.089 9.385   1.00 177.67 ? 94   PRO A CA  1 
ATOM   554 C C   . PRO A 1 127 ? -7.982  -11.051 10.074  1.00 180.66 ? 94   PRO A C   1 
ATOM   555 O O   . PRO A 1 127 ? -8.333  -10.028 9.476   1.00 177.75 ? 94   PRO A O   1 
ATOM   556 C CB  . PRO A 1 127 ? -5.624  -11.916 9.771   1.00 175.21 ? 94   PRO A CB  1 
ATOM   557 C CG  . PRO A 1 127 ? -5.138  -10.883 8.832   1.00 175.13 ? 94   PRO A CG  1 
ATOM   558 C CD  . PRO A 1 127 ? -5.912  -11.063 7.535   1.00 172.03 ? 94   PRO A CD  1 
ATOM   559 N N   . ALA A 1 128 ? -8.332  -11.308 11.333  1.00 179.29 ? 95   ALA A N   1 
ATOM   560 C CA  . ALA A 1 128 ? -9.099  -10.347 12.119  1.00 179.64 ? 95   ALA A CA  1 
ATOM   561 C C   . ALA A 1 128 ? -8.124  -9.509  12.945  1.00 177.96 ? 95   ALA A C   1 
ATOM   562 O O   . ALA A 1 128 ? -8.452  -8.381  13.322  1.00 177.15 ? 95   ALA A O   1 
ATOM   563 C CB  . ALA A 1 128 ? -10.077 -11.069 13.029  1.00 186.60 ? 95   ALA A CB  1 
ATOM   564 N N   . VAL A 1 129 ? -6.920  -10.074 13.216  1.00 170.13 ? 96   VAL A N   1 
ATOM   565 C CA  . VAL A 1 129 ? -5.844  -9.475  14.017  1.00 165.56 ? 96   VAL A CA  1 
ATOM   566 C C   . VAL A 1 129 ? -4.916  -8.506  13.228  1.00 159.41 ? 96   VAL A C   1 
ATOM   567 O O   . VAL A 1 129 ? -4.567  -8.794  12.087  1.00 155.16 ? 96   VAL A O   1 
ATOM   568 C CB  . VAL A 1 129 ? -5.044  -10.491 14.905  1.00 170.87 ? 96   VAL A CB  1 
ATOM   569 C CG1 . VAL A 1 129 ? -5.156  -10.142 16.391  1.00 173.52 ? 96   VAL A CG1 1 
ATOM   570 C CG2 . VAL A 1 129 ? -5.448  -11.952 14.669  1.00 174.10 ? 96   VAL A CG2 1 
ATOM   571 N N   . ARG A 1 130 ? -4.441  -7.418  13.827  1.00 152.86 ? 97   ARG A N   1 
ATOM   572 C CA  . ARG A 1 130 ? -4.750  -6.862  15.150  1.00 154.73 ? 97   ARG A CA  1 
ATOM   573 C C   . ARG A 1 130 ? -4.685  -5.361  14.991  1.00 155.35 ? 97   ARG A C   1 
ATOM   574 O O   . ARG A 1 130 ? -5.530  -4.624  15.502  1.00 157.20 ? 97   ARG A O   1 
ATOM   575 N N   . TYR A 1 131 ? -3.683  -4.918  14.239  1.00 146.87 ? 98   TYR A N   1 
ATOM   576 C CA  . TYR A 1 131 ? -3.467  -3.528  13.880  1.00 143.77 ? 98   TYR A CA  1 
ATOM   577 C C   . TYR A 1 131 ? -2.713  -3.523  12.570  1.00 142.28 ? 98   TYR A C   1 
ATOM   578 O O   . TYR A 1 131 ? -1.823  -4.352  12.382  1.00 140.92 ? 98   TYR A O   1 
ATOM   579 C CB  . TYR A 1 131 ? -2.713  -2.765  14.980  1.00 145.15 ? 98   TYR A CB  1 
ATOM   580 C CG  . TYR A 1 131 ? -2.212  -1.402  14.556  1.00 144.76 ? 98   TYR A CG  1 
ATOM   581 C CD1 . TYR A 1 131 ? -3.097  -0.381  14.226  1.00 146.50 ? 98   TYR A CD1 1 
ATOM   582 C CD2 . TYR A 1 131 ? -0.852  -1.141  14.453  1.00 144.00 ? 98   TYR A CD2 1 
ATOM   583 C CE1 . TYR A 1 131 ? -2.641  0.870   13.813  1.00 145.63 ? 98   TYR A CE1 1 
ATOM   584 C CE2 . TYR A 1 131 ? -0.381  0.111   14.057  1.00 143.30 ? 98   TYR A CE2 1 
ATOM   585 C CZ  . TYR A 1 131 ? -1.281  1.116   13.735  1.00 150.46 ? 98   TYR A CZ  1 
ATOM   586 O OH  . TYR A 1 131 ? -0.837  2.355   13.335  1.00 149.39 ? 98   TYR A OH  1 
ATOM   587 N N   . ALA A 1 132 ? -3.095  -2.621  11.655  1.00 135.58 ? 99   ALA A N   1 
ATOM   588 C CA  . ALA A 1 132 ? -2.493  -2.506  10.334  1.00 131.45 ? 99   ALA A CA  1 
ATOM   589 C C   . ALA A 1 132 ? -2.318  -1.063  9.945   1.00 132.89 ? 99   ALA A C   1 
ATOM   590 O O   . ALA A 1 132 ? -3.221  -0.257  10.150  1.00 135.08 ? 99   ALA A O   1 
ATOM   591 C CB  . ALA A 1 132 ? -3.342  -3.218  9.304   1.00 133.03 ? 99   ALA A CB  1 
ATOM   592 N N   . GLU A 1 133 ? -1.151  -0.738  9.381   1.00 124.85 ? 100  GLU A N   1 
ATOM   593 C CA  . GLU A 1 133 ? -0.803  0.607   8.948   1.00 122.41 ? 100  GLU A CA  1 
ATOM   594 C C   . GLU A 1 133 ? -0.187  0.542   7.557   1.00 122.02 ? 100  GLU A C   1 
ATOM   595 O O   . GLU A 1 133 ? 0.678   -0.294  7.298   1.00 120.75 ? 100  GLU A O   1 
ATOM   596 C CB  . GLU A 1 133 ? 0.167   1.216   9.947   1.00 123.75 ? 100  GLU A CB  1 
ATOM   597 C CG  . GLU A 1 133 ? 0.417   2.701   9.783   1.00 137.07 ? 100  GLU A CG  1 
ATOM   598 C CD  . GLU A 1 133 ? 1.533   3.187   10.689  1.00 159.87 ? 100  GLU A CD  1 
ATOM   599 O OE1 . GLU A 1 133 ? 1.636   2.672   11.826  1.00 175.76 ? 100  GLU A OE1 1 
ATOM   600 O OE2 . GLU A 1 133 ? 2.340   4.040   10.252  1.00 140.61 ? 100  GLU A OE2 1 
ATOM   601 N N   . VAL A 1 134 ? -0.645  1.409   6.655   1.00 116.88 ? 101  VAL A N   1 
ATOM   602 C CA  . VAL A 1 134 ? -0.186  1.411   5.267   1.00 114.21 ? 101  VAL A CA  1 
ATOM   603 C C   . VAL A 1 134 ? 0.222   2.797   4.817   1.00 118.06 ? 101  VAL A C   1 
ATOM   604 O O   . VAL A 1 134 ? -0.595  3.720   4.843   1.00 119.66 ? 101  VAL A O   1 
ATOM   605 C CB  . VAL A 1 134 ? -1.251  0.762   4.328   1.00 117.92 ? 101  VAL A CB  1 
ATOM   606 C CG1 . VAL A 1 134 ? -1.091  1.205   2.872   1.00 115.47 ? 101  VAL A CG1 1 
ATOM   607 C CG2 . VAL A 1 134 ? -1.163  -0.757  4.423   1.00 119.04 ? 101  VAL A CG2 1 
ATOM   608 N N   . GLU A 1 135 ? 1.478   2.942   4.397   1.00 111.19 ? 102  GLU A N   1 
ATOM   609 C CA  . GLU A 1 135 ? 1.936   4.207   3.859   1.00 109.86 ? 102  GLU A CA  1 
ATOM   610 C C   . GLU A 1 135 ? 2.207   4.010   2.368   1.00 109.50 ? 102  GLU A C   1 
ATOM   611 O O   . GLU A 1 135 ? 2.790   2.995   1.978   1.00 109.13 ? 102  GLU A O   1 
ATOM   612 C CB  . GLU A 1 135 ? 3.176   4.717   4.596   1.00 110.84 ? 102  GLU A CB  1 
ATOM   613 C CG  . GLU A 1 135 ? 3.660   6.049   4.062   1.00 120.49 ? 102  GLU A CG  1 
ATOM   614 C CD  . GLU A 1 135 ? 4.929   6.591   4.685   1.00 137.31 ? 102  GLU A CD  1 
ATOM   615 O OE1 . GLU A 1 135 ? 5.495   5.943   5.594   1.00 132.70 ? 102  GLU A OE1 1 
ATOM   616 O OE2 . GLU A 1 135 ? 5.370   7.674   4.244   1.00 123.38 ? 102  GLU A OE2 1 
ATOM   617 N N   . VAL A 1 136 ? 1.749   4.955   1.533   1.00 102.45 ? 103  VAL A N   1 
ATOM   618 C CA  . VAL A 1 136 ? 1.976   4.899   0.081   1.00 100.59 ? 103  VAL A CA  1 
ATOM   619 C C   . VAL A 1 136 ? 2.649   6.197   -0.382  1.00 104.44 ? 103  VAL A C   1 
ATOM   620 O O   . VAL A 1 136 ? 2.097   7.279   -0.208  1.00 106.27 ? 103  VAL A O   1 
ATOM   621 C CB  . VAL A 1 136 ? 0.713   4.563   -0.769  1.00 104.60 ? 103  VAL A CB  1 
ATOM   622 C CG1 . VAL A 1 136 ? 1.085   4.116   -2.170  1.00 102.96 ? 103  VAL A CG1 1 
ATOM   623 C CG2 . VAL A 1 136 ? -0.157  3.495   -0.116  1.00 105.45 ? 103  VAL A CG2 1 
ATOM   624 N N   . ASP A 1 137 ? 3.853   6.071   -0.942  1.00 99.29  ? 104  ASP A N   1 
ATOM   625 C CA  . ASP A 1 137 ? 4.683   7.176   -1.403  1.00 99.03  ? 104  ASP A CA  1 
ATOM   626 C C   . ASP A 1 137 ? 4.501   7.314   -2.867  1.00 100.43 ? 104  ASP A C   1 
ATOM   627 O O   . ASP A 1 137 ? 4.595   6.327   -3.585  1.00 98.01  ? 104  ASP A O   1 
ATOM   628 C CB  . ASP A 1 137 ? 6.180   6.883   -1.152  1.00 100.22 ? 104  ASP A CB  1 
ATOM   629 C CG  . ASP A 1 137 ? 6.628   6.996   0.283   1.00 121.06 ? 104  ASP A CG  1 
ATOM   630 O OD1 . ASP A 1 137 ? 6.180   6.168   1.122   1.00 129.66 ? 104  ASP A OD1 1 
ATOM   631 O OD2 . ASP A 1 137 ? 7.405   7.922   0.584   1.00 125.16 ? 104  ASP A OD2 1 
ATOM   632 N N   . LYS A 1 138 ? 4.266   8.524   -3.322  1.00 97.99  ? 105  LYS A N   1 
ATOM   633 C CA  . LYS A 1 138 ? 4.211   8.765   -4.740  1.00 99.05  ? 105  LYS A CA  1 
ATOM   634 C C   . LYS A 1 138 ? 5.529   9.526   -4.977  1.00 104.10 ? 105  LYS A C   1 
ATOM   635 O O   . LYS A 1 138 ? 5.617   10.717  -4.660  1.00 105.46 ? 105  LYS A O   1 
ATOM   636 C CB  . LYS A 1 138 ? 2.947   9.554   -5.151  1.00 103.24 ? 105  LYS A CB  1 
ATOM   637 N N   . PRO A 1 139 ? 6.618   8.834   -5.376  1.00 99.98  ? 106  PRO A N   1 
ATOM   638 C CA  . PRO A 1 139 ? 7.883   9.540   -5.561  1.00 100.63 ? 106  PRO A CA  1 
ATOM   639 C C   . PRO A 1 139 ? 7.873   10.648  -6.585  1.00 107.88 ? 106  PRO A C   1 
ATOM   640 O O   . PRO A 1 139 ? 7.340   10.509  -7.676  1.00 109.76 ? 106  PRO A O   1 
ATOM   641 C CB  . PRO A 1 139 ? 8.879   8.445   -5.919  1.00 101.44 ? 106  PRO A CB  1 
ATOM   642 C CG  . PRO A 1 139 ? 8.101   7.337   -6.397  1.00 105.49 ? 106  PRO A CG  1 
ATOM   643 C CD  . PRO A 1 139 ? 6.769   7.403   -5.697  1.00 100.91 ? 106  PRO A CD  1 
ATOM   644 N N   . HIS A 1 140 ? 8.463   11.763  -6.189  1.00 106.65 ? 107  HIS A N   1 
ATOM   645 C CA  . HIS A 1 140 ? 8.608   12.981  -6.974  1.00 109.63 ? 107  HIS A CA  1 
ATOM   646 C C   . HIS A 1 140 ? 7.272   13.438  -7.499  1.00 115.43 ? 107  HIS A C   1 
ATOM   647 O O   . HIS A 1 140 ? 7.116   13.648  -8.697  1.00 118.31 ? 107  HIS A O   1 
ATOM   648 C CB  . HIS A 1 140 ? 9.648   12.770  -8.088  1.00 111.24 ? 107  HIS A CB  1 
ATOM   649 C CG  . HIS A 1 140 ? 11.015  12.407  -7.578  1.00 114.21 ? 107  HIS A CG  1 
ATOM   650 N ND1 . HIS A 1 140 ? 11.226  11.313  -6.747  1.00 113.48 ? 107  HIS A ND1 1 
ATOM   651 C CD2 . HIS A 1 140 ? 12.203  13.021  -7.795  1.00 117.99 ? 107  HIS A CD2 1 
ATOM   652 C CE1 . HIS A 1 140 ? 12.527  11.299  -6.503  1.00 113.23 ? 107  HIS A CE1 1 
ATOM   653 N NE2 . HIS A 1 140 ? 13.156  12.297  -7.121  1.00 116.18 ? 107  HIS A NE2 1 
ATOM   654 N N   . ALA A 1 141 ? 6.287   13.539  -6.606  1.00 109.90 ? 108  ALA A N   1 
ATOM   655 C CA  . ALA A 1 141 ? 4.947   13.975  -6.956  1.00 109.81 ? 108  ALA A CA  1 
ATOM   656 C C   . ALA A 1 141 ? 4.882   15.500  -6.917  1.00 118.35 ? 108  ALA A C   1 
ATOM   657 O O   . ALA A 1 141 ? 4.079   16.112  -7.635  1.00 121.92 ? 108  ALA A O   1 
ATOM   658 C CB  . ALA A 1 141 ? 3.942   13.363  -6.004  1.00 108.52 ? 108  ALA A CB  1 
ATOM   659 N N   . LEU A 1 142 ? 5.712   16.109  -6.066  1.00 114.57 ? 109  LEU A N   1 
ATOM   660 C CA  . LEU A 1 142 ? 5.807   17.551  -5.924  1.00 117.04 ? 109  LEU A CA  1 
ATOM   661 C C   . LEU A 1 142 ? 7.149   17.989  -6.435  1.00 117.76 ? 109  LEU A C   1 
ATOM   662 O O   . LEU A 1 142 ? 8.137   17.262  -6.302  1.00 115.37 ? 109  LEU A O   1 
ATOM   663 C CB  . LEU A 1 142 ? 5.669   18.012  -4.465  1.00 118.56 ? 109  LEU A CB  1 
ATOM   664 C CG  . LEU A 1 142 ? 4.363   17.764  -3.701  1.00 123.51 ? 109  LEU A CG  1 
ATOM   665 C CD1 . LEU A 1 142 ? 4.395   18.434  -2.364  1.00 126.37 ? 109  LEU A CD1 1 
ATOM   666 C CD2 . LEU A 1 142 ? 3.101   18.105  -4.492  1.00 125.89 ? 109  LEU A CD2 1 
ATOM   667 N N   . ARG A 1 143 ? 7.191   19.207  -6.974  1.00 114.59 ? 110  ARG A N   1 
ATOM   668 C CA  . ARG A 1 143 ? 8.418   19.807  -7.464  1.00 115.98 ? 110  ARG A CA  1 
ATOM   669 C C   . ARG A 1 143 ? 9.248   20.064  -6.233  1.00 117.85 ? 110  ARG A C   1 
ATOM   670 O O   . ARG A 1 143 ? 8.695   20.446  -5.199  1.00 117.45 ? 110  ARG A O   1 
ATOM   671 C CB  . ARG A 1 143 ? 8.152   21.160  -8.183  1.00 121.64 ? 110  ARG A CB  1 
ATOM   672 C CG  . ARG A 1 143 ? 6.900   21.255  -9.058  1.00 129.12 ? 110  ARG A CG  1 
ATOM   673 N N   . PHE A 1 144 ? 10.550  19.787  -6.322  1.00 113.01 ? 111  PHE A N   1 
ATOM   674 C CA  . PHE A 1 144 ? 11.554  20.006  -5.276  1.00 112.56 ? 111  PHE A CA  1 
ATOM   675 C C   . PHE A 1 144 ? 11.501  19.110  -4.072  1.00 114.11 ? 111  PHE A C   1 
ATOM   676 O O   . PHE A 1 144 ? 12.368  19.249  -3.224  1.00 116.14 ? 111  PHE A O   1 
ATOM   677 C CB  . PHE A 1 144 ? 11.586  21.465  -4.825  1.00 117.83 ? 111  PHE A CB  1 
ATOM   678 C CG  . PHE A 1 144 ? 11.591  22.461  -5.945  1.00 121.96 ? 111  PHE A CG  1 
ATOM   679 C CD1 . PHE A 1 144 ? 12.528  22.378  -6.968  1.00 124.41 ? 111  PHE A CD1 1 
ATOM   680 C CD2 . PHE A 1 144 ? 10.669  23.488  -5.978  1.00 127.15 ? 111  PHE A CD2 1 
ATOM   681 C CE1 . PHE A 1 144 ? 12.542  23.313  -7.996  1.00 130.82 ? 111  PHE A CE1 1 
ATOM   682 C CE2 . PHE A 1 144 ? 10.689  24.428  -7.003  1.00 131.60 ? 111  PHE A CE2 1 
ATOM   683 C CZ  . PHE A 1 144 ? 11.616  24.325  -8.011  1.00 131.53 ? 111  PHE A CZ  1 
ATOM   684 N N   . ALA A 1 145 ? 10.528  18.194  -3.986  1.00 107.33 ? 112  ALA A N   1 
ATOM   685 C CA  . ALA A 1 145 ? 10.362  17.259  -2.877  1.00 104.79 ? 112  ALA A CA  1 
ATOM   686 C C   . ALA A 1 145 ? 10.603  15.829  -3.334  1.00 108.27 ? 112  ALA A C   1 
ATOM   687 O O   . ALA A 1 145 ? 10.187  15.468  -4.431  1.00 107.08 ? 112  ALA A O   1 
ATOM   688 C CB  . ALA A 1 145 ? 8.970   17.390  -2.295  1.00 104.94 ? 112  ALA A CB  1 
ATOM   689 N N   . GLU A 1 146 ? 11.290  15.023  -2.501  1.00 104.86 ? 113  GLU A N   1 
ATOM   690 C CA  . GLU A 1 146 ? 11.590  13.624  -2.785  1.00 101.79 ? 113  GLU A CA  1 
ATOM   691 C C   . GLU A 1 146 ? 10.340  12.771  -2.935  1.00 103.91 ? 113  GLU A C   1 
ATOM   692 O O   . GLU A 1 146 ? 10.333  11.880  -3.774  1.00 99.04  ? 113  GLU A O   1 
ATOM   693 C CB  . GLU A 1 146 ? 12.500  13.027  -1.715  1.00 102.22 ? 113  GLU A CB  1 
ATOM   694 C CG  . GLU A 1 146 ? 13.963  13.371  -1.932  1.00 118.94 ? 113  GLU A CG  1 
ATOM   695 C CD  . GLU A 1 146 ? 14.567  12.861  -3.228  1.00 148.93 ? 113  GLU A CD  1 
ATOM   696 O OE1 . GLU A 1 146 ? 14.509  11.634  -3.474  1.00 148.93 ? 113  GLU A OE1 1 
ATOM   697 O OE2 . GLU A 1 146 ? 15.091  13.694  -4.005  1.00 142.20 ? 113  GLU A OE2 1 
ATOM   698 N N   . SER A 1 147 ? 9.278   13.049  -2.163  1.00 103.98 ? 114  SER A N   1 
ATOM   699 C CA  . SER A 1 147 ? 8.047   12.250  -2.216  1.00 102.36 ? 114  SER A CA  1 
ATOM   700 C C   . SER A 1 147 ? 6.890   12.938  -1.466  1.00 107.43 ? 114  SER A C   1 
ATOM   701 O O   . SER A 1 147 ? 7.077   13.947  -0.782  1.00 109.07 ? 114  SER A O   1 
ATOM   702 C CB  . SER A 1 147 ? 8.328   10.896  -1.550  1.00 102.65 ? 114  SER A CB  1 
ATOM   703 O OG  . SER A 1 147 ? 7.365   9.892   -1.775  1.00 114.85 ? 114  SER A OG  1 
ATOM   704 N N   . VAL A 1 148 ? 5.705   12.372  -1.604  1.00 102.94 ? 115  VAL A N   1 
ATOM   705 C CA  . VAL A 1 148 ? 4.497   12.736  -0.879  1.00 104.23 ? 115  VAL A CA  1 
ATOM   706 C C   . VAL A 1 148 ? 3.878   11.393  -0.528  1.00 107.96 ? 115  VAL A C   1 
ATOM   707 O O   . VAL A 1 148 ? 3.814   10.510  -1.383  1.00 105.72 ? 115  VAL A O   1 
ATOM   708 C CB  . VAL A 1 148 ? 3.503   13.612  -1.682  1.00 108.96 ? 115  VAL A CB  1 
ATOM   709 C CG1 . VAL A 1 148 ? 2.175   13.767  -0.953  1.00 109.52 ? 115  VAL A CG1 1 
ATOM   710 C CG2 . VAL A 1 148 ? 4.090   14.970  -1.967  1.00 110.92 ? 115  VAL A CG2 1 
ATOM   711 N N   . SER A 1 149 ? 3.445   11.218  0.713   1.00 105.32 ? 116  SER A N   1 
ATOM   712 C CA  . SER A 1 149 ? 2.834   9.964   1.082   1.00 104.15 ? 116  SER A CA  1 
ATOM   713 C C   . SER A 1 149 ? 1.560   10.131  1.837   1.00 113.09 ? 116  SER A C   1 
ATOM   714 O O   . SER A 1 149 ? 1.380   11.134  2.522   1.00 115.78 ? 116  SER A O   1 
ATOM   715 C CB  . SER A 1 149 ? 3.786   9.145   1.932   1.00 104.55 ? 116  SER A CB  1 
ATOM   716 O OG  . SER A 1 149 ? 3.748   9.600   3.274   1.00 110.42 ? 116  SER A OG  1 
ATOM   717 N N   . ILE A 1 150 ? 0.740   9.086   1.818   1.00 110.33 ? 117  ILE A N   1 
ATOM   718 C CA  . ILE A 1 150 ? -0.493  9.017   2.574   1.00 113.01 ? 117  ILE A CA  1 
ATOM   719 C C   . ILE A 1 150 ? -0.412  7.804   3.480   1.00 119.70 ? 117  ILE A C   1 
ATOM   720 O O   . ILE A 1 150 ? -0.100  6.713   3.012   1.00 118.37 ? 117  ILE A O   1 
ATOM   721 C CB  . ILE A 1 150 ? -1.716  8.979   1.638   1.00 116.77 ? 117  ILE A CB  1 
ATOM   722 C CG1 . ILE A 1 150 ? -1.925  10.384  1.001   1.00 118.26 ? 117  ILE A CG1 1 
ATOM   723 C CG2 . ILE A 1 150 ? -3.001  8.576   2.406   1.00 118.53 ? 117  ILE A CG2 1 
ATOM   724 C CD1 . ILE A 1 150 ? -2.246  10.429  -0.485  1.00 126.82 ? 117  ILE A CD1 1 
ATOM   725 N N   . THR A 1 151 ? -0.663  7.991   4.766   1.00 119.69 ? 118  THR A N   1 
ATOM   726 C CA  . THR A 1 151 ? -0.672  6.877   5.693   1.00 120.99 ? 118  THR A CA  1 
ATOM   727 C C   . THR A 1 151 ? -2.067  6.734   6.264   1.00 131.38 ? 118  THR A C   1 
ATOM   728 O O   . THR A 1 151 ? -2.726  7.741   6.518   1.00 133.70 ? 118  THR A O   1 
ATOM   729 C CB  . THR A 1 151 ? 0.359   7.060   6.791   1.00 126.89 ? 118  THR A CB  1 
ATOM   730 O OG1 . THR A 1 151 ? 1.596   7.437   6.202   1.00 126.98 ? 118  THR A OG1 1 
ATOM   731 C CG2 . THR A 1 151 ? 0.553   5.805   7.602   1.00 121.33 ? 118  THR A CG2 1 
ATOM   732 N N   . LEU A 1 152 ? -2.523  5.482   6.444   1.00 130.03 ? 119  LEU A N   1 
ATOM   733 C CA  . LEU A 1 152 ? -3.827  5.140   7.010   1.00 132.82 ? 119  LEU A CA  1 
ATOM   734 C C   . LEU A 1 152 ? -3.643  3.933   7.911   1.00 137.82 ? 119  LEU A C   1 
ATOM   735 O O   . LEU A 1 152 ? -2.794  3.096   7.620   1.00 135.53 ? 119  LEU A O   1 
ATOM   736 N N   . ALA A 1 153 ? -4.391  3.846   9.013   1.00 137.78 ? 120  ALA A N   1 
ATOM   737 C CA  . ALA A 1 153 ? -4.277  2.699   9.912   1.00 139.19 ? 120  ALA A CA  1 
ATOM   738 C C   . ALA A 1 153 ? -5.621  2.202   10.403  1.00 148.17 ? 120  ALA A C   1 
ATOM   739 O O   . ALA A 1 153 ? -6.633  2.899   10.265  1.00 149.78 ? 120  ALA A O   1 
ATOM   740 C CB  . ALA A 1 153 ? -3.371  3.024   11.086  1.00 140.13 ? 120  ALA A CB  1 
ATOM   741 N N   . GLY A 1 154 ? -5.624  1.003   10.972  1.00 146.45 ? 121  GLY A N   1 
ATOM   742 C CA  . GLY A 1 154 ? -6.850  0.424   11.485  1.00 150.07 ? 121  GLY A CA  1 
ATOM   743 C C   . GLY A 1 154 ? -6.701  -0.585  12.597  1.00 156.19 ? 121  GLY A C   1 
ATOM   744 O O   . GLY A 1 154 ? -5.634  -1.174  12.786  1.00 154.07 ? 121  GLY A O   1 
ATOM   745 N N   . HIS A 1 155 ? -7.817  -0.821  13.299  1.00 156.90 ? 122  HIS A N   1 
ATOM   746 C CA  . HIS A 1 155 ? -7.921  -1.788  14.384  1.00 194.58 ? 122  HIS A CA  1 
ATOM   747 C C   . HIS A 1 155 ? -8.713  -3.032  13.934  1.00 237.43 ? 122  HIS A C   1 
ATOM   748 O O   . HIS A 1 155 ? -9.703  -2.919  13.214  1.00 203.57 ? 122  HIS A O   1 
ATOM   749 C CB  . HIS A 1 155 ? -8.567  -1.150  15.622  1.00 198.90 ? 122  HIS A CB  1 
ATOM   750 C CG  . HIS A 1 155 ? -8.689  -2.089  16.786  1.00 205.67 ? 122  HIS A CG  1 
ATOM   751 N ND1 . HIS A 1 155 ? -9.650  -3.088  16.813  1.00 211.11 ? 122  HIS A ND1 1 
ATOM   752 C CD2 . HIS A 1 155 ? -7.960  -2.156  17.923  1.00 208.23 ? 122  HIS A CD2 1 
ATOM   753 C CE1 . HIS A 1 155 ? -9.471  -3.729  17.955  1.00 213.35 ? 122  HIS A CE1 1 
ATOM   754 N NE2 . HIS A 1 155 ? -8.471  -3.201  18.660  1.00 212.07 ? 122  HIS A NE2 1 
HETATM 755 O O   . HOH B 2 .   ? 1.128   -6.239  21.456  1.00 116.03 ? 2001 HOH A O   1 
HETATM 756 O O   . HOH B 2 .   ? 3.030   -10.378 20.524  1.00 126.88 ? 2002 HOH A O   1 
HETATM 757 O O   . HOH B 2 .   ? 12.582  -0.629  -3.800  1.00 105.68 ? 2003 HOH A O   1 
HETATM 758 O O   . HOH B 2 .   ? -0.118  6.290   -13.866 1.00 85.63  ? 2004 HOH A O   1 
HETATM 759 O O   . HOH B 2 .   ? -1.642  11.933  -13.138 1.00 120.79 ? 2005 HOH A O   1 
HETATM 760 O O   . HOH B 2 .   ? 3.285   10.242  -8.493  1.00 127.52 ? 2006 HOH A O   1 
HETATM 761 O O   . HOH B 2 .   ? -9.533  -7.590  10.129  1.00 107.16 ? 2007 HOH A O   1 
HETATM 762 O O   . HOH B 2 .   ? 15.740  18.128  -3.996  1.00 110.94 ? 2008 HOH A O   1 
# 
loop_
_pdbx_poly_seq_scheme.asym_id 
_pdbx_poly_seq_scheme.entity_id 
_pdbx_poly_seq_scheme.seq_id 
_pdbx_poly_seq_scheme.mon_id 
_pdbx_poly_seq_scheme.ndb_seq_num 
_pdbx_poly_seq_scheme.pdb_seq_num 
_pdbx_poly_seq_scheme.auth_seq_num 
_pdbx_poly_seq_scheme.pdb_mon_id 
_pdbx_poly_seq_scheme.auth_mon_id 
_pdbx_poly_seq_scheme.pdb_strand_id 
_pdbx_poly_seq_scheme.pdb_ins_code 
_pdbx_poly_seq_scheme.hetero 
A 1 1   MET 1   -32 ?   ?   ?   A . n 
A 1 2   HIS 2   -31 ?   ?   ?   A . n 
A 1 3   HIS 3   -30 ?   ?   ?   A . n 
A 1 4   HIS 4   -29 ?   ?   ?   A . n 
A 1 5   HIS 5   -28 ?   ?   ?   A . n 
A 1 6   HIS 6   -27 ?   ?   ?   A . n 
A 1 7   HIS 7   -26 ?   ?   ?   A . n 
A 1 8   GLY 8   -25 ?   ?   ?   A . n 
A 1 9   LYS 9   -24 ?   ?   ?   A . n 
A 1 10  PRO 10  -23 ?   ?   ?   A . n 
A 1 11  ILE 11  -22 ?   ?   ?   A . n 
A 1 12  PRO 12  -21 ?   ?   ?   A . n 
A 1 13  ASN 13  -20 ?   ?   ?   A . n 
A 1 14  PRO 14  -19 ?   ?   ?   A . n 
A 1 15  LEU 15  -18 ?   ?   ?   A . n 
A 1 16  LEU 16  -17 ?   ?   ?   A . n 
A 1 17  GLY 17  -16 ?   ?   ?   A . n 
A 1 18  LEU 18  -15 ?   ?   ?   A . n 
A 1 19  ASP 19  -14 ?   ?   ?   A . n 
A 1 20  SER 20  -13 ?   ?   ?   A . n 
A 1 21  THR 21  -12 ?   ?   ?   A . n 
A 1 22  GLU 22  -11 ?   ?   ?   A . n 
A 1 23  ASN 23  -10 ?   ?   ?   A . n 
A 1 24  LEU 24  -9  ?   ?   ?   A . n 
A 1 25  TYR 25  -8  ?   ?   ?   A . n 
A 1 26  PHE 26  -7  ?   ?   ?   A . n 
A 1 27  GLN 27  -6  ?   ?   ?   A . n 
A 1 28  GLY 28  -5  ?   ?   ?   A . n 
A 1 29  ILE 29  -4  ?   ?   ?   A . n 
A 1 30  ASP 30  -3  ?   ?   ?   A . n 
A 1 31  PRO 31  -2  ?   ?   ?   A . n 
A 1 32  PHE 32  -1  ?   ?   ?   A . n 
A 1 33  THR 33  0   ?   ?   ?   A . n 
A 1 34  MET 34  1   ?   ?   ?   A . n 
A 1 35  PRO 35  2   ?   ?   ?   A . n 
A 1 36  ARG 36  3   ?   ?   ?   A . n 
A 1 37  LEU 37  4   ?   ?   ?   A . n 
A 1 38  GLU 38  5   ?   ?   ?   A . n 
A 1 39  PRO 39  6   6   PRO PRO A . n 
A 1 40  GLY 40  7   7   GLY GLY A . n 
A 1 41  MET 41  8   8   MET MET A . n 
A 1 42  ALA 42  9   9   ALA ALA A . n 
A 1 43  ARG 43  10  10  ARG ARG A . n 
A 1 44  ILE 44  11  11  ILE ILE A . n 
A 1 45  ARG 45  12  12  ARG ARG A . n 
A 1 46  VAL 46  13  13  VAL VAL A . n 
A 1 47  LYS 47  14  14  LYS LYS A . n 
A 1 48  ASP 48  15  15  ASP ASP A . n 
A 1 49  LEU 49  16  16  LEU LEU A . n 
A 1 50  ARG 50  17  17  ARG ARG A . n 
A 1 51  LEU 51  18  18  LEU LEU A . n 
A 1 52  ARG 52  19  19  ARG ARG A . n 
A 1 53  THR 53  20  20  THR THR A . n 
A 1 54  PHE 54  21  21  PHE PHE A . n 
A 1 55  ILE 55  22  22  ILE ILE A . n 
A 1 56  GLY 56  23  23  GLY GLY A . n 
A 1 57  ILE 57  24  24  ILE ILE A . n 
A 1 58  LYS 58  25  25  LYS LYS A . n 
A 1 59  GLU 59  26  26  GLU GLU A . n 
A 1 60  GLU 60  27  27  GLU GLU A . n 
A 1 61  GLU 61  28  28  GLU GLU A . n 
A 1 62  ILE 62  29  29  ILE ILE A . n 
A 1 63  LEU 63  30  30  LEU LEU A . n 
A 1 64  ASN 64  31  31  ASN ASN A . n 
A 1 65  LYS 65  32  32  LYS LYS A . n 
A 1 66  GLN 66  33  33  GLN GLN A . n 
A 1 67  ASP 67  34  34  ASP ASP A . n 
A 1 68  VAL 68  35  35  VAL VAL A . n 
A 1 69  LEU 69  36  36  LEU LEU A . n 
A 1 70  ILE 70  37  37  ILE ILE A . n 
A 1 71  ASN 71  38  38  ASN ASN A . n 
A 1 72  LEU 72  39  39  LEU LEU A . n 
A 1 73  THR 73  40  40  THR THR A . n 
A 1 74  ILE 74  41  41  ILE ILE A . n 
A 1 75  LEU 75  42  42  LEU LEU A . n 
A 1 76  TYR 76  43  43  TYR TYR A . n 
A 1 77  PRO 77  44  44  PRO PRO A . n 
A 1 78  ALA 78  45  45  ALA ALA A . n 
A 1 79  ALA 79  46  ?   ?   ?   A . n 
A 1 80  ASP 80  47  ?   ?   ?   A . n 
A 1 81  ALA 81  48  ?   ?   ?   A . n 
A 1 82  VAL 82  49  ?   ?   ?   A . n 
A 1 83  GLU 83  50  ?   ?   ?   A . n 
A 1 84  VAL 84  51  ?   ?   ?   A . n 
A 1 85  ASN 85  52  ?   ?   ?   A . n 
A 1 86  ASP 86  53  ?   ?   ?   A . n 
A 1 87  ILE 87  54  ?   ?   ?   A . n 
A 1 88  GLU 88  55  ?   ?   ?   A . n 
A 1 89  HIS 89  56  56  HIS HIS A . n 
A 1 90  ALA 90  57  57  ALA ALA A . n 
A 1 91  LEU 91  58  58  LEU LEU A . n 
A 1 92  ASN 92  59  59  ASN ASN A . n 
A 1 93  TYR 93  60  60  TYR TYR A . n 
A 1 94  ARG 94  61  61  ARG ARG A . n 
A 1 95  THR 95  62  62  THR THR A . n 
A 1 96  ILE 96  63  63  ILE ILE A . n 
A 1 97  THR 97  64  64  THR THR A . n 
A 1 98  LYS 98  65  65  LYS LYS A . n 
A 1 99  ALA 99  66  66  ALA ALA A . n 
A 1 100 ILE 100 67  67  ILE ILE A . n 
A 1 101 ILE 101 68  68  ILE ILE A . n 
A 1 102 ARG 102 69  69  ARG ARG A . n 
A 1 103 HIS 103 70  70  HIS HIS A . n 
A 1 104 VAL 104 71  71  VAL VAL A . n 
A 1 105 GLU 105 72  72  GLU GLU A . n 
A 1 106 GLU 106 73  73  GLU GLU A . n 
A 1 107 ASN 107 74  74  ASN ASN A . n 
A 1 108 ARG 108 75  75  ARG ARG A . n 
A 1 109 PHE 109 76  76  PHE PHE A . n 
A 1 110 ALA 110 77  77  ALA ALA A . n 
A 1 111 LEU 111 78  78  LEU LEU A . n 
A 1 112 LEU 112 79  79  LEU LEU A . n 
A 1 113 GLU 113 80  80  GLU GLU A . n 
A 1 114 ARG 114 81  81  ARG ARG A . n 
A 1 115 MET 115 82  82  MET MET A . n 
A 1 116 THR 116 83  83  THR THR A . n 
A 1 117 GLN 117 84  84  GLN GLN A . n 
A 1 118 GLU 118 85  85  GLU GLU A . n 
A 1 119 ILE 119 86  86  ILE ILE A . n 
A 1 120 LEU 120 87  87  LEU LEU A . n 
A 1 121 ASP 121 88  88  ASP ASP A . n 
A 1 122 LEU 122 89  89  LEU LEU A . n 
A 1 123 VAL 123 90  90  VAL VAL A . n 
A 1 124 MET 124 91  91  MET MET A . n 
A 1 125 GLU 125 92  92  GLU GLU A . n 
A 1 126 ASN 126 93  93  ASN ASN A . n 
A 1 127 PRO 127 94  94  PRO PRO A . n 
A 1 128 ALA 128 95  95  ALA ALA A . n 
A 1 129 VAL 129 96  96  VAL VAL A . n 
A 1 130 ARG 130 97  97  ARG ARG A . n 
A 1 131 TYR 131 98  98  TYR TYR A . n 
A 1 132 ALA 132 99  99  ALA ALA A . n 
A 1 133 GLU 133 100 100 GLU GLU A . n 
A 1 134 VAL 134 101 101 VAL VAL A . n 
A 1 135 GLU 135 102 102 GLU GLU A . n 
A 1 136 VAL 136 103 103 VAL VAL A . n 
A 1 137 ASP 137 104 104 ASP ASP A . n 
A 1 138 LYS 138 105 105 LYS LYS A . n 
A 1 139 PRO 139 106 106 PRO PRO A . n 
A 1 140 HIS 140 107 107 HIS HIS A . n 
A 1 141 ALA 141 108 108 ALA ALA A . n 
A 1 142 LEU 142 109 109 LEU LEU A . n 
A 1 143 ARG 143 110 110 ARG ARG A . n 
A 1 144 PHE 144 111 111 PHE PHE A . n 
A 1 145 ALA 145 112 112 ALA ALA A . n 
A 1 146 GLU 146 113 113 GLU GLU A . n 
A 1 147 SER 147 114 114 SER SER A . n 
A 1 148 VAL 148 115 115 VAL VAL A . n 
A 1 149 SER 149 116 116 SER SER A . n 
A 1 150 ILE 150 117 117 ILE ILE A . n 
A 1 151 THR 151 118 118 THR THR A . n 
A 1 152 LEU 152 119 119 LEU LEU A . n 
A 1 153 ALA 153 120 120 ALA ALA A . n 
A 1 154 GLY 154 121 121 GLY GLY A . n 
A 1 155 HIS 155 122 122 HIS HIS A . n 
A 1 156 ARG 156 123 ?   ?   ?   A . n 
# 
loop_
_pdbx_nonpoly_scheme.asym_id 
_pdbx_nonpoly_scheme.entity_id 
_pdbx_nonpoly_scheme.mon_id 
_pdbx_nonpoly_scheme.ndb_seq_num 
_pdbx_nonpoly_scheme.pdb_seq_num 
_pdbx_nonpoly_scheme.auth_seq_num 
_pdbx_nonpoly_scheme.pdb_mon_id 
_pdbx_nonpoly_scheme.auth_mon_id 
_pdbx_nonpoly_scheme.pdb_strand_id 
_pdbx_nonpoly_scheme.pdb_ins_code 
B 2 HOH 1 2001 2001 HOH HOH A . 
B 2 HOH 2 2002 2002 HOH HOH A . 
B 2 HOH 3 2003 2003 HOH HOH A . 
B 2 HOH 4 2004 2004 HOH HOH A . 
B 2 HOH 5 2005 2005 HOH HOH A . 
B 2 HOH 6 2006 2006 HOH HOH A . 
B 2 HOH 7 2007 2007 HOH HOH A . 
B 2 HOH 8 2008 2008 HOH HOH A . 
# 
_pdbx_struct_assembly.id                   1 
_pdbx_struct_assembly.details              author_and_software_defined_assembly 
_pdbx_struct_assembly.method_details       PISA 
_pdbx_struct_assembly.oligomeric_details   octameric 
_pdbx_struct_assembly.oligomeric_count     8 
# 
_pdbx_struct_assembly_gen.assembly_id       1 
_pdbx_struct_assembly_gen.oper_expression   1,2,3,4,5,6,7,8 
_pdbx_struct_assembly_gen.asym_id_list      A,B 
# 
loop_
_pdbx_struct_assembly_prop.biol_id 
_pdbx_struct_assembly_prop.type 
_pdbx_struct_assembly_prop.value 
_pdbx_struct_assembly_prop.details 
1 'ABSA (A^2)' 15530 ? 
1 MORE         -97.9 ? 
1 'SSA (A^2)'  51170 ? 
# 
loop_
_pdbx_struct_oper_list.id 
_pdbx_struct_oper_list.type 
_pdbx_struct_oper_list.name 
_pdbx_struct_oper_list.symmetry_operation 
_pdbx_struct_oper_list.matrix[1][1] 
_pdbx_struct_oper_list.matrix[1][2] 
_pdbx_struct_oper_list.matrix[1][3] 
_pdbx_struct_oper_list.vector[1] 
_pdbx_struct_oper_list.matrix[2][1] 
_pdbx_struct_oper_list.matrix[2][2] 
_pdbx_struct_oper_list.matrix[2][3] 
_pdbx_struct_oper_list.vector[2] 
_pdbx_struct_oper_list.matrix[3][1] 
_pdbx_struct_oper_list.matrix[3][2] 
_pdbx_struct_oper_list.matrix[3][3] 
_pdbx_struct_oper_list.vector[3] 
1 'identity operation'         1_555  x,y,z      1.0000000000  0.0000000000  0.0000000000  0.0000000000  0.0000000000  1.0000000000  0.0000000000  0.0000000000   0.0000000000  0.0000000000  1.0000000000  0.0000000000   
2 'crystal symmetry operation' 15_555 y,-x,z     0.4063946113  -0.7934267510 -0.4531196428 18.2596015264 0.7456667272  0.0014032050  0.6663176141  -10.8684650983 -0.5280384000 -0.6086641289 0.5922021837  15.6552612419  
3 'crystal symmetry operation' 16_555 -y,x,z     0.4063946113  0.7456667272  -0.5280384000 8.9502282331  -0.7934267510 0.0014032050  -0.6086641289 24.0317029452  -0.4531196428 0.6663176141  0.5922021837  6.2445539614   
4 'crystal symmetry operation' 2_555  -x,-y,z    -0.1872107775 -0.0477600238 -0.9811580428 27.2098297596 -0.0477600238 -0.9971935899 0.0576534853  13.1632378470  -0.9811580428 0.0576534853  0.1844043674  21.8998152033  
5 'crystal symmetry operation' 3_556  -x,y,-z+1  -0.0390339881 -0.5658194569 0.8236046927  27.5688114590 -0.5658194569 -0.6668439322 -0.4849407307 22.8780890997  0.8236046927  -0.4849407307 -0.2941220797 -16.4494240611 
6 'crystal symmetry operation' 13_556 y,x,-z+1   0.0598816267  0.5188820070  0.8527459491  18.7648871933 0.5188820070  -0.7459730121 0.4174754221  -1.2397580279  0.8527459491  0.4174754221  -0.3139086146 -22.5685868716 
7 'crystal symmetry operation' 14_556 -y,-x,-z+1 -0.8726708493 -0.4711219832 0.1284120937  45.8994020347 -0.4711219832 0.7431666020  -0.4751289073 12.2021474566  0.1284120937  -0.4751289073 -0.8704957528 -0.7447271450  
8 'crystal symmetry operation' 4_556  x,-y,-z+1  -0.7737552344 0.6135794807  0.1575533500  37.0954777690 0.6135794807  0.6640375221  0.4272872455  -11.9156996711 0.1575533500  0.4272872455  -0.8902822877 -6.8638899555 
# 
loop_
_pdbx_audit_revision_history.ordinal 
_pdbx_audit_revision_history.data_content_type 
_pdbx_audit_revision_history.major_revision 
_pdbx_audit_revision_history.minor_revision 
_pdbx_audit_revision_history.revision_date 
1 'Structure model' 1 0 2012-03-21 
2 'Structure model' 1 1 2012-05-02 
3 'Structure model' 1 2 2012-05-23 
4 'Structure model' 1 3 2012-06-20 
5 'Structure model' 1 4 2023-12-20 
# 
_pdbx_audit_revision_details.ordinal             1 
_pdbx_audit_revision_details.revision_ordinal    1 
_pdbx_audit_revision_details.data_content_type   'Structure model' 
_pdbx_audit_revision_details.provider            repository 
_pdbx_audit_revision_details.type                'Initial release' 
_pdbx_audit_revision_details.description         ? 
_pdbx_audit_revision_details.details             ? 
# 
loop_
_pdbx_audit_revision_group.ordinal 
_pdbx_audit_revision_group.revision_ordinal 
_pdbx_audit_revision_group.data_content_type 
_pdbx_audit_revision_group.group 
1 2 'Structure model' Other                    
2 3 'Structure model' Other                    
3 4 'Structure model' Other                    
4 5 'Structure model' 'Data collection'        
5 5 'Structure model' 'Database references'    
6 5 'Structure model' Other                    
7 5 'Structure model' 'Refinement description' 
# 
loop_
_pdbx_audit_revision_category.ordinal 
_pdbx_audit_revision_category.revision_ordinal 
_pdbx_audit_revision_category.data_content_type 
_pdbx_audit_revision_category.category 
1 5 'Structure model' chem_comp_atom                
2 5 'Structure model' chem_comp_bond                
3 5 'Structure model' database_2                    
4 5 'Structure model' pdbx_database_status          
5 5 'Structure model' pdbx_initial_refinement_model 
# 
loop_
_pdbx_audit_revision_item.ordinal 
_pdbx_audit_revision_item.revision_ordinal 
_pdbx_audit_revision_item.data_content_type 
_pdbx_audit_revision_item.item 
1 5 'Structure model' '_database_2.pdbx_DOI'                 
2 5 'Structure model' '_database_2.pdbx_database_accession'  
3 5 'Structure model' '_pdbx_database_status.status_code_sf' 
# 
_pdbx_refine_tls.pdbx_refine_id   'X-RAY DIFFRACTION' 
_pdbx_refine_tls.id               1 
_pdbx_refine_tls.details          ? 
_pdbx_refine_tls.method           refined 
_pdbx_refine_tls.origin_x         0.2458 
_pdbx_refine_tls.origin_y         0.2161 
_pdbx_refine_tls.origin_z         -0.4870 
_pdbx_refine_tls.T[1][1]          -0.1739 
_pdbx_refine_tls.T[2][2]          -0.2021 
_pdbx_refine_tls.T[3][3]          0.1112 
_pdbx_refine_tls.T[1][2]          0.0720 
_pdbx_refine_tls.T[1][3]          -0.3289 
_pdbx_refine_tls.T[2][3]          -0.1765 
_pdbx_refine_tls.L[1][1]          5.3822 
_pdbx_refine_tls.L[2][2]          2.0677 
_pdbx_refine_tls.L[3][3]          3.4818 
_pdbx_refine_tls.L[1][2]          -3.7364 
_pdbx_refine_tls.L[1][3]          0.9006 
_pdbx_refine_tls.L[2][3]          -0.8649 
_pdbx_refine_tls.S[1][1]          -0.0383 
_pdbx_refine_tls.S[1][2]          0.0725 
_pdbx_refine_tls.S[1][3]          -0.5352 
_pdbx_refine_tls.S[2][1]          0.2561 
_pdbx_refine_tls.S[2][2]          -0.1584 
_pdbx_refine_tls.S[2][3]          0.6838 
_pdbx_refine_tls.S[3][1]          -0.1693 
_pdbx_refine_tls.S[3][2]          -0.8234 
_pdbx_refine_tls.S[3][3]          0.1966 
# 
_pdbx_refine_tls_group.pdbx_refine_id      'X-RAY DIFFRACTION' 
_pdbx_refine_tls_group.id                  1 
_pdbx_refine_tls_group.refine_tls_id       1 
_pdbx_refine_tls_group.beg_auth_asym_id    ? 
_pdbx_refine_tls_group.beg_auth_seq_id     ? 
_pdbx_refine_tls_group.beg_label_asym_id   ? 
_pdbx_refine_tls_group.beg_label_seq_id    ? 
_pdbx_refine_tls_group.end_auth_asym_id    ? 
_pdbx_refine_tls_group.end_auth_seq_id     ? 
_pdbx_refine_tls_group.end_label_asym_id   ? 
_pdbx_refine_tls_group.end_label_seq_id    ? 
_pdbx_refine_tls_group.selection           ? 
_pdbx_refine_tls_group.selection_details   '(CHAIN A)' 
# 
loop_
_software.name 
_software.classification 
_software.version 
_software.citation_id 
_software.pdbx_ordinal 
BUSTER refinement       2.10.0 ? 1 
MOSFLM 'data reduction' .      ? 2 
SCALA  'data scaling'   .      ? 3 
BALBES phasing          .      ? 4 
# 
_pdbx_entry_details.entry_id                 4AEY 
_pdbx_entry_details.compound_details         ? 
_pdbx_entry_details.source_details           ? 
_pdbx_entry_details.nonpolymer_details       ? 
_pdbx_entry_details.sequence_details         
;THE PROTEIN HAS AN N-TERMINAL HIS-TAG AND TEV
 CLEAVAGE SITE
;
_pdbx_entry_details.has_ligand_of_interest   ? 
# 
loop_
_pdbx_validate_torsion.id 
_pdbx_validate_torsion.PDB_model_num 
_pdbx_validate_torsion.auth_comp_id 
_pdbx_validate_torsion.auth_asym_id 
_pdbx_validate_torsion.auth_seq_id 
_pdbx_validate_torsion.PDB_ins_code 
_pdbx_validate_torsion.label_alt_id 
_pdbx_validate_torsion.phi 
_pdbx_validate_torsion.psi 
1 1 MET A 8   ? ? 69.84   -123.79 
2 1 TYR A 43  ? ? -156.69 67.16   
3 1 ASN A 59  ? ? -52.16  -73.61  
4 1 LEU A 78  ? ? 112.92  122.08  
5 1 ARG A 97  ? ? -145.17 -41.01  
6 1 PHE A 111 ? ? 70.96   -2.14   
# 
loop_
_pdbx_unobs_or_zero_occ_atoms.id 
_pdbx_unobs_or_zero_occ_atoms.PDB_model_num 
_pdbx_unobs_or_zero_occ_atoms.polymer_flag 
_pdbx_unobs_or_zero_occ_atoms.occupancy_flag 
_pdbx_unobs_or_zero_occ_atoms.auth_asym_id 
_pdbx_unobs_or_zero_occ_atoms.auth_comp_id 
_pdbx_unobs_or_zero_occ_atoms.auth_seq_id 
_pdbx_unobs_or_zero_occ_atoms.PDB_ins_code 
_pdbx_unobs_or_zero_occ_atoms.auth_atom_id 
_pdbx_unobs_or_zero_occ_atoms.label_alt_id 
_pdbx_unobs_or_zero_occ_atoms.label_asym_id 
_pdbx_unobs_or_zero_occ_atoms.label_comp_id 
_pdbx_unobs_or_zero_occ_atoms.label_seq_id 
_pdbx_unobs_or_zero_occ_atoms.label_atom_id 
1   1 Y 1 A ARG 10  ? CG  ? A ARG 43  CG  
2   1 Y 1 A ARG 10  ? CD  ? A ARG 43  CD  
3   1 Y 1 A ARG 10  ? NE  ? A ARG 43  NE  
4   1 Y 1 A ARG 10  ? CZ  ? A ARG 43  CZ  
5   1 Y 1 A ARG 10  ? NH1 ? A ARG 43  NH1 
6   1 Y 1 A ARG 10  ? NH2 ? A ARG 43  NH2 
7   1 Y 1 A ARG 12  ? CG  ? A ARG 45  CG  
8   1 Y 1 A ARG 12  ? CD  ? A ARG 45  CD  
9   1 Y 1 A ARG 12  ? NE  ? A ARG 45  NE  
10  1 Y 1 A ARG 12  ? CZ  ? A ARG 45  CZ  
11  1 Y 1 A ARG 12  ? NH1 ? A ARG 45  NH1 
12  1 Y 1 A ARG 12  ? NH2 ? A ARG 45  NH2 
13  1 Y 1 A ILE 24  ? CG1 ? A ILE 57  CG1 
14  1 Y 1 A ILE 24  ? CG2 ? A ILE 57  CG2 
15  1 Y 1 A ILE 24  ? CD1 ? A ILE 57  CD1 
16  1 Y 1 A GLU 26  ? CG  ? A GLU 59  CG  
17  1 Y 1 A GLU 26  ? CD  ? A GLU 59  CD  
18  1 Y 1 A GLU 26  ? OE1 ? A GLU 59  OE1 
19  1 Y 1 A GLU 26  ? OE2 ? A GLU 59  OE2 
20  1 Y 1 A GLU 27  ? CG  ? A GLU 60  CG  
21  1 Y 1 A GLU 27  ? CD  ? A GLU 60  CD  
22  1 Y 1 A GLU 27  ? OE1 ? A GLU 60  OE1 
23  1 Y 1 A GLU 27  ? OE2 ? A GLU 60  OE2 
24  1 Y 1 A GLU 28  ? CB  ? A GLU 61  CB  
25  1 Y 1 A GLU 28  ? CG  ? A GLU 61  CG  
26  1 Y 1 A GLU 28  ? CD  ? A GLU 61  CD  
27  1 Y 1 A GLU 28  ? OE1 ? A GLU 61  OE1 
28  1 Y 1 A GLU 28  ? OE2 ? A GLU 61  OE2 
29  1 Y 1 A ILE 29  ? CG1 ? A ILE 62  CG1 
30  1 Y 1 A ILE 29  ? CG2 ? A ILE 62  CG2 
31  1 Y 1 A ILE 29  ? CD1 ? A ILE 62  CD1 
32  1 Y 1 A LEU 39  ? CG  ? A LEU 72  CG  
33  1 Y 1 A LEU 39  ? CD1 ? A LEU 72  CD1 
34  1 Y 1 A LEU 39  ? CD2 ? A LEU 72  CD2 
35  1 Y 1 A ILE 41  ? CG1 ? A ILE 74  CG1 
36  1 Y 1 A ILE 41  ? CG2 ? A ILE 74  CG2 
37  1 Y 1 A ILE 41  ? CD1 ? A ILE 74  CD1 
38  1 Y 1 A LEU 42  ? CB  ? A LEU 75  CB  
39  1 Y 1 A LEU 42  ? CG  ? A LEU 75  CG  
40  1 Y 1 A LEU 42  ? CD1 ? A LEU 75  CD1 
41  1 Y 1 A LEU 42  ? CD2 ? A LEU 75  CD2 
42  1 Y 1 A TYR 43  ? CB  ? A TYR 76  CB  
43  1 Y 1 A TYR 43  ? CG  ? A TYR 76  CG  
44  1 Y 1 A TYR 43  ? CD1 ? A TYR 76  CD1 
45  1 Y 1 A TYR 43  ? CD2 ? A TYR 76  CD2 
46  1 Y 1 A TYR 43  ? CE1 ? A TYR 76  CE1 
47  1 Y 1 A TYR 43  ? CE2 ? A TYR 76  CE2 
48  1 Y 1 A TYR 43  ? CZ  ? A TYR 76  CZ  
49  1 Y 1 A TYR 43  ? OH  ? A TYR 76  OH  
50  1 Y 1 A LEU 58  ? CG  ? A LEU 91  CG  
51  1 Y 1 A LEU 58  ? CD1 ? A LEU 91  CD1 
52  1 Y 1 A LEU 58  ? CD2 ? A LEU 91  CD2 
53  1 Y 1 A ASN 59  ? CG  ? A ASN 92  CG  
54  1 Y 1 A ASN 59  ? OD1 ? A ASN 92  OD1 
55  1 Y 1 A ASN 59  ? ND2 ? A ASN 92  ND2 
56  1 Y 1 A ARG 61  ? CB  ? A ARG 94  CB  
57  1 Y 1 A ARG 61  ? CG  ? A ARG 94  CG  
58  1 Y 1 A ARG 61  ? CD  ? A ARG 94  CD  
59  1 Y 1 A ARG 61  ? NE  ? A ARG 94  NE  
60  1 Y 1 A ARG 61  ? CZ  ? A ARG 94  CZ  
61  1 Y 1 A ARG 61  ? NH1 ? A ARG 94  NH1 
62  1 Y 1 A ARG 61  ? NH2 ? A ARG 94  NH2 
63  1 Y 1 A LYS 65  ? CG  ? A LYS 98  CG  
64  1 Y 1 A LYS 65  ? CD  ? A LYS 98  CD  
65  1 Y 1 A LYS 65  ? CE  ? A LYS 98  CE  
66  1 Y 1 A LYS 65  ? NZ  ? A LYS 98  NZ  
67  1 Y 1 A ARG 69  ? CG  ? A ARG 102 CG  
68  1 Y 1 A ARG 69  ? CD  ? A ARG 102 CD  
69  1 Y 1 A ARG 69  ? NE  ? A ARG 102 NE  
70  1 Y 1 A ARG 69  ? CZ  ? A ARG 102 CZ  
71  1 Y 1 A ARG 69  ? NH1 ? A ARG 102 NH1 
72  1 Y 1 A ARG 69  ? NH2 ? A ARG 102 NH2 
73  1 Y 1 A ARG 75  ? CG  ? A ARG 108 CG  
74  1 Y 1 A ARG 75  ? CD  ? A ARG 108 CD  
75  1 Y 1 A ARG 75  ? NE  ? A ARG 108 NE  
76  1 Y 1 A ARG 75  ? CZ  ? A ARG 108 CZ  
77  1 Y 1 A ARG 75  ? NH1 ? A ARG 108 NH1 
78  1 Y 1 A ARG 75  ? NH2 ? A ARG 108 NH2 
79  1 Y 1 A LEU 78  ? CB  ? A LEU 111 CB  
80  1 Y 1 A LEU 78  ? CG  ? A LEU 111 CG  
81  1 Y 1 A LEU 78  ? CD1 ? A LEU 111 CD1 
82  1 Y 1 A LEU 78  ? CD2 ? A LEU 111 CD2 
83  1 Y 1 A LEU 79  ? CB  ? A LEU 112 CB  
84  1 Y 1 A LEU 79  ? CG  ? A LEU 112 CG  
85  1 Y 1 A LEU 79  ? CD1 ? A LEU 112 CD1 
86  1 Y 1 A LEU 79  ? CD2 ? A LEU 112 CD2 
87  1 Y 1 A ARG 81  ? CG  ? A ARG 114 CG  
88  1 Y 1 A ARG 81  ? CD  ? A ARG 114 CD  
89  1 Y 1 A ARG 81  ? NE  ? A ARG 114 NE  
90  1 Y 1 A ARG 81  ? CZ  ? A ARG 114 CZ  
91  1 Y 1 A ARG 81  ? NH1 ? A ARG 114 NH1 
92  1 Y 1 A ARG 81  ? NH2 ? A ARG 114 NH2 
93  1 Y 1 A ASN 93  ? CG  ? A ASN 126 CG  
94  1 Y 1 A ASN 93  ? OD1 ? A ASN 126 OD1 
95  1 Y 1 A ASN 93  ? ND2 ? A ASN 126 ND2 
96  1 Y 1 A ARG 97  ? CB  ? A ARG 130 CB  
97  1 Y 1 A ARG 97  ? CG  ? A ARG 130 CG  
98  1 Y 1 A ARG 97  ? CD  ? A ARG 130 CD  
99  1 Y 1 A ARG 97  ? NE  ? A ARG 130 NE  
100 1 Y 1 A ARG 97  ? CZ  ? A ARG 130 CZ  
101 1 Y 1 A ARG 97  ? NH1 ? A ARG 130 NH1 
102 1 Y 1 A ARG 97  ? NH2 ? A ARG 130 NH2 
103 1 Y 1 A LYS 105 ? CG  ? A LYS 138 CG  
104 1 Y 1 A LYS 105 ? CD  ? A LYS 138 CD  
105 1 Y 1 A LYS 105 ? CE  ? A LYS 138 CE  
106 1 Y 1 A LYS 105 ? NZ  ? A LYS 138 NZ  
107 1 Y 1 A ARG 110 ? CD  ? A ARG 143 CD  
108 1 Y 1 A ARG 110 ? NE  ? A ARG 143 NE  
109 1 Y 1 A ARG 110 ? CZ  ? A ARG 143 CZ  
110 1 Y 1 A ARG 110 ? NH1 ? A ARG 143 NH1 
111 1 Y 1 A ARG 110 ? NH2 ? A ARG 143 NH2 
112 1 Y 1 A LEU 119 ? CB  ? A LEU 152 CB  
113 1 Y 1 A LEU 119 ? CG  ? A LEU 152 CG  
114 1 Y 1 A LEU 119 ? CD1 ? A LEU 152 CD1 
115 1 Y 1 A LEU 119 ? CD2 ? A LEU 152 CD2 
# 
loop_
_pdbx_unobs_or_zero_occ_residues.id 
_pdbx_unobs_or_zero_occ_residues.PDB_model_num 
_pdbx_unobs_or_zero_occ_residues.polymer_flag 
_pdbx_unobs_or_zero_occ_residues.occupancy_flag 
_pdbx_unobs_or_zero_occ_residues.auth_asym_id 
_pdbx_unobs_or_zero_occ_residues.auth_comp_id 
_pdbx_unobs_or_zero_occ_residues.auth_seq_id 
_pdbx_unobs_or_zero_occ_residues.PDB_ins_code 
_pdbx_unobs_or_zero_occ_residues.label_asym_id 
_pdbx_unobs_or_zero_occ_residues.label_comp_id 
_pdbx_unobs_or_zero_occ_residues.label_seq_id 
1  1 Y 1 A MET -32 ? A MET 1   
2  1 Y 1 A HIS -31 ? A HIS 2   
3  1 Y 1 A HIS -30 ? A HIS 3   
4  1 Y 1 A HIS -29 ? A HIS 4   
5  1 Y 1 A HIS -28 ? A HIS 5   
6  1 Y 1 A HIS -27 ? A HIS 6   
7  1 Y 1 A HIS -26 ? A HIS 7   
8  1 Y 1 A GLY -25 ? A GLY 8   
9  1 Y 1 A LYS -24 ? A LYS 9   
10 1 Y 1 A PRO -23 ? A PRO 10  
11 1 Y 1 A ILE -22 ? A ILE 11  
12 1 Y 1 A PRO -21 ? A PRO 12  
13 1 Y 1 A ASN -20 ? A ASN 13  
14 1 Y 1 A PRO -19 ? A PRO 14  
15 1 Y 1 A LEU -18 ? A LEU 15  
16 1 Y 1 A LEU -17 ? A LEU 16  
17 1 Y 1 A GLY -16 ? A GLY 17  
18 1 Y 1 A LEU -15 ? A LEU 18  
19 1 Y 1 A ASP -14 ? A ASP 19  
20 1 Y 1 A SER -13 ? A SER 20  
21 1 Y 1 A THR -12 ? A THR 21  
22 1 Y 1 A GLU -11 ? A GLU 22  
23 1 Y 1 A ASN -10 ? A ASN 23  
24 1 Y 1 A LEU -9  ? A LEU 24  
25 1 Y 1 A TYR -8  ? A TYR 25  
26 1 Y 1 A PHE -7  ? A PHE 26  
27 1 Y 1 A GLN -6  ? A GLN 27  
28 1 Y 1 A GLY -5  ? A GLY 28  
29 1 Y 1 A ILE -4  ? A ILE 29  
30 1 Y 1 A ASP -3  ? A ASP 30  
31 1 Y 1 A PRO -2  ? A PRO 31  
32 1 Y 1 A PHE -1  ? A PHE 32  
33 1 Y 1 A THR 0   ? A THR 33  
34 1 Y 1 A MET 1   ? A MET 34  
35 1 Y 1 A PRO 2   ? A PRO 35  
36 1 Y 1 A ARG 3   ? A ARG 36  
37 1 Y 1 A LEU 4   ? A LEU 37  
38 1 Y 1 A GLU 5   ? A GLU 38  
39 1 Y 1 A ALA 46  ? A ALA 79  
40 1 Y 1 A ASP 47  ? A ASP 80  
41 1 Y 1 A ALA 48  ? A ALA 81  
42 1 Y 1 A VAL 49  ? A VAL 82  
43 1 Y 1 A GLU 50  ? A GLU 83  
44 1 Y 1 A VAL 51  ? A VAL 84  
45 1 Y 1 A ASN 52  ? A ASN 85  
46 1 Y 1 A ASP 53  ? A ASP 86  
47 1 Y 1 A ILE 54  ? A ILE 87  
48 1 Y 1 A GLU 55  ? A GLU 88  
49 1 Y 1 A ARG 123 ? A ARG 156 
# 
loop_
_chem_comp_atom.comp_id 
_chem_comp_atom.atom_id 
_chem_comp_atom.type_symbol 
_chem_comp_atom.pdbx_aromatic_flag 
_chem_comp_atom.pdbx_stereo_config 
_chem_comp_atom.pdbx_ordinal 
ALA N    N N N 1   
ALA CA   C N S 2   
ALA C    C N N 3   
ALA O    O N N 4   
ALA CB   C N N 5   
ALA OXT  O N N 6   
ALA H    H N N 7   
ALA H2   H N N 8   
ALA HA   H N N 9   
ALA HB1  H N N 10  
ALA HB2  H N N 11  
ALA HB3  H N N 12  
ALA HXT  H N N 13  
ARG N    N N N 14  
ARG CA   C N S 15  
ARG C    C N N 16  
ARG O    O N N 17  
ARG CB   C N N 18  
ARG CG   C N N 19  
ARG CD   C N N 20  
ARG NE   N N N 21  
ARG CZ   C N N 22  
ARG NH1  N N N 23  
ARG NH2  N N N 24  
ARG OXT  O N N 25  
ARG H    H N N 26  
ARG H2   H N N 27  
ARG HA   H N N 28  
ARG HB2  H N N 29  
ARG HB3  H N N 30  
ARG HG2  H N N 31  
ARG HG3  H N N 32  
ARG HD2  H N N 33  
ARG HD3  H N N 34  
ARG HE   H N N 35  
ARG HH11 H N N 36  
ARG HH12 H N N 37  
ARG HH21 H N N 38  
ARG HH22 H N N 39  
ARG HXT  H N N 40  
ASN N    N N N 41  
ASN CA   C N S 42  
ASN C    C N N 43  
ASN O    O N N 44  
ASN CB   C N N 45  
ASN CG   C N N 46  
ASN OD1  O N N 47  
ASN ND2  N N N 48  
ASN OXT  O N N 49  
ASN H    H N N 50  
ASN H2   H N N 51  
ASN HA   H N N 52  
ASN HB2  H N N 53  
ASN HB3  H N N 54  
ASN HD21 H N N 55  
ASN HD22 H N N 56  
ASN HXT  H N N 57  
ASP N    N N N 58  
ASP CA   C N S 59  
ASP C    C N N 60  
ASP O    O N N 61  
ASP CB   C N N 62  
ASP CG   C N N 63  
ASP OD1  O N N 64  
ASP OD2  O N N 65  
ASP OXT  O N N 66  
ASP H    H N N 67  
ASP H2   H N N 68  
ASP HA   H N N 69  
ASP HB2  H N N 70  
ASP HB3  H N N 71  
ASP HD2  H N N 72  
ASP HXT  H N N 73  
GLN N    N N N 74  
GLN CA   C N S 75  
GLN C    C N N 76  
GLN O    O N N 77  
GLN CB   C N N 78  
GLN CG   C N N 79  
GLN CD   C N N 80  
GLN OE1  O N N 81  
GLN NE2  N N N 82  
GLN OXT  O N N 83  
GLN H    H N N 84  
GLN H2   H N N 85  
GLN HA   H N N 86  
GLN HB2  H N N 87  
GLN HB3  H N N 88  
GLN HG2  H N N 89  
GLN HG3  H N N 90  
GLN HE21 H N N 91  
GLN HE22 H N N 92  
GLN HXT  H N N 93  
GLU N    N N N 94  
GLU CA   C N S 95  
GLU C    C N N 96  
GLU O    O N N 97  
GLU CB   C N N 98  
GLU CG   C N N 99  
GLU CD   C N N 100 
GLU OE1  O N N 101 
GLU OE2  O N N 102 
GLU OXT  O N N 103 
GLU H    H N N 104 
GLU H2   H N N 105 
GLU HA   H N N 106 
GLU HB2  H N N 107 
GLU HB3  H N N 108 
GLU HG2  H N N 109 
GLU HG3  H N N 110 
GLU HE2  H N N 111 
GLU HXT  H N N 112 
GLY N    N N N 113 
GLY CA   C N N 114 
GLY C    C N N 115 
GLY O    O N N 116 
GLY OXT  O N N 117 
GLY H    H N N 118 
GLY H2   H N N 119 
GLY HA2  H N N 120 
GLY HA3  H N N 121 
GLY HXT  H N N 122 
HIS N    N N N 123 
HIS CA   C N S 124 
HIS C    C N N 125 
HIS O    O N N 126 
HIS CB   C N N 127 
HIS CG   C Y N 128 
HIS ND1  N Y N 129 
HIS CD2  C Y N 130 
HIS CE1  C Y N 131 
HIS NE2  N Y N 132 
HIS OXT  O N N 133 
HIS H    H N N 134 
HIS H2   H N N 135 
HIS HA   H N N 136 
HIS HB2  H N N 137 
HIS HB3  H N N 138 
HIS HD1  H N N 139 
HIS HD2  H N N 140 
HIS HE1  H N N 141 
HIS HE2  H N N 142 
HIS HXT  H N N 143 
HOH O    O N N 144 
HOH H1   H N N 145 
HOH H2   H N N 146 
ILE N    N N N 147 
ILE CA   C N S 148 
ILE C    C N N 149 
ILE O    O N N 150 
ILE CB   C N S 151 
ILE CG1  C N N 152 
ILE CG2  C N N 153 
ILE CD1  C N N 154 
ILE OXT  O N N 155 
ILE H    H N N 156 
ILE H2   H N N 157 
ILE HA   H N N 158 
ILE HB   H N N 159 
ILE HG12 H N N 160 
ILE HG13 H N N 161 
ILE HG21 H N N 162 
ILE HG22 H N N 163 
ILE HG23 H N N 164 
ILE HD11 H N N 165 
ILE HD12 H N N 166 
ILE HD13 H N N 167 
ILE HXT  H N N 168 
LEU N    N N N 169 
LEU CA   C N S 170 
LEU C    C N N 171 
LEU O    O N N 172 
LEU CB   C N N 173 
LEU CG   C N N 174 
LEU CD1  C N N 175 
LEU CD2  C N N 176 
LEU OXT  O N N 177 
LEU H    H N N 178 
LEU H2   H N N 179 
LEU HA   H N N 180 
LEU HB2  H N N 181 
LEU HB3  H N N 182 
LEU HG   H N N 183 
LEU HD11 H N N 184 
LEU HD12 H N N 185 
LEU HD13 H N N 186 
LEU HD21 H N N 187 
LEU HD22 H N N 188 
LEU HD23 H N N 189 
LEU HXT  H N N 190 
LYS N    N N N 191 
LYS CA   C N S 192 
LYS C    C N N 193 
LYS O    O N N 194 
LYS CB   C N N 195 
LYS CG   C N N 196 
LYS CD   C N N 197 
LYS CE   C N N 198 
LYS NZ   N N N 199 
LYS OXT  O N N 200 
LYS H    H N N 201 
LYS H2   H N N 202 
LYS HA   H N N 203 
LYS HB2  H N N 204 
LYS HB3  H N N 205 
LYS HG2  H N N 206 
LYS HG3  H N N 207 
LYS HD2  H N N 208 
LYS HD3  H N N 209 
LYS HE2  H N N 210 
LYS HE3  H N N 211 
LYS HZ1  H N N 212 
LYS HZ2  H N N 213 
LYS HZ3  H N N 214 
LYS HXT  H N N 215 
MET N    N N N 216 
MET CA   C N S 217 
MET C    C N N 218 
MET O    O N N 219 
MET CB   C N N 220 
MET CG   C N N 221 
MET SD   S N N 222 
MET CE   C N N 223 
MET OXT  O N N 224 
MET H    H N N 225 
MET H2   H N N 226 
MET HA   H N N 227 
MET HB2  H N N 228 
MET HB3  H N N 229 
MET HG2  H N N 230 
MET HG3  H N N 231 
MET HE1  H N N 232 
MET HE2  H N N 233 
MET HE3  H N N 234 
MET HXT  H N N 235 
PHE N    N N N 236 
PHE CA   C N S 237 
PHE C    C N N 238 
PHE O    O N N 239 
PHE CB   C N N 240 
PHE CG   C Y N 241 
PHE CD1  C Y N 242 
PHE CD2  C Y N 243 
PHE CE1  C Y N 244 
PHE CE2  C Y N 245 
PHE CZ   C Y N 246 
PHE OXT  O N N 247 
PHE H    H N N 248 
PHE H2   H N N 249 
PHE HA   H N N 250 
PHE HB2  H N N 251 
PHE HB3  H N N 252 
PHE HD1  H N N 253 
PHE HD2  H N N 254 
PHE HE1  H N N 255 
PHE HE2  H N N 256 
PHE HZ   H N N 257 
PHE HXT  H N N 258 
PRO N    N N N 259 
PRO CA   C N S 260 
PRO C    C N N 261 
PRO O    O N N 262 
PRO CB   C N N 263 
PRO CG   C N N 264 
PRO CD   C N N 265 
PRO OXT  O N N 266 
PRO H    H N N 267 
PRO HA   H N N 268 
PRO HB2  H N N 269 
PRO HB3  H N N 270 
PRO HG2  H N N 271 
PRO HG3  H N N 272 
PRO HD2  H N N 273 
PRO HD3  H N N 274 
PRO HXT  H N N 275 
SER N    N N N 276 
SER CA   C N S 277 
SER C    C N N 278 
SER O    O N N 279 
SER CB   C N N 280 
SER OG   O N N 281 
SER OXT  O N N 282 
SER H    H N N 283 
SER H2   H N N 284 
SER HA   H N N 285 
SER HB2  H N N 286 
SER HB3  H N N 287 
SER HG   H N N 288 
SER HXT  H N N 289 
THR N    N N N 290 
THR CA   C N S 291 
THR C    C N N 292 
THR O    O N N 293 
THR CB   C N R 294 
THR OG1  O N N 295 
THR CG2  C N N 296 
THR OXT  O N N 297 
THR H    H N N 298 
THR H2   H N N 299 
THR HA   H N N 300 
THR HB   H N N 301 
THR HG1  H N N 302 
THR HG21 H N N 303 
THR HG22 H N N 304 
THR HG23 H N N 305 
THR HXT  H N N 306 
TYR N    N N N 307 
TYR CA   C N S 308 
TYR C    C N N 309 
TYR O    O N N 310 
TYR CB   C N N 311 
TYR CG   C Y N 312 
TYR CD1  C Y N 313 
TYR CD2  C Y N 314 
TYR CE1  C Y N 315 
TYR CE2  C Y N 316 
TYR CZ   C Y N 317 
TYR OH   O N N 318 
TYR OXT  O N N 319 
TYR H    H N N 320 
TYR H2   H N N 321 
TYR HA   H N N 322 
TYR HB2  H N N 323 
TYR HB3  H N N 324 
TYR HD1  H N N 325 
TYR HD2  H N N 326 
TYR HE1  H N N 327 
TYR HE2  H N N 328 
TYR HH   H N N 329 
TYR HXT  H N N 330 
VAL N    N N N 331 
VAL CA   C N S 332 
VAL C    C N N 333 
VAL O    O N N 334 
VAL CB   C N N 335 
VAL CG1  C N N 336 
VAL CG2  C N N 337 
VAL OXT  O N N 338 
VAL H    H N N 339 
VAL H2   H N N 340 
VAL HA   H N N 341 
VAL HB   H N N 342 
VAL HG11 H N N 343 
VAL HG12 H N N 344 
VAL HG13 H N N 345 
VAL HG21 H N N 346 
VAL HG22 H N N 347 
VAL HG23 H N N 348 
VAL HXT  H N N 349 
# 
loop_
_chem_comp_bond.comp_id 
_chem_comp_bond.atom_id_1 
_chem_comp_bond.atom_id_2 
_chem_comp_bond.value_order 
_chem_comp_bond.pdbx_aromatic_flag 
_chem_comp_bond.pdbx_stereo_config 
_chem_comp_bond.pdbx_ordinal 
ALA N   CA   sing N N 1   
ALA N   H    sing N N 2   
ALA N   H2   sing N N 3   
ALA CA  C    sing N N 4   
ALA CA  CB   sing N N 5   
ALA CA  HA   sing N N 6   
ALA C   O    doub N N 7   
ALA C   OXT  sing N N 8   
ALA CB  HB1  sing N N 9   
ALA CB  HB2  sing N N 10  
ALA CB  HB3  sing N N 11  
ALA OXT HXT  sing N N 12  
ARG N   CA   sing N N 13  
ARG N   H    sing N N 14  
ARG N   H2   sing N N 15  
ARG CA  C    sing N N 16  
ARG CA  CB   sing N N 17  
ARG CA  HA   sing N N 18  
ARG C   O    doub N N 19  
ARG C   OXT  sing N N 20  
ARG CB  CG   sing N N 21  
ARG CB  HB2  sing N N 22  
ARG CB  HB3  sing N N 23  
ARG CG  CD   sing N N 24  
ARG CG  HG2  sing N N 25  
ARG CG  HG3  sing N N 26  
ARG CD  NE   sing N N 27  
ARG CD  HD2  sing N N 28  
ARG CD  HD3  sing N N 29  
ARG NE  CZ   sing N N 30  
ARG NE  HE   sing N N 31  
ARG CZ  NH1  sing N N 32  
ARG CZ  NH2  doub N N 33  
ARG NH1 HH11 sing N N 34  
ARG NH1 HH12 sing N N 35  
ARG NH2 HH21 sing N N 36  
ARG NH2 HH22 sing N N 37  
ARG OXT HXT  sing N N 38  
ASN N   CA   sing N N 39  
ASN N   H    sing N N 40  
ASN N   H2   sing N N 41  
ASN CA  C    sing N N 42  
ASN CA  CB   sing N N 43  
ASN CA  HA   sing N N 44  
ASN C   O    doub N N 45  
ASN C   OXT  sing N N 46  
ASN CB  CG   sing N N 47  
ASN CB  HB2  sing N N 48  
ASN CB  HB3  sing N N 49  
ASN CG  OD1  doub N N 50  
ASN CG  ND2  sing N N 51  
ASN ND2 HD21 sing N N 52  
ASN ND2 HD22 sing N N 53  
ASN OXT HXT  sing N N 54  
ASP N   CA   sing N N 55  
ASP N   H    sing N N 56  
ASP N   H2   sing N N 57  
ASP CA  C    sing N N 58  
ASP CA  CB   sing N N 59  
ASP CA  HA   sing N N 60  
ASP C   O    doub N N 61  
ASP C   OXT  sing N N 62  
ASP CB  CG   sing N N 63  
ASP CB  HB2  sing N N 64  
ASP CB  HB3  sing N N 65  
ASP CG  OD1  doub N N 66  
ASP CG  OD2  sing N N 67  
ASP OD2 HD2  sing N N 68  
ASP OXT HXT  sing N N 69  
GLN N   CA   sing N N 70  
GLN N   H    sing N N 71  
GLN N   H2   sing N N 72  
GLN CA  C    sing N N 73  
GLN CA  CB   sing N N 74  
GLN CA  HA   sing N N 75  
GLN C   O    doub N N 76  
GLN C   OXT  sing N N 77  
GLN CB  CG   sing N N 78  
GLN CB  HB2  sing N N 79  
GLN CB  HB3  sing N N 80  
GLN CG  CD   sing N N 81  
GLN CG  HG2  sing N N 82  
GLN CG  HG3  sing N N 83  
GLN CD  OE1  doub N N 84  
GLN CD  NE2  sing N N 85  
GLN NE2 HE21 sing N N 86  
GLN NE2 HE22 sing N N 87  
GLN OXT HXT  sing N N 88  
GLU N   CA   sing N N 89  
GLU N   H    sing N N 90  
GLU N   H2   sing N N 91  
GLU CA  C    sing N N 92  
GLU CA  CB   sing N N 93  
GLU CA  HA   sing N N 94  
GLU C   O    doub N N 95  
GLU C   OXT  sing N N 96  
GLU CB  CG   sing N N 97  
GLU CB  HB2  sing N N 98  
GLU CB  HB3  sing N N 99  
GLU CG  CD   sing N N 100 
GLU CG  HG2  sing N N 101 
GLU CG  HG3  sing N N 102 
GLU CD  OE1  doub N N 103 
GLU CD  OE2  sing N N 104 
GLU OE2 HE2  sing N N 105 
GLU OXT HXT  sing N N 106 
GLY N   CA   sing N N 107 
GLY N   H    sing N N 108 
GLY N   H2   sing N N 109 
GLY CA  C    sing N N 110 
GLY CA  HA2  sing N N 111 
GLY CA  HA3  sing N N 112 
GLY C   O    doub N N 113 
GLY C   OXT  sing N N 114 
GLY OXT HXT  sing N N 115 
HIS N   CA   sing N N 116 
HIS N   H    sing N N 117 
HIS N   H2   sing N N 118 
HIS CA  C    sing N N 119 
HIS CA  CB   sing N N 120 
HIS CA  HA   sing N N 121 
HIS C   O    doub N N 122 
HIS C   OXT  sing N N 123 
HIS CB  CG   sing N N 124 
HIS CB  HB2  sing N N 125 
HIS CB  HB3  sing N N 126 
HIS CG  ND1  sing Y N 127 
HIS CG  CD2  doub Y N 128 
HIS ND1 CE1  doub Y N 129 
HIS ND1 HD1  sing N N 130 
HIS CD2 NE2  sing Y N 131 
HIS CD2 HD2  sing N N 132 
HIS CE1 NE2  sing Y N 133 
HIS CE1 HE1  sing N N 134 
HIS NE2 HE2  sing N N 135 
HIS OXT HXT  sing N N 136 
HOH O   H1   sing N N 137 
HOH O   H2   sing N N 138 
ILE N   CA   sing N N 139 
ILE N   H    sing N N 140 
ILE N   H2   sing N N 141 
ILE CA  C    sing N N 142 
ILE CA  CB   sing N N 143 
ILE CA  HA   sing N N 144 
ILE C   O    doub N N 145 
ILE C   OXT  sing N N 146 
ILE CB  CG1  sing N N 147 
ILE CB  CG2  sing N N 148 
ILE CB  HB   sing N N 149 
ILE CG1 CD1  sing N N 150 
ILE CG1 HG12 sing N N 151 
ILE CG1 HG13 sing N N 152 
ILE CG2 HG21 sing N N 153 
ILE CG2 HG22 sing N N 154 
ILE CG2 HG23 sing N N 155 
ILE CD1 HD11 sing N N 156 
ILE CD1 HD12 sing N N 157 
ILE CD1 HD13 sing N N 158 
ILE OXT HXT  sing N N 159 
LEU N   CA   sing N N 160 
LEU N   H    sing N N 161 
LEU N   H2   sing N N 162 
LEU CA  C    sing N N 163 
LEU CA  CB   sing N N 164 
LEU CA  HA   sing N N 165 
LEU C   O    doub N N 166 
LEU C   OXT  sing N N 167 
LEU CB  CG   sing N N 168 
LEU CB  HB2  sing N N 169 
LEU CB  HB3  sing N N 170 
LEU CG  CD1  sing N N 171 
LEU CG  CD2  sing N N 172 
LEU CG  HG   sing N N 173 
LEU CD1 HD11 sing N N 174 
LEU CD1 HD12 sing N N 175 
LEU CD1 HD13 sing N N 176 
LEU CD2 HD21 sing N N 177 
LEU CD2 HD22 sing N N 178 
LEU CD2 HD23 sing N N 179 
LEU OXT HXT  sing N N 180 
LYS N   CA   sing N N 181 
LYS N   H    sing N N 182 
LYS N   H2   sing N N 183 
LYS CA  C    sing N N 184 
LYS CA  CB   sing N N 185 
LYS CA  HA   sing N N 186 
LYS C   O    doub N N 187 
LYS C   OXT  sing N N 188 
LYS CB  CG   sing N N 189 
LYS CB  HB2  sing N N 190 
LYS CB  HB3  sing N N 191 
LYS CG  CD   sing N N 192 
LYS CG  HG2  sing N N 193 
LYS CG  HG3  sing N N 194 
LYS CD  CE   sing N N 195 
LYS CD  HD2  sing N N 196 
LYS CD  HD3  sing N N 197 
LYS CE  NZ   sing N N 198 
LYS CE  HE2  sing N N 199 
LYS CE  HE3  sing N N 200 
LYS NZ  HZ1  sing N N 201 
LYS NZ  HZ2  sing N N 202 
LYS NZ  HZ3  sing N N 203 
LYS OXT HXT  sing N N 204 
MET N   CA   sing N N 205 
MET N   H    sing N N 206 
MET N   H2   sing N N 207 
MET CA  C    sing N N 208 
MET CA  CB   sing N N 209 
MET CA  HA   sing N N 210 
MET C   O    doub N N 211 
MET C   OXT  sing N N 212 
MET CB  CG   sing N N 213 
MET CB  HB2  sing N N 214 
MET CB  HB3  sing N N 215 
MET CG  SD   sing N N 216 
MET CG  HG2  sing N N 217 
MET CG  HG3  sing N N 218 
MET SD  CE   sing N N 219 
MET CE  HE1  sing N N 220 
MET CE  HE2  sing N N 221 
MET CE  HE3  sing N N 222 
MET OXT HXT  sing N N 223 
PHE N   CA   sing N N 224 
PHE N   H    sing N N 225 
PHE N   H2   sing N N 226 
PHE CA  C    sing N N 227 
PHE CA  CB   sing N N 228 
PHE CA  HA   sing N N 229 
PHE C   O    doub N N 230 
PHE C   OXT  sing N N 231 
PHE CB  CG   sing N N 232 
PHE CB  HB2  sing N N 233 
PHE CB  HB3  sing N N 234 
PHE CG  CD1  doub Y N 235 
PHE CG  CD2  sing Y N 236 
PHE CD1 CE1  sing Y N 237 
PHE CD1 HD1  sing N N 238 
PHE CD2 CE2  doub Y N 239 
PHE CD2 HD2  sing N N 240 
PHE CE1 CZ   doub Y N 241 
PHE CE1 HE1  sing N N 242 
PHE CE2 CZ   sing Y N 243 
PHE CE2 HE2  sing N N 244 
PHE CZ  HZ   sing N N 245 
PHE OXT HXT  sing N N 246 
PRO N   CA   sing N N 247 
PRO N   CD   sing N N 248 
PRO N   H    sing N N 249 
PRO CA  C    sing N N 250 
PRO CA  CB   sing N N 251 
PRO CA  HA   sing N N 252 
PRO C   O    doub N N 253 
PRO C   OXT  sing N N 254 
PRO CB  CG   sing N N 255 
PRO CB  HB2  sing N N 256 
PRO CB  HB3  sing N N 257 
PRO CG  CD   sing N N 258 
PRO CG  HG2  sing N N 259 
PRO CG  HG3  sing N N 260 
PRO CD  HD2  sing N N 261 
PRO CD  HD3  sing N N 262 
PRO OXT HXT  sing N N 263 
SER N   CA   sing N N 264 
SER N   H    sing N N 265 
SER N   H2   sing N N 266 
SER CA  C    sing N N 267 
SER CA  CB   sing N N 268 
SER CA  HA   sing N N 269 
SER C   O    doub N N 270 
SER C   OXT  sing N N 271 
SER CB  OG   sing N N 272 
SER CB  HB2  sing N N 273 
SER CB  HB3  sing N N 274 
SER OG  HG   sing N N 275 
SER OXT HXT  sing N N 276 
THR N   CA   sing N N 277 
THR N   H    sing N N 278 
THR N   H2   sing N N 279 
THR CA  C    sing N N 280 
THR CA  CB   sing N N 281 
THR CA  HA   sing N N 282 
THR C   O    doub N N 283 
THR C   OXT  sing N N 284 
THR CB  OG1  sing N N 285 
THR CB  CG2  sing N N 286 
THR CB  HB   sing N N 287 
THR OG1 HG1  sing N N 288 
THR CG2 HG21 sing N N 289 
THR CG2 HG22 sing N N 290 
THR CG2 HG23 sing N N 291 
THR OXT HXT  sing N N 292 
TYR N   CA   sing N N 293 
TYR N   H    sing N N 294 
TYR N   H2   sing N N 295 
TYR CA  C    sing N N 296 
TYR CA  CB   sing N N 297 
TYR CA  HA   sing N N 298 
TYR C   O    doub N N 299 
TYR C   OXT  sing N N 300 
TYR CB  CG   sing N N 301 
TYR CB  HB2  sing N N 302 
TYR CB  HB3  sing N N 303 
TYR CG  CD1  doub Y N 304 
TYR CG  CD2  sing Y N 305 
TYR CD1 CE1  sing Y N 306 
TYR CD1 HD1  sing N N 307 
TYR CD2 CE2  doub Y N 308 
TYR CD2 HD2  sing N N 309 
TYR CE1 CZ   doub Y N 310 
TYR CE1 HE1  sing N N 311 
TYR CE2 CZ   sing Y N 312 
TYR CE2 HE2  sing N N 313 
TYR CZ  OH   sing N N 314 
TYR OH  HH   sing N N 315 
TYR OXT HXT  sing N N 316 
VAL N   CA   sing N N 317 
VAL N   H    sing N N 318 
VAL N   H2   sing N N 319 
VAL CA  C    sing N N 320 
VAL CA  CB   sing N N 321 
VAL CA  HA   sing N N 322 
VAL C   O    doub N N 323 
VAL C   OXT  sing N N 324 
VAL CB  CG1  sing N N 325 
VAL CB  CG2  sing N N 326 
VAL CB  HB   sing N N 327 
VAL CG1 HG11 sing N N 328 
VAL CG1 HG12 sing N N 329 
VAL CG1 HG13 sing N N 330 
VAL CG2 HG21 sing N N 331 
VAL CG2 HG22 sing N N 332 
VAL CG2 HG23 sing N N 333 
VAL OXT HXT  sing N N 334 
# 
_pdbx_entity_nonpoly.entity_id   2 
_pdbx_entity_nonpoly.name        water 
_pdbx_entity_nonpoly.comp_id     HOH 
# 
_pdbx_initial_refinement_model.id               1 
_pdbx_initial_refinement_model.entity_id_list   ? 
_pdbx_initial_refinement_model.type             'experimental model' 
_pdbx_initial_refinement_model.source_name      PDB 
_pdbx_initial_refinement_model.accession_code   1B9L 
_pdbx_initial_refinement_model.details          'PDB ENTRY 1B9L' 
# 
